data_4W54
# 
_entry.id   4W54 
# 
_audit_conform.dict_name       mmcif_pdbx.dic 
_audit_conform.dict_version    5.379 
_audit_conform.dict_location   http://mmcif.pdb.org/dictionaries/ascii/mmcif_pdbx.dic 
# 
loop_
_database_2.database_id 
_database_2.database_code 
_database_2.pdbx_database_accession 
_database_2.pdbx_DOI 
PDB   4W54         pdb_00004w54 10.2210/pdb4w54/pdb 
WWPDB D_1000203181 ?            ?                   
# 
_pdbx_database_status.status_code                     REL 
_pdbx_database_status.status_code_sf                  REL 
_pdbx_database_status.status_code_mr                  ? 
_pdbx_database_status.entry_id                        4W54 
_pdbx_database_status.recvd_initial_deposition_date   2014-08-16 
_pdbx_database_status.SG_entry                        N 
_pdbx_database_status.deposit_site                    RCSB 
_pdbx_database_status.process_site                    RCSB 
_pdbx_database_status.status_code_cs                  ? 
_pdbx_database_status.methods_development_category    ? 
_pdbx_database_status.pdb_format_compatible           Y 
_pdbx_database_status.status_code_nmr_data            ? 
# 
loop_
_audit_author.name 
_audit_author.pdbx_ordinal 
'Merski, M.'     1 
'Shoichet, B.K.' 2 
'Eidam, O.'      3 
'Fischer, M.'    4 
# 
_citation.abstract                  ? 
_citation.abstract_id_CAS           ? 
_citation.book_id_ISBN              ? 
_citation.book_publisher            ? 
_citation.book_publisher_city       ? 
_citation.book_title                ? 
_citation.coordinate_linkage        ? 
_citation.country                   US 
_citation.database_id_Medline       ? 
_citation.details                   ? 
_citation.id                        primary 
_citation.journal_abbrev            Proc.Natl.Acad.Sci.USA 
_citation.journal_id_ASTM           PNASA6 
_citation.journal_id_CSD            0040 
_citation.journal_id_ISSN           1091-6490 
_citation.journal_full              ? 
_citation.journal_issue             ? 
_citation.journal_volume            112 
_citation.language                  ? 
_citation.page_first                5039 
_citation.page_last                 5044 
_citation.title                     'Homologous ligands accommodated by discrete conformations of a buried cavity.' 
_citation.year                      2015 
_citation.database_id_CSD           ? 
_citation.pdbx_database_id_DOI      10.1073/pnas.1500806112 
_citation.pdbx_database_id_PubMed   25847998 
_citation.unpublished_flag          ? 
# 
loop_
_citation_author.citation_id 
_citation_author.name 
_citation_author.ordinal 
_citation_author.identifier_ORCID 
primary 'Merski, M.'     1 ? 
primary 'Fischer, M.'    2 ? 
primary 'Balius, T.E.'   3 ? 
primary 'Eidam, O.'      4 ? 
primary 'Shoichet, B.K.' 5 ? 
# 
_cell.length_a           60.300 
_cell.length_b           60.300 
_cell.length_c           96.910 
_cell.angle_alpha        90.000 
_cell.angle_beta         90.000 
_cell.angle_gamma        120.000 
_cell.entry_id           4W54 
_cell.Z_PDB              6 
_cell.pdbx_unique_axis   ? 
# 
_symmetry.entry_id                         4W54 
_symmetry.cell_setting                     ? 
_symmetry.Int_Tables_number                154 
_symmetry.space_group_name_Hall            ? 
_symmetry.space_group_name_H-M             'P 32 2 1' 
_symmetry.pdbx_full_space_group_name_H-M   ? 
# 
loop_
_entity.id 
_entity.type 
_entity.src_method 
_entity.pdbx_description 
_entity.formula_weight 
_entity.pdbx_number_of_molecules 
_entity.pdbx_ec 
_entity.pdbx_mutation 
_entity.pdbx_fragment 
_entity.details 
1 polymer     man Endolysin                                             19691.541 1   3.2.1.17 L99A ? ? 
2 non-polymer syn PHENYLETHANE                                          106.165   1   ?        ?    ? ? 
3 non-polymer syn '4-(2-HYDROXYETHYL)-1-PIPERAZINE ETHANESULFONIC ACID' 238.305   1   ?        ?    ? ? 
4 water       nat water                                                 18.015    133 ?        ?    ? ? 
# 
_entity_name_com.entity_id   1 
_entity_name_com.name        'Lysis protein,Lysozyme,Muramidase' 
# 
_entity_poly.entity_id                      1 
_entity_poly.type                           'polypeptide(L)' 
_entity_poly.nstd_linkage                   no 
_entity_poly.nstd_monomer                   no 
_entity_poly.pdbx_seq_one_letter_code       
;MNIFEMLRIDEGLRLKIYKDTEGYYTIGIGHLLTKSPSLNAAKSELDKAIGRNCNGVITKDEAEKLFNQDVDAAVRGILR
NAKLKPVYDSLDAVRRCAAINMVFQMGETGVAGFTNSLRMLQQKRWDEAAVNLAKSRWYNQTPNRAKRVITTFRTGTWDA
YKNLLEHHHHHH
;
_entity_poly.pdbx_seq_one_letter_code_can   
;MNIFEMLRIDEGLRLKIYKDTEGYYTIGIGHLLTKSPSLNAAKSELDKAIGRNCNGVITKDEAEKLFNQDVDAAVRGILR
NAKLKPVYDSLDAVRRCAAINMVFQMGETGVAGFTNSLRMLQQKRWDEAAVNLAKSRWYNQTPNRAKRVITTFRTGTWDA
YKNLLEHHHHHH
;
_entity_poly.pdbx_strand_id                 A 
_entity_poly.pdbx_target_identifier         ? 
# 
loop_
_entity_poly_seq.entity_id 
_entity_poly_seq.num 
_entity_poly_seq.mon_id 
_entity_poly_seq.hetero 
1 1   MET n 
1 2   ASN n 
1 3   ILE n 
1 4   PHE n 
1 5   GLU n 
1 6   MET n 
1 7   LEU n 
1 8   ARG n 
1 9   ILE n 
1 10  ASP n 
1 11  GLU n 
1 12  GLY n 
1 13  LEU n 
1 14  ARG n 
1 15  LEU n 
1 16  LYS n 
1 17  ILE n 
1 18  TYR n 
1 19  LYS n 
1 20  ASP n 
1 21  THR n 
1 22  GLU n 
1 23  GLY n 
1 24  TYR n 
1 25  TYR n 
1 26  THR n 
1 27  ILE n 
1 28  GLY n 
1 29  ILE n 
1 30  GLY n 
1 31  HIS n 
1 32  LEU n 
1 33  LEU n 
1 34  THR n 
1 35  LYS n 
1 36  SER n 
1 37  PRO n 
1 38  SER n 
1 39  LEU n 
1 40  ASN n 
1 41  ALA n 
1 42  ALA n 
1 43  LYS n 
1 44  SER n 
1 45  GLU n 
1 46  LEU n 
1 47  ASP n 
1 48  LYS n 
1 49  ALA n 
1 50  ILE n 
1 51  GLY n 
1 52  ARG n 
1 53  ASN n 
1 54  CYS n 
1 55  ASN n 
1 56  GLY n 
1 57  VAL n 
1 58  ILE n 
1 59  THR n 
1 60  LYS n 
1 61  ASP n 
1 62  GLU n 
1 63  ALA n 
1 64  GLU n 
1 65  LYS n 
1 66  LEU n 
1 67  PHE n 
1 68  ASN n 
1 69  GLN n 
1 70  ASP n 
1 71  VAL n 
1 72  ASP n 
1 73  ALA n 
1 74  ALA n 
1 75  VAL n 
1 76  ARG n 
1 77  GLY n 
1 78  ILE n 
1 79  LEU n 
1 80  ARG n 
1 81  ASN n 
1 82  ALA n 
1 83  LYS n 
1 84  LEU n 
1 85  LYS n 
1 86  PRO n 
1 87  VAL n 
1 88  TYR n 
1 89  ASP n 
1 90  SER n 
1 91  LEU n 
1 92  ASP n 
1 93  ALA n 
1 94  VAL n 
1 95  ARG n 
1 96  ARG n 
1 97  CYS n 
1 98  ALA n 
1 99  ALA n 
1 100 ILE n 
1 101 ASN n 
1 102 MET n 
1 103 VAL n 
1 104 PHE n 
1 105 GLN n 
1 106 MET n 
1 107 GLY n 
1 108 GLU n 
1 109 THR n 
1 110 GLY n 
1 111 VAL n 
1 112 ALA n 
1 113 GLY n 
1 114 PHE n 
1 115 THR n 
1 116 ASN n 
1 117 SER n 
1 118 LEU n 
1 119 ARG n 
1 120 MET n 
1 121 LEU n 
1 122 GLN n 
1 123 GLN n 
1 124 LYS n 
1 125 ARG n 
1 126 TRP n 
1 127 ASP n 
1 128 GLU n 
1 129 ALA n 
1 130 ALA n 
1 131 VAL n 
1 132 ASN n 
1 133 LEU n 
1 134 ALA n 
1 135 LYS n 
1 136 SER n 
1 137 ARG n 
1 138 TRP n 
1 139 TYR n 
1 140 ASN n 
1 141 GLN n 
1 142 THR n 
1 143 PRO n 
1 144 ASN n 
1 145 ARG n 
1 146 ALA n 
1 147 LYS n 
1 148 ARG n 
1 149 VAL n 
1 150 ILE n 
1 151 THR n 
1 152 THR n 
1 153 PHE n 
1 154 ARG n 
1 155 THR n 
1 156 GLY n 
1 157 THR n 
1 158 TRP n 
1 159 ASP n 
1 160 ALA n 
1 161 TYR n 
1 162 LYS n 
1 163 ASN n 
1 164 LEU n 
1 165 LEU n 
1 166 GLU n 
1 167 HIS n 
1 168 HIS n 
1 169 HIS n 
1 170 HIS n 
1 171 HIS n 
1 172 HIS n 
# 
_entity_src_gen.entity_id                          1 
_entity_src_gen.pdbx_src_id                        1 
_entity_src_gen.pdbx_alt_source_flag               sample 
_entity_src_gen.pdbx_seq_type                      'Biological sequence' 
_entity_src_gen.pdbx_beg_seq_num                   1 
_entity_src_gen.pdbx_end_seq_num                   172 
_entity_src_gen.gene_src_common_name               ? 
_entity_src_gen.gene_src_genus                     ? 
_entity_src_gen.pdbx_gene_src_gene                 ? 
_entity_src_gen.gene_src_species                   ? 
_entity_src_gen.gene_src_strain                    ? 
_entity_src_gen.gene_src_tissue                    ? 
_entity_src_gen.gene_src_tissue_fraction           ? 
_entity_src_gen.gene_src_details                   ? 
_entity_src_gen.pdbx_gene_src_fragment             ? 
_entity_src_gen.pdbx_gene_src_scientific_name      'Enterobacteria phage T4' 
_entity_src_gen.pdbx_gene_src_ncbi_taxonomy_id     10665 
_entity_src_gen.pdbx_gene_src_variant              ? 
_entity_src_gen.pdbx_gene_src_cell_line            ? 
_entity_src_gen.pdbx_gene_src_atcc                 ? 
_entity_src_gen.pdbx_gene_src_organ                ? 
_entity_src_gen.pdbx_gene_src_organelle            ? 
_entity_src_gen.pdbx_gene_src_cell                 ? 
_entity_src_gen.pdbx_gene_src_cellular_location    ? 
_entity_src_gen.host_org_common_name               ? 
_entity_src_gen.pdbx_host_org_scientific_name      'Escherichia coli' 
_entity_src_gen.pdbx_host_org_ncbi_taxonomy_id     469008 
_entity_src_gen.host_org_genus                     ? 
_entity_src_gen.pdbx_host_org_gene                 ? 
_entity_src_gen.pdbx_host_org_organ                ? 
_entity_src_gen.host_org_species                   ? 
_entity_src_gen.pdbx_host_org_tissue               ? 
_entity_src_gen.pdbx_host_org_tissue_fraction      ? 
_entity_src_gen.pdbx_host_org_strain               'BL21(DE3)' 
_entity_src_gen.pdbx_host_org_variant              ? 
_entity_src_gen.pdbx_host_org_cell_line            ? 
_entity_src_gen.pdbx_host_org_atcc                 ? 
_entity_src_gen.pdbx_host_org_culture_collection   ? 
_entity_src_gen.pdbx_host_org_cell                 ? 
_entity_src_gen.pdbx_host_org_organelle            ? 
_entity_src_gen.pdbx_host_org_cellular_location    ? 
_entity_src_gen.pdbx_host_org_vector_type          plasmid 
_entity_src_gen.pdbx_host_org_vector               ? 
_entity_src_gen.host_org_details                   ? 
_entity_src_gen.expression_system_id               ? 
_entity_src_gen.plasmid_name                       pET29 
_entity_src_gen.plasmid_details                    ? 
_entity_src_gen.pdbx_description                   ? 
# 
_struct_ref.id                         1 
_struct_ref.db_name                    UNP 
_struct_ref.db_code                    ENLYS_BPT4 
_struct_ref.pdbx_db_accession          P00720 
_struct_ref.pdbx_db_isoform            ? 
_struct_ref.entity_id                  1 
_struct_ref.pdbx_seq_one_letter_code   
;MNIFEMLRIDERLRLKIYKDTEGYYTIGIGHLLTKSPSLNAAKSELDKAIGRNCNGVITKDEAEKLFNQDVDAAVRGILR
NAKLKPVYDSLDAVRRCALINMVFQMGETGVAGFTNSLRMLQQKRWDEAAVNLAKSIWYNQTPNRAKRVITTFRTGTWDA
YKNL
;
_struct_ref.pdbx_align_begin           1 
# 
_struct_ref_seq.align_id                      1 
_struct_ref_seq.ref_id                        1 
_struct_ref_seq.pdbx_PDB_id_code              4W54 
_struct_ref_seq.pdbx_strand_id                A 
_struct_ref_seq.seq_align_beg                 1 
_struct_ref_seq.pdbx_seq_align_beg_ins_code   ? 
_struct_ref_seq.seq_align_end                 164 
_struct_ref_seq.pdbx_seq_align_end_ins_code   ? 
_struct_ref_seq.pdbx_db_accession             P00720 
_struct_ref_seq.db_align_beg                  1 
_struct_ref_seq.pdbx_db_align_beg_ins_code    ? 
_struct_ref_seq.db_align_end                  164 
_struct_ref_seq.pdbx_db_align_end_ins_code    ? 
_struct_ref_seq.pdbx_auth_seq_align_beg       1 
_struct_ref_seq.pdbx_auth_seq_align_end       164 
# 
loop_
_struct_ref_seq_dif.align_id 
_struct_ref_seq_dif.pdbx_pdb_id_code 
_struct_ref_seq_dif.mon_id 
_struct_ref_seq_dif.pdbx_pdb_strand_id 
_struct_ref_seq_dif.seq_num 
_struct_ref_seq_dif.pdbx_pdb_ins_code 
_struct_ref_seq_dif.pdbx_seq_db_name 
_struct_ref_seq_dif.pdbx_seq_db_accession_code 
_struct_ref_seq_dif.db_mon_id 
_struct_ref_seq_dif.pdbx_seq_db_seq_num 
_struct_ref_seq_dif.details 
_struct_ref_seq_dif.pdbx_auth_seq_num 
_struct_ref_seq_dif.pdbx_ordinal 
1 4W54 GLY A 12  ? UNP P00720 ARG 12  variant               12  1  
1 4W54 ALA A 99  ? UNP P00720 LEU 99  'engineered mutation' 99  2  
1 4W54 ARG A 137 ? UNP P00720 ILE 137 variant               137 3  
1 4W54 LEU A 165 ? UNP P00720 ?   ?   'expression tag'      165 4  
1 4W54 GLU A 166 ? UNP P00720 ?   ?   'expression tag'      166 5  
1 4W54 HIS A 167 ? UNP P00720 ?   ?   'expression tag'      167 6  
1 4W54 HIS A 168 ? UNP P00720 ?   ?   'expression tag'      168 7  
1 4W54 HIS A 169 ? UNP P00720 ?   ?   'expression tag'      169 8  
1 4W54 HIS A 170 ? UNP P00720 ?   ?   'expression tag'      170 9  
1 4W54 HIS A 171 ? UNP P00720 ?   ?   'expression tag'      171 10 
1 4W54 HIS A 172 ? UNP P00720 ?   ?   'expression tag'      172 11 
# 
loop_
_chem_comp.id 
_chem_comp.type 
_chem_comp.mon_nstd_flag 
_chem_comp.name 
_chem_comp.pdbx_synonyms 
_chem_comp.formula 
_chem_comp.formula_weight 
ALA 'L-peptide linking' y ALANINE                                               ?     'C3 H7 N O2'     89.093  
ARG 'L-peptide linking' y ARGININE                                              ?     'C6 H15 N4 O2 1' 175.209 
ASN 'L-peptide linking' y ASPARAGINE                                            ?     'C4 H8 N2 O3'    132.118 
ASP 'L-peptide linking' y 'ASPARTIC ACID'                                       ?     'C4 H7 N O4'     133.103 
CYS 'L-peptide linking' y CYSTEINE                                              ?     'C3 H7 N O2 S'   121.158 
EPE non-polymer         . '4-(2-HYDROXYETHYL)-1-PIPERAZINE ETHANESULFONIC ACID' HEPES 'C8 H18 N2 O4 S' 238.305 
GLN 'L-peptide linking' y GLUTAMINE                                             ?     'C5 H10 N2 O3'   146.144 
GLU 'L-peptide linking' y 'GLUTAMIC ACID'                                       ?     'C5 H9 N O4'     147.129 
GLY 'peptide linking'   y GLYCINE                                               ?     'C2 H5 N O2'     75.067  
HIS 'L-peptide linking' y HISTIDINE                                             ?     'C6 H10 N3 O2 1' 156.162 
HOH non-polymer         . WATER                                                 ?     'H2 O'           18.015  
ILE 'L-peptide linking' y ISOLEUCINE                                            ?     'C6 H13 N O2'    131.173 
LEU 'L-peptide linking' y LEUCINE                                               ?     'C6 H13 N O2'    131.173 
LYS 'L-peptide linking' y LYSINE                                                ?     'C6 H15 N2 O2 1' 147.195 
MET 'L-peptide linking' y METHIONINE                                            ?     'C5 H11 N O2 S'  149.211 
PHE 'L-peptide linking' y PHENYLALANINE                                         ?     'C9 H11 N O2'    165.189 
PRO 'L-peptide linking' y PROLINE                                               ?     'C5 H9 N O2'     115.130 
PYJ non-polymer         . PHENYLETHANE                                          ?     'C8 H10'         106.165 
SER 'L-peptide linking' y SERINE                                                ?     'C3 H7 N O3'     105.093 
THR 'L-peptide linking' y THREONINE                                             ?     'C4 H9 N O3'     119.119 
TRP 'L-peptide linking' y TRYPTOPHAN                                            ?     'C11 H12 N2 O2'  204.225 
TYR 'L-peptide linking' y TYROSINE                                              ?     'C9 H11 N O3'    181.189 
VAL 'L-peptide linking' y VALINE                                                ?     'C5 H11 N O2'    117.146 
# 
_exptl.absorpt_coefficient_mu     ? 
_exptl.absorpt_correction_T_max   ? 
_exptl.absorpt_correction_T_min   ? 
_exptl.absorpt_correction_type    ? 
_exptl.absorpt_process_details    ? 
_exptl.entry_id                   4W54 
_exptl.crystals_number            1 
_exptl.details                    ? 
_exptl.method                     'X-RAY DIFFRACTION' 
_exptl.method_details             ? 
# 
_exptl_crystal.colour                      ? 
_exptl_crystal.density_diffrn              ? 
_exptl_crystal.density_Matthews            2.58 
_exptl_crystal.density_method              ? 
_exptl_crystal.density_percent_sol         52.38 
_exptl_crystal.description                 ? 
_exptl_crystal.F_000                       ? 
_exptl_crystal.id                          1 
_exptl_crystal.preparation                 ? 
_exptl_crystal.size_max                    ? 
_exptl_crystal.size_mid                    ? 
_exptl_crystal.size_min                    ? 
_exptl_crystal.size_rad                    ? 
_exptl_crystal.colour_lustre               ? 
_exptl_crystal.colour_modifier             ? 
_exptl_crystal.colour_primary              ? 
_exptl_crystal.density_meas                ? 
_exptl_crystal.density_meas_esd            ? 
_exptl_crystal.density_meas_gt             ? 
_exptl_crystal.density_meas_lt             ? 
_exptl_crystal.density_meas_temp           ? 
_exptl_crystal.density_meas_temp_esd       ? 
_exptl_crystal.density_meas_temp_gt        ? 
_exptl_crystal.density_meas_temp_lt        ? 
_exptl_crystal.pdbx_crystal_image_url      ? 
_exptl_crystal.pdbx_crystal_image_format   ? 
_exptl_crystal.pdbx_mosaicity              ? 
_exptl_crystal.pdbx_mosaicity_esd          ? 
# 
_exptl_crystal_grow.apparatus       ? 
_exptl_crystal_grow.atmosphere      ? 
_exptl_crystal_grow.crystal_id      1 
_exptl_crystal_grow.details         ? 
_exptl_crystal_grow.method          'VAPOR DIFFUSION, HANGING DROP' 
_exptl_crystal_grow.method_ref      ? 
_exptl_crystal_grow.pH              7.5 
_exptl_crystal_grow.pressure        ? 
_exptl_crystal_grow.pressure_esd    ? 
_exptl_crystal_grow.seeding         ? 
_exptl_crystal_grow.seeding_ref     ? 
_exptl_crystal_grow.temp            277 
_exptl_crystal_grow.temp_details    ? 
_exptl_crystal_grow.temp_esd        ? 
_exptl_crystal_grow.time            ? 
_exptl_crystal_grow.pdbx_details    
'20% (w/v) PEGF-4000, 10% 2-propanol, 0.1 M HEPES, 50 mM 2-mercaptoethanol, 50 mM 2-hydroxyethyl disulfide' 
_exptl_crystal_grow.pdbx_pH_range   ? 
# 
_diffrn.ambient_environment    ? 
_diffrn.ambient_temp           100 
_diffrn.ambient_temp_details   ? 
_diffrn.ambient_temp_esd       ? 
_diffrn.crystal_id             1 
_diffrn.crystal_support        ? 
_diffrn.crystal_treatment      ? 
_diffrn.details                ? 
_diffrn.id                     1 
_diffrn.ambient_pressure       ? 
_diffrn.ambient_pressure_esd   ? 
_diffrn.ambient_pressure_gt    ? 
_diffrn.ambient_pressure_lt    ? 
_diffrn.ambient_temp_gt        ? 
_diffrn.ambient_temp_lt        ? 
# 
_diffrn_detector.details                      ? 
_diffrn_detector.detector                     CCD 
_diffrn_detector.diffrn_id                    1 
_diffrn_detector.type                         'ADSC QUANTUM 315r' 
_diffrn_detector.area_resol_mean              ? 
_diffrn_detector.dtime                        ? 
_diffrn_detector.pdbx_frames_total            ? 
_diffrn_detector.pdbx_collection_time_total   ? 
_diffrn_detector.pdbx_collection_date         2009-11-21 
# 
_diffrn_radiation.collimation                      ? 
_diffrn_radiation.diffrn_id                        1 
_diffrn_radiation.filter_edge                      ? 
_diffrn_radiation.inhomogeneity                    ? 
_diffrn_radiation.monochromator                    'two flat Si(111) crystals, mounted in a model DCM from Khozu' 
_diffrn_radiation.polarisn_norm                    ? 
_diffrn_radiation.polarisn_ratio                   ? 
_diffrn_radiation.probe                            ? 
_diffrn_radiation.type                             ? 
_diffrn_radiation.xray_symbol                      ? 
_diffrn_radiation.wavelength_id                    1 
_diffrn_radiation.pdbx_monochromatic_or_laue_m_l   M 
_diffrn_radiation.pdbx_wavelength_list             ? 
_diffrn_radiation.pdbx_wavelength                  ? 
_diffrn_radiation.pdbx_diffrn_protocol             'SINGLE WAVELENGTH' 
_diffrn_radiation.pdbx_analyzer                    ? 
_diffrn_radiation.pdbx_scattering_type             x-ray 
# 
_diffrn_radiation_wavelength.id           1 
_diffrn_radiation_wavelength.wavelength   1.116 
_diffrn_radiation_wavelength.wt           1.0 
# 
_diffrn_source.current                     ? 
_diffrn_source.details                     ? 
_diffrn_source.diffrn_id                   1 
_diffrn_source.power                       ? 
_diffrn_source.size                        ? 
_diffrn_source.source                      SYNCHROTRON 
_diffrn_source.target                      ? 
_diffrn_source.type                        'ALS BEAMLINE 8.3.1' 
_diffrn_source.voltage                     ? 
_diffrn_source.take-off_angle              ? 
_diffrn_source.pdbx_wavelength_list        1.116 
_diffrn_source.pdbx_wavelength             ? 
_diffrn_source.pdbx_synchrotron_beamline   8.3.1 
_diffrn_source.pdbx_synchrotron_site       ALS 
# 
_reflns.B_iso_Wilson_estimate            16.800 
_reflns.entry_id                         4W54 
_reflns.data_reduction_details           ? 
_reflns.data_reduction_method            ? 
_reflns.d_resolution_high                1.65 
_reflns.d_resolution_low                 50.0 
_reflns.details                          ? 
_reflns.limit_h_max                      ? 
_reflns.limit_h_min                      ? 
_reflns.limit_k_max                      ? 
_reflns.limit_k_min                      ? 
_reflns.limit_l_max                      ? 
_reflns.limit_l_min                      ? 
_reflns.number_all                       ? 
_reflns.number_obs                       25135 
_reflns.observed_criterion               ? 
_reflns.observed_criterion_F_max         ? 
_reflns.observed_criterion_F_min         ? 
_reflns.observed_criterion_I_max         ? 
_reflns.observed_criterion_I_min         ? 
_reflns.observed_criterion_sigma_F       ? 
_reflns.observed_criterion_sigma_I       -3.000 
_reflns.percent_possible_obs             99.900 
_reflns.R_free_details                   ? 
_reflns.Rmerge_F_all                     ? 
_reflns.Rmerge_F_obs                     0.076 
_reflns.Friedel_coverage                 ? 
_reflns.number_gt                        ? 
_reflns.threshold_expression             ? 
_reflns.pdbx_redundancy                  8.7 
_reflns.pdbx_Rmerge_I_obs                0.081 
_reflns.pdbx_Rmerge_I_all                ? 
_reflns.pdbx_Rsym_value                  ? 
_reflns.pdbx_netI_over_av_sigmaI         ? 
_reflns.pdbx_netI_over_sigmaI            18.960 
_reflns.pdbx_res_netI_over_av_sigmaI_2   ? 
_reflns.pdbx_res_netI_over_sigmaI_2      ? 
_reflns.pdbx_chi_squared                 1.016 
_reflns.pdbx_scaling_rejects             ? 
_reflns.pdbx_d_res_high_opt              ? 
_reflns.pdbx_d_res_low_opt               ? 
_reflns.pdbx_d_res_opt_method            ? 
_reflns.phase_calculation_details        ? 
_reflns.pdbx_Rrim_I_all                  0.086 
_reflns.pdbx_Rpim_I_all                  ? 
_reflns.pdbx_d_opt                       ? 
_reflns.pdbx_number_measured_all         171130 
_reflns.pdbx_diffrn_id                   1 
_reflns.pdbx_ordinal                     1 
_reflns.pdbx_CC_half                     ? 
_reflns.pdbx_R_split                     ? 
# 
loop_
_reflns_shell.d_res_high 
_reflns_shell.d_res_low 
_reflns_shell.meanI_over_sigI_all 
_reflns_shell.meanI_over_sigI_obs 
_reflns_shell.number_measured_all 
_reflns_shell.number_measured_obs 
_reflns_shell.number_possible 
_reflns_shell.number_unique_all 
_reflns_shell.number_unique_obs 
_reflns_shell.percent_possible_all 
_reflns_shell.percent_possible_obs 
_reflns_shell.Rmerge_F_all 
_reflns_shell.Rmerge_F_obs 
_reflns_shell.Rmerge_I_all 
_reflns_shell.Rmerge_I_obs 
_reflns_shell.meanI_over_sigI_gt 
_reflns_shell.meanI_over_uI_all 
_reflns_shell.meanI_over_uI_gt 
_reflns_shell.number_measured_gt 
_reflns_shell.number_unique_gt 
_reflns_shell.percent_possible_gt 
_reflns_shell.Rmerge_F_gt 
_reflns_shell.Rmerge_I_gt 
_reflns_shell.pdbx_redundancy 
_reflns_shell.pdbx_Rsym_value 
_reflns_shell.pdbx_chi_squared 
_reflns_shell.pdbx_netI_over_sigmaI_all 
_reflns_shell.pdbx_netI_over_sigmaI_obs 
_reflns_shell.pdbx_Rrim_I_all 
_reflns_shell.pdbx_Rpim_I_all 
_reflns_shell.pdbx_rejects 
_reflns_shell.pdbx_ordinal 
_reflns_shell.pdbx_diffrn_id 
_reflns_shell.pdbx_CC_half 
_reflns_shell.pdbx_R_split 
1.790  1.890  ? 5.430  ? 25903 2913 ? 2913 100.000 ? ? 0.307 ? 0.465 ? ? ? ? ? ? ? ? ? ? ? ? ? 0.493 ? 0 1  1 ? ? 
1.890  2.000  ? 7.920  ? 22966 2582 ? 2582 100.000 ? ? 0.196 ? 0.298 ? ? ? ? ? ? ? ? ? ? ? ? ? 0.317 ? 0 2  1 ? ? 
2.000  2.150  ? 12.090 ? 24475 2746 ? 2746 100.000 ? ? 0.120 ? 0.187 ? ? ? ? ? ? ? ? ? ? ? ? ? 0.198 ? 0 3  1 ? ? 
2.150  2.330  ? 16.780 ? 21484 2430 ? 2430 100.000 ? ? 0.085 ? 0.125 ? ? ? ? ? ? ? ? ? ? ? ? ? 0.133 ? 0 4  1 ? ? 
2.330  2.550  ? 19.710 ? 18308 2098 ? 2097 100.000 ? ? 0.063 ? 0.104 ? ? ? ? ? ? ? ? ? ? ? ? ? 0.111 ? 0 5  1 ? ? 
2.550  2.810  ? 23.400 ? 14904 1724 ? 1724 100.000 ? ? 0.052 ? 0.082 ? ? ? ? ? ? ? ? ? ? ? ? ? 0.087 ? 0 6  1 ? ? 
2.810  3.250  ? 27.710 ? 15399 1838 ? 1837 99.900  ? ? 0.040 ? 0.064 ? ? ? ? ? ? ? ? ? ? ? ? ? 0.069 ? 0 7  1 ? ? 
3.250  3.980  ? 36.320 ? 12458 1536 ? 1535 99.900  ? ? 0.025 ? 0.046 ? ? ? ? ? ? ? ? ? ? ? ? ? 0.050 ? 0 8  1 ? ? 
3.980  5.200  ? 41.030 ? 8453  1037 ? 1037 100.000 ? ? 0.020 ? 0.038 ? ? ? ? ? ? ? ? ? ? ? ? ? 0.041 ? 0 9  1 ? ? 
5.200  10.000 ? 38.780 ? 5941  755  ? 752  99.600  ? ? 0.021 ? 0.039 ? ? ? ? ? ? ? ? ? ? ? ? ? 0.042 ? 0 10 1 ? ? 
10.000 ?      ? 35.480 ? 839   143  ? 139  97.200  ? ? 0.018 ? 0.032 ? ? ? ? ? ? ? ? ? ? ? ? ? 0.035 ? 0 11 1 ? ? 
# 
_refine.aniso_B[1][1]                            0.7237 
_refine.aniso_B[1][2]                            -0.0000 
_refine.aniso_B[1][3]                            -0.0000 
_refine.aniso_B[2][2]                            0.7237 
_refine.aniso_B[2][3]                            0.0000 
_refine.aniso_B[3][3]                            -1.4473 
_refine.B_iso_max                                68.450 
_refine.B_iso_mean                               18.3427 
_refine.B_iso_min                                7.880 
_refine.correlation_coeff_Fo_to_Fc               ? 
_refine.correlation_coeff_Fo_to_Fc_free          ? 
_refine.details                                  ? 
_refine.diff_density_max                         ? 
_refine.diff_density_max_esd                     ? 
_refine.diff_density_min                         ? 
_refine.diff_density_min_esd                     ? 
_refine.diff_density_rms                         ? 
_refine.diff_density_rms_esd                     ? 
_refine.entry_id                                 4W54 
_refine.pdbx_refine_id                           'X-RAY DIFFRACTION' 
_refine.ls_abs_structure_details                 ? 
_refine.ls_abs_structure_Flack                   ? 
_refine.ls_abs_structure_Flack_esd               ? 
_refine.ls_abs_structure_Rogers                  ? 
_refine.ls_abs_structure_Rogers_esd              ? 
_refine.ls_d_res_high                            1.7901 
_refine.ls_d_res_low                             45.9720 
_refine.ls_extinction_coef                       ? 
_refine.ls_extinction_coef_esd                   ? 
_refine.ls_extinction_expression                 ? 
_refine.ls_extinction_method                     ? 
_refine.ls_goodness_of_fit_all                   ? 
_refine.ls_goodness_of_fit_all_esd               ? 
_refine.ls_goodness_of_fit_obs                   ? 
_refine.ls_goodness_of_fit_obs_esd               ? 
_refine.ls_hydrogen_treatment                    ? 
_refine.ls_matrix_type                           ? 
_refine.ls_number_constraints                    ? 
_refine.ls_number_parameters                     ? 
_refine.ls_number_reflns_all                     ? 
_refine.ls_number_reflns_obs                     19790 
_refine.ls_number_reflns_R_free                  1187 
_refine.ls_number_reflns_R_work                  18603 
_refine.ls_number_restraints                     ? 
_refine.ls_percent_reflns_obs                    99.9400 
_refine.ls_percent_reflns_R_free                 6.0000 
_refine.ls_R_factor_all                          ? 
_refine.ls_R_factor_obs                          0.1673 
_refine.ls_R_factor_R_free                       0.1979 
_refine.ls_R_factor_R_free_error                 ? 
_refine.ls_R_factor_R_free_error_details         ? 
_refine.ls_R_factor_R_work                       0.1653 
_refine.ls_R_Fsqd_factor_obs                     ? 
_refine.ls_R_I_factor_obs                        ? 
_refine.ls_redundancy_reflns_all                 ? 
_refine.ls_redundancy_reflns_obs                 ? 
_refine.ls_restrained_S_all                      ? 
_refine.ls_restrained_S_obs                      ? 
_refine.ls_shift_over_esd_max                    ? 
_refine.ls_shift_over_esd_mean                   ? 
_refine.ls_structure_factor_coef                 ? 
_refine.ls_weighting_details                     ? 
_refine.ls_weighting_scheme                      ? 
_refine.ls_wR_factor_all                         ? 
_refine.ls_wR_factor_obs                         ? 
_refine.ls_wR_factor_R_free                      ? 
_refine.ls_wR_factor_R_work                      ? 
_refine.occupancy_max                            ? 
_refine.occupancy_min                            ? 
_refine.solvent_model_details                    'FLAT BULK SOLVENT MODEL' 
_refine.solvent_model_param_bsol                 47.3930 
_refine.solvent_model_param_ksol                 0.4080 
_refine.ls_R_factor_gt                           ? 
_refine.ls_goodness_of_fit_gt                    ? 
_refine.ls_goodness_of_fit_ref                   ? 
_refine.ls_shift_over_su_max                     ? 
_refine.ls_shift_over_su_max_lt                  ? 
_refine.ls_shift_over_su_mean                    ? 
_refine.ls_shift_over_su_mean_lt                 ? 
_refine.pdbx_ls_sigma_I                          ? 
_refine.pdbx_ls_sigma_F                          2.000 
_refine.pdbx_ls_sigma_Fsqd                       ? 
_refine.pdbx_data_cutoff_high_absF               ? 
_refine.pdbx_data_cutoff_high_rms_absF           ? 
_refine.pdbx_data_cutoff_low_absF                ? 
_refine.pdbx_isotropic_thermal_model             ? 
_refine.pdbx_ls_cross_valid_method               'FREE R-VALUE' 
_refine.pdbx_method_to_determine_struct          'MOLECULAR REPLACEMENT' 
_refine.pdbx_starting_model                      181L 
_refine.pdbx_stereochemistry_target_values       ML 
_refine.pdbx_R_Free_selection_details            'Random selection' 
_refine.pdbx_stereochem_target_val_spec_case     ? 
_refine.pdbx_overall_ESU_R                       ? 
_refine.pdbx_overall_ESU_R_Free                  ? 
_refine.pdbx_solvent_vdw_probe_radii             1.0000 
_refine.pdbx_solvent_ion_probe_radii             ? 
_refine.pdbx_solvent_shrinkage_radii             0.7200 
_refine.pdbx_real_space_R                        ? 
_refine.pdbx_density_correlation                 ? 
_refine.pdbx_pd_number_of_powder_patterns        ? 
_refine.pdbx_pd_number_of_points                 ? 
_refine.pdbx_pd_meas_number_of_points            ? 
_refine.pdbx_pd_proc_ls_prof_R_factor            ? 
_refine.pdbx_pd_proc_ls_prof_wR_factor           ? 
_refine.pdbx_pd_Marquardt_correlation_coeff      ? 
_refine.pdbx_pd_Fsqrd_R_factor                   ? 
_refine.pdbx_pd_ls_matrix_band_width             ? 
_refine.pdbx_overall_phase_error                 17.0700 
_refine.pdbx_overall_SU_R_free_Cruickshank_DPI   ? 
_refine.pdbx_overall_SU_R_free_Blow_DPI          ? 
_refine.pdbx_overall_SU_R_Blow_DPI               ? 
_refine.pdbx_TLS_residual_ADP_flag               ? 
_refine.pdbx_diffrn_id                           1 
_refine.overall_SU_B                             ? 
_refine.overall_SU_ML                            0.2500 
_refine.overall_SU_R_Cruickshank_DPI             ? 
_refine.overall_SU_R_free                        ? 
_refine.overall_FOM_free_R_set                   ? 
_refine.overall_FOM_work_R_set                   ? 
# 
_refine_hist.cycle_id                         final 
_refine_hist.pdbx_refine_id                   'X-RAY DIFFRACTION' 
_refine_hist.d_res_high                       1.7901 
_refine_hist.d_res_low                        45.9720 
_refine_hist.pdbx_number_atoms_ligand         31 
_refine_hist.number_atoms_solvent             133 
_refine_hist.number_atoms_total               1449 
_refine_hist.pdbx_number_residues_total       164 
_refine_hist.pdbx_B_iso_mean_ligand           30.02 
_refine_hist.pdbx_B_iso_mean_solvent          27.17 
_refine_hist.pdbx_number_atoms_protein        1285 
_refine_hist.pdbx_number_atoms_nucleic_acid   0 
# 
loop_
_refine_ls_restr.pdbx_refine_id 
_refine_ls_restr.criterion 
_refine_ls_restr.dev_ideal 
_refine_ls_restr.dev_ideal_target 
_refine_ls_restr.number 
_refine_ls_restr.rejects 
_refine_ls_restr.type 
_refine_ls_restr.weight 
_refine_ls_restr.pdbx_restraint_function 
'X-RAY DIFFRACTION' ? 0.006  ? 1442 ? f_bond_d           ? ? 
'X-RAY DIFFRACTION' ? 0.889  ? 1953 ? f_angle_d          ? ? 
'X-RAY DIFFRACTION' ? 0.056  ? 214  ? f_chiral_restr     ? ? 
'X-RAY DIFFRACTION' ? 0.003  ? 251  ? f_plane_restr      ? ? 
'X-RAY DIFFRACTION' ? 11.061 ? 554  ? f_dihedral_angle_d ? ? 
# 
loop_
_refine_ls_shell.pdbx_refine_id 
_refine_ls_shell.d_res_high 
_refine_ls_shell.d_res_low 
_refine_ls_shell.number_reflns_all 
_refine_ls_shell.number_reflns_obs 
_refine_ls_shell.number_reflns_R_free 
_refine_ls_shell.number_reflns_R_work 
_refine_ls_shell.percent_reflns_obs 
_refine_ls_shell.percent_reflns_R_free 
_refine_ls_shell.R_factor_all 
_refine_ls_shell.R_factor_obs 
_refine_ls_shell.R_factor_R_free 
_refine_ls_shell.R_factor_R_free_error 
_refine_ls_shell.R_factor_R_work 
_refine_ls_shell.redundancy_reflns_all 
_refine_ls_shell.redundancy_reflns_obs 
_refine_ls_shell.wR_factor_all 
_refine_ls_shell.wR_factor_obs 
_refine_ls_shell.wR_factor_R_free 
_refine_ls_shell.wR_factor_R_work 
_refine_ls_shell.pdbx_total_number_of_bins_used 
_refine_ls_shell.pdbx_phase_error 
'X-RAY DIFFRACTION' 1.7901 1.8715  2426 . 146 2280 100.0000 . . . 0.2059 . 0.1759 . . . . . . 8 . 
'X-RAY DIFFRACTION' 1.8715 1.9702  2430 . 145 2285 100.0000 . . . 0.2189 . 0.1625 . . . . . . 8 . 
'X-RAY DIFFRACTION' 1.9702 2.0936  2456 . 148 2308 100.0000 . . . 0.1508 . 0.1535 . . . . . . 8 . 
'X-RAY DIFFRACTION' 2.0936 2.2553  2434 . 146 2288 100.0000 . . . 0.1857 . 0.1441 . . . . . . 8 . 
'X-RAY DIFFRACTION' 2.2553 2.4822  2457 . 147 2310 100.0000 . . . 0.2088 . 0.1648 . . . . . . 8 . 
'X-RAY DIFFRACTION' 2.4822 2.8414  2467 . 148 2319 100.0000 . . . 0.2274 . 0.1831 . . . . . . 8 . 
'X-RAY DIFFRACTION' 2.8414 3.5796  2503 . 150 2353 100.0000 . . . 0.1968 . 0.1707 . . . . . . 8 . 
'X-RAY DIFFRACTION' 3.5796 45.9868 2617 . 157 2460 100.0000 . . . 0.1940 . 0.1628 . . . . . . 8 . 
# 
_struct.entry_id                     4W54 
_struct.title                        'T4 Lysozyme L99A with Ethylbenzene Bound' 
_struct.pdbx_model_details           ? 
_struct.pdbx_formula_weight          ? 
_struct.pdbx_formula_weight_method   ? 
_struct.pdbx_model_type_details      ? 
_struct.pdbx_CASP_flag               ? 
# 
_struct_keywords.entry_id        4W54 
_struct_keywords.text            HYDROLASE 
_struct_keywords.pdbx_keywords   HYDROLASE 
# 
loop_
_struct_asym.id 
_struct_asym.pdbx_blank_PDB_chainid_flag 
_struct_asym.pdbx_modified 
_struct_asym.entity_id 
_struct_asym.details 
A N N 1 ? 
B N N 2 ? 
C N N 3 ? 
D N N 4 ? 
# 
loop_
_struct_conf.conf_type_id 
_struct_conf.id 
_struct_conf.pdbx_PDB_helix_id 
_struct_conf.beg_label_comp_id 
_struct_conf.beg_label_asym_id 
_struct_conf.beg_label_seq_id 
_struct_conf.pdbx_beg_PDB_ins_code 
_struct_conf.end_label_comp_id 
_struct_conf.end_label_asym_id 
_struct_conf.end_label_seq_id 
_struct_conf.pdbx_end_PDB_ins_code 
_struct_conf.beg_auth_comp_id 
_struct_conf.beg_auth_asym_id 
_struct_conf.beg_auth_seq_id 
_struct_conf.end_auth_comp_id 
_struct_conf.end_auth_asym_id 
_struct_conf.end_auth_seq_id 
_struct_conf.pdbx_PDB_helix_class 
_struct_conf.details 
_struct_conf.pdbx_PDB_helix_length 
HELX_P HELX_P1  AA1 ASN A 2   ? GLY A 12  ? ASN A 2   GLY A 12  1 ? 11 
HELX_P HELX_P2  AA2 SER A 38  ? GLY A 51  ? SER A 38  GLY A 51  1 ? 14 
HELX_P HELX_P3  AA3 THR A 59  ? ASN A 81  ? THR A 59  ASN A 81  1 ? 23 
HELX_P HELX_P4  AA4 LYS A 83  ? LEU A 91  ? LYS A 83  LEU A 91  1 ? 9  
HELX_P HELX_P5  AA5 ASP A 92  ? GLY A 107 ? ASP A 92  GLY A 107 1 ? 16 
HELX_P HELX_P6  AA6 GLY A 107 ? ALA A 112 ? GLY A 107 ALA A 112 1 ? 6  
HELX_P HELX_P7  AA7 PHE A 114 ? GLN A 123 ? PHE A 114 GLN A 123 1 ? 10 
HELX_P HELX_P8  AA8 ARG A 125 ? LYS A 135 ? ARG A 125 LYS A 135 1 ? 11 
HELX_P HELX_P9  AA9 SER A 136 ? THR A 142 ? SER A 136 THR A 142 1 ? 7  
HELX_P HELX_P10 AB1 THR A 142 ? GLY A 156 ? THR A 142 GLY A 156 1 ? 15 
# 
_struct_conf_type.id          HELX_P 
_struct_conf_type.criteria    ? 
_struct_conf_type.reference   ? 
# 
_struct_sheet.id               AA1 
_struct_sheet.type             ? 
_struct_sheet.number_strands   3 
_struct_sheet.details          ? 
# 
loop_
_struct_sheet_order.sheet_id 
_struct_sheet_order.range_id_1 
_struct_sheet_order.range_id_2 
_struct_sheet_order.offset 
_struct_sheet_order.sense 
AA1 1 2 ? anti-parallel 
AA1 2 3 ? anti-parallel 
# 
loop_
_struct_sheet_range.sheet_id 
_struct_sheet_range.id 
_struct_sheet_range.beg_label_comp_id 
_struct_sheet_range.beg_label_asym_id 
_struct_sheet_range.beg_label_seq_id 
_struct_sheet_range.pdbx_beg_PDB_ins_code 
_struct_sheet_range.end_label_comp_id 
_struct_sheet_range.end_label_asym_id 
_struct_sheet_range.end_label_seq_id 
_struct_sheet_range.pdbx_end_PDB_ins_code 
_struct_sheet_range.beg_auth_comp_id 
_struct_sheet_range.beg_auth_asym_id 
_struct_sheet_range.beg_auth_seq_id 
_struct_sheet_range.end_auth_comp_id 
_struct_sheet_range.end_auth_asym_id 
_struct_sheet_range.end_auth_seq_id 
AA1 1 ARG A 14 ? LYS A 19 ? ARG A 14 LYS A 19 
AA1 2 TYR A 25 ? GLY A 28 ? TYR A 25 GLY A 28 
AA1 3 HIS A 31 ? THR A 34 ? HIS A 31 THR A 34 
# 
loop_
_pdbx_struct_sheet_hbond.sheet_id 
_pdbx_struct_sheet_hbond.range_id_1 
_pdbx_struct_sheet_hbond.range_id_2 
_pdbx_struct_sheet_hbond.range_1_label_atom_id 
_pdbx_struct_sheet_hbond.range_1_label_comp_id 
_pdbx_struct_sheet_hbond.range_1_label_asym_id 
_pdbx_struct_sheet_hbond.range_1_label_seq_id 
_pdbx_struct_sheet_hbond.range_1_PDB_ins_code 
_pdbx_struct_sheet_hbond.range_1_auth_atom_id 
_pdbx_struct_sheet_hbond.range_1_auth_comp_id 
_pdbx_struct_sheet_hbond.range_1_auth_asym_id 
_pdbx_struct_sheet_hbond.range_1_auth_seq_id 
_pdbx_struct_sheet_hbond.range_2_label_atom_id 
_pdbx_struct_sheet_hbond.range_2_label_comp_id 
_pdbx_struct_sheet_hbond.range_2_label_asym_id 
_pdbx_struct_sheet_hbond.range_2_label_seq_id 
_pdbx_struct_sheet_hbond.range_2_PDB_ins_code 
_pdbx_struct_sheet_hbond.range_2_auth_atom_id 
_pdbx_struct_sheet_hbond.range_2_auth_comp_id 
_pdbx_struct_sheet_hbond.range_2_auth_asym_id 
_pdbx_struct_sheet_hbond.range_2_auth_seq_id 
AA1 1 2 N TYR A 18 ? N TYR A 18 O THR A 26 ? O THR A 26 
AA1 2 3 N TYR A 25 ? N TYR A 25 O LEU A 33 ? O LEU A 33 
# 
loop_
_struct_site.id 
_struct_site.pdbx_evidence_code 
_struct_site.pdbx_auth_asym_id 
_struct_site.pdbx_auth_comp_id 
_struct_site.pdbx_auth_seq_id 
_struct_site.pdbx_auth_ins_code 
_struct_site.pdbx_num_residues 
_struct_site.details 
AC1 Software A PYJ 200 ? 6 'binding site for residue PYJ A 200' 
AC2 Software A EPE 201 ? 7 'binding site for residue EPE A 201' 
# 
loop_
_struct_site_gen.id 
_struct_site_gen.site_id 
_struct_site_gen.pdbx_num_res 
_struct_site_gen.label_comp_id 
_struct_site_gen.label_asym_id 
_struct_site_gen.label_seq_id 
_struct_site_gen.pdbx_auth_ins_code 
_struct_site_gen.auth_comp_id 
_struct_site_gen.auth_asym_id 
_struct_site_gen.auth_seq_id 
_struct_site_gen.label_atom_id 
_struct_site_gen.label_alt_id 
_struct_site_gen.symmetry 
_struct_site_gen.details 
1  AC1 6 VAL A 87  ? VAL A 87  . ? 1_555 ? 
2  AC1 6 ALA A 99  ? ALA A 99  . ? 1_555 ? 
3  AC1 6 VAL A 111 ? VAL A 111 . ? 1_555 ? 
4  AC1 6 LEU A 118 ? LEU A 118 . ? 1_555 ? 
5  AC1 6 LEU A 121 ? LEU A 121 . ? 1_555 ? 
6  AC1 6 PHE A 153 ? PHE A 153 . ? 1_555 ? 
7  AC2 7 GLY A 30  ? GLY A 30  . ? 1_555 ? 
8  AC2 7 LEU A 32  ? LEU A 32  . ? 1_555 ? 
9  AC2 7 LYS A 35  ? LYS A 35  . ? 1_555 ? 
10 AC2 7 ASP A 70  ? ASP A 70  . ? 1_555 ? 
11 AC2 7 PHE A 104 ? PHE A 104 . ? 1_555 ? 
12 AC2 7 MET A 106 ? MET A 106 . ? 1_555 ? 
13 AC2 7 THR A 109 ? THR A 109 . ? 1_555 ? 
# 
_atom_sites.entry_id                    4W54 
_atom_sites.fract_transf_matrix[1][1]   -0.00230699 
_atom_sites.fract_transf_matrix[1][2]   -0.01660504 
_atom_sites.fract_transf_matrix[1][3]   0.00925528 
_atom_sites.fract_transf_matrix[2][1]   -0.01759499 
_atom_sites.fract_transf_matrix[2][2]   -0.00696845 
_atom_sites.fract_transf_matrix[2][3]   0.00292253 
_atom_sites.fract_transf_matrix[3][1]   0.00051880 
_atom_sites.fract_transf_matrix[3][2]   -0.00507244 
_atom_sites.fract_transf_matrix[3][3]   -0.00897123 
_atom_sites.fract_transf_vector[1]      0.324226 
_atom_sites.fract_transf_vector[2]      -0.457758 
_atom_sites.fract_transf_vector[3]      0.071343 
# 
loop_
_atom_type.symbol 
C 
N 
O 
S 
# 
loop_
_atom_site.group_PDB 
_atom_site.id 
_atom_site.type_symbol 
_atom_site.label_atom_id 
_atom_site.label_alt_id 
_atom_site.label_comp_id 
_atom_site.label_asym_id 
_atom_site.label_entity_id 
_atom_site.label_seq_id 
_atom_site.pdbx_PDB_ins_code 
_atom_site.Cartn_x 
_atom_site.Cartn_y 
_atom_site.Cartn_z 
_atom_site.occupancy 
_atom_site.B_iso_or_equiv 
_atom_site.pdbx_formal_charge 
_atom_site.auth_seq_id 
_atom_site.auth_comp_id 
_atom_site.auth_asym_id 
_atom_site.auth_atom_id 
_atom_site.pdbx_PDB_model_num 
ATOM   1    N N   . MET A 1 1   ? 17.108  -1.146  1.406   1.00 31.57 ? 1   MET A N   1 
ATOM   2    C CA  A MET A 1 1   ? 15.724  -0.768  1.308   0.60 23.87 ? 1   MET A CA  1 
ATOM   3    C CA  B MET A 1 1   ? 15.762  -0.811  1.262   0.40 23.86 ? 1   MET A CA  1 
ATOM   4    C C   . MET A 1 1   ? 14.873  -1.614  2.225   1.00 20.62 ? 1   MET A C   1 
ATOM   5    O O   . MET A 1 1   ? 15.128  -2.729  2.531   1.00 18.71 ? 1   MET A O   1 
ATOM   6    C CB  A MET A 1 1   ? 15.317  -0.826  -0.145  0.60 25.07 ? 1   MET A CB  1 
ATOM   7    C CB  B MET A 1 1   ? 15.273  -1.040  -0.164  0.40 24.86 ? 1   MET A CB  1 
ATOM   8    C CG  A MET A 1 1   ? 13.898  -0.790  -0.468  0.60 20.68 ? 1   MET A CG  1 
ATOM   9    C CG  B MET A 1 1   ? 15.767  -0.018  -1.158  0.40 26.06 ? 1   MET A CG  1 
ATOM   10   S SD  A MET A 1 1   ? 13.573  0.776   -1.178  0.60 29.89 ? 1   MET A SD  1 
ATOM   11   S SD  B MET A 1 1   ? 14.613  0.125   -2.521  0.40 33.90 ? 1   MET A SD  1 
ATOM   12   C CE  A MET A 1 1   ? 15.038  0.825   -2.090  0.60 28.31 ? 1   MET A CE  1 
ATOM   13   C CE  B MET A 1 1   ? 13.097  0.525   -1.648  0.40 25.78 ? 1   MET A CE  1 
ATOM   14   N N   . ASN A 1 2   ? 13.817  -0.987  2.669   1.00 14.60 ? 2   ASN A N   1 
ATOM   15   C CA  . ASN A 1 2   ? 12.865  -1.622  3.564   1.00 13.68 ? 2   ASN A CA  1 
ATOM   16   C C   . ASN A 1 2   ? 11.479  -1.089  3.218   1.00 11.07 ? 2   ASN A C   1 
ATOM   17   O O   . ASN A 1 2   ? 11.340  -0.236  2.335   1.00 10.89 ? 2   ASN A O   1 
ATOM   18   C CB  . ASN A 1 2   ? 13.223  -1.321  5.025   1.00 14.80 ? 2   ASN A CB  1 
ATOM   19   C CG  . ASN A 1 2   ? 13.332  0.163   5.298   1.00 17.93 ? 2   ASN A CG  1 
ATOM   20   O OD1 . ASN A 1 2   ? 12.356  0.900   5.156   1.00 13.79 ? 2   ASN A OD1 1 
ATOM   21   N ND2 . ASN A 1 2   ? 14.520  0.612   5.693   1.00 17.24 ? 2   ASN A ND2 1 
ATOM   22   N N   . ILE A 1 3   ? 10.451  -1.581  3.901   1.00 11.34 ? 3   ILE A N   1 
ATOM   23   C CA  . ILE A 1 3   ? 9.076   -1.199  3.566   1.00 11.49 ? 3   ILE A CA  1 
ATOM   24   C C   . ILE A 1 3   ? 8.820   0.307   3.713   1.00 12.18 ? 3   ILE A C   1 
ATOM   25   O O   . ILE A 1 3   ? 8.012   0.887   2.979   1.00 10.53 ? 3   ILE A O   1 
ATOM   26   C CB  . ILE A 1 3   ? 8.047   -2.002  4.406   1.00 12.50 ? 3   ILE A CB  1 
ATOM   27   C CG1 . ILE A 1 3   ? 6.616   -1.672  3.974   1.00 9.32  ? 3   ILE A CG1 1 
ATOM   28   C CG2 . ILE A 1 3   ? 8.254   -1.740  5.895   1.00 14.36 ? 3   ILE A CG2 1 
ATOM   29   C CD1 . ILE A 1 3   ? 6.329   -1.959  2.505   1.00 12.77 ? 3   ILE A CD1 1 
ATOM   30   N N   . PHE A 1 4   ? 9.502   0.949   4.656   1.00 10.13 ? 4   PHE A N   1 
ATOM   31   C CA  . PHE A 1 4   ? 9.309   2.388   4.832   1.00 9.98  ? 4   PHE A CA  1 
ATOM   32   C C   . PHE A 1 4   ? 9.883   3.171   3.660   1.00 12.49 ? 4   PHE A C   1 
ATOM   33   O O   . PHE A 1 4   ? 9.238   4.077   3.133   1.00 12.66 ? 4   PHE A O   1 
ATOM   34   C CB  . PHE A 1 4   ? 9.876   2.865   6.171   1.00 11.02 ? 4   PHE A CB  1 
ATOM   35   C CG  . PHE A 1 4   ? 9.091   2.365   7.344   1.00 9.96  ? 4   PHE A CG  1 
ATOM   36   C CD1 . PHE A 1 4   ? 7.955   3.039   7.766   1.00 15.00 ? 4   PHE A CD1 1 
ATOM   37   C CD2 . PHE A 1 4   ? 9.459   1.203   7.994   1.00 13.22 ? 4   PHE A CD2 1 
ATOM   38   C CE1 . PHE A 1 4   ? 7.211   2.566   8.835   1.00 17.61 ? 4   PHE A CE1 1 
ATOM   39   C CE2 . PHE A 1 4   ? 8.719   0.730   9.062   1.00 16.53 ? 4   PHE A CE2 1 
ATOM   40   C CZ  . PHE A 1 4   ? 7.600   1.413   9.483   1.00 17.58 ? 4   PHE A CZ  1 
ATOM   41   N N   . GLU A 1 5   ? 11.080  2.799   3.228   1.00 11.81 ? 5   GLU A N   1 
ATOM   42   C CA  . GLU A 1 5   ? 11.702  3.485   2.101   1.00 11.99 ? 5   GLU A CA  1 
ATOM   43   C C   . GLU A 1 5   ? 10.901  3.252   0.824   1.00 12.25 ? 5   GLU A C   1 
ATOM   44   O O   . GLU A 1 5   ? 10.752  4.151   -0.013  1.00 12.69 ? 5   GLU A O   1 
ATOM   45   C CB  . GLU A 1 5   ? 13.152  3.027   1.929   1.00 14.72 ? 5   GLU A CB  1 
ATOM   46   C CG  . GLU A 1 5   ? 14.045  3.448   3.099   1.00 13.72 ? 5   GLU A CG  1 
ATOM   47   C CD  . GLU A 1 5   ? 15.509  3.091   2.902   1.00 28.46 ? 5   GLU A CD  1 
ATOM   48   O OE1 . GLU A 1 5   ? 15.826  2.336   1.963   1.00 31.68 ? 5   GLU A OE1 1 
ATOM   49   O OE2 . GLU A 1 5   ? 16.345  3.575   3.694   1.00 25.11 ? 5   GLU A OE2 1 
ATOM   50   N N   . MET A 1 6   ? 10.386  2.036   0.687   1.00 11.99 ? 6   MET A N   1 
ATOM   51   C CA  . MET A 1 6   ? 9.643   1.643   -0.506  1.00 10.32 ? 6   MET A CA  1 
ATOM   52   C C   . MET A 1 6   ? 8.356   2.444   -0.618  1.00 12.66 ? 6   MET A C   1 
ATOM   53   O O   . MET A 1 6   ? 8.063   3.024   -1.664  1.00 10.10 ? 6   MET A O   1 
ATOM   54   C CB  . MET A 1 6   ? 9.314   0.159   -0.431  1.00 9.97  ? 6   MET A CB  1 
ATOM   55   C CG  . MET A 1 6   ? 8.593   -0.401  -1.644  1.00 10.52 ? 6   MET A CG  1 
ATOM   56   S SD  . MET A 1 6   ? 7.883   -2.001  -1.186  1.00 11.93 ? 6   MET A SD  1 
ATOM   57   C CE  . MET A 1 6   ? 7.746   -2.809  -2.773  1.00 11.67 ? 6   MET A CE  1 
ATOM   58   N N   . LEU A 1 7   ? 7.578   2.478   0.460   1.00 10.54 ? 7   LEU A N   1 
ATOM   59   C CA  . LEU A 1 7   ? 6.319   3.219   0.429   1.00 9.95  ? 7   LEU A CA  1 
ATOM   60   C C   . LEU A 1 7   ? 6.539   4.724   0.365   1.00 12.05 ? 7   LEU A C   1 
ATOM   61   O O   . LEU A 1 7   ? 5.736   5.436   -0.224  1.00 11.74 ? 7   LEU A O   1 
ATOM   62   C CB  . LEU A 1 7   ? 5.424   2.841   1.614   1.00 13.06 ? 7   LEU A CB  1 
ATOM   63   C CG  . LEU A 1 7   ? 4.648   1.539   1.397   1.00 12.29 ? 7   LEU A CG  1 
ATOM   64   C CD1 . LEU A 1 7   ? 4.067   1.036   2.713   1.00 12.79 ? 7   LEU A CD1 1 
ATOM   65   C CD2 . LEU A 1 7   ? 3.549   1.744   0.346   1.00 11.01 ? 7   LEU A CD2 1 
ATOM   66   N N   . ARG A 1 8   ? 7.628   5.208   0.957   1.00 9.99  ? 8   ARG A N   1 
ATOM   67   C CA  . ARG A 1 8   ? 7.950   6.635   0.872   1.00 12.06 ? 8   ARG A CA  1 
ATOM   68   C C   . ARG A 1 8   ? 8.190   7.034   -0.583  1.00 15.60 ? 8   ARG A C   1 
ATOM   69   O O   . ARG A 1 8   ? 7.792   8.107   -1.021  1.00 13.02 ? 8   ARG A O   1 
ATOM   70   C CB  . ARG A 1 8   ? 9.161   6.977   1.740   1.00 15.48 ? 8   ARG A CB  1 
ATOM   71   C CG  . ARG A 1 8   ? 9.715   8.382   1.539   1.00 17.29 ? 8   ARG A CG  1 
ATOM   72   C CD  . ARG A 1 8   ? 8.708   9.475   1.890   1.00 22.93 ? 8   ARG A CD  1 
ATOM   73   N NE  . ARG A 1 8   ? 9.316   10.800  1.781   1.00 22.61 ? 8   ARG A NE  1 
ATOM   74   C CZ  . ARG A 1 8   ? 9.476   11.459  0.635   1.00 29.97 ? 8   ARG A CZ  1 
ATOM   75   N NH1 . ARG A 1 8   ? 9.070   10.918  -0.504  1.00 21.60 ? 8   ARG A NH1 1 
ATOM   76   N NH2 . ARG A 1 8   ? 10.050  12.658  0.627   1.00 30.49 ? 8   ARG A NH2 1 
ATOM   77   N N   . ILE A 1 9   ? 8.832   6.154   -1.342  1.00 12.17 ? 9   ILE A N   1 
ATOM   78   C CA  . ILE A 1 9   ? 8.997   6.386   -2.776  1.00 11.88 ? 9   ILE A CA  1 
ATOM   79   C C   . ILE A 1 9   ? 7.647   6.369   -3.501  1.00 12.98 ? 9   ILE A C   1 
ATOM   80   O O   . ILE A 1 9   ? 7.335   7.260   -4.300  1.00 13.59 ? 9   ILE A O   1 
ATOM   81   C CB  . ILE A 1 9   ? 9.942   5.335   -3.392  1.00 14.88 ? 9   ILE A CB  1 
ATOM   82   C CG1 . ILE A 1 9   ? 11.387  5.615   -2.972  1.00 16.72 ? 9   ILE A CG1 1 
ATOM   83   C CG2 . ILE A 1 9   ? 9.806   5.293   -4.917  1.00 16.53 ? 9   ILE A CG2 1 
ATOM   84   C CD1 . ILE A 1 9   ? 12.324  4.461   -3.228  1.00 13.94 ? 9   ILE A CD1 1 
ATOM   85   N N   . ASP A 1 10  ? 6.839   5.357   -3.223  1.00 10.80 ? 10  ASP A N   1 
ATOM   86   C CA  . ASP A 1 10  ? 5.572   5.196   -3.928  1.00 12.28 ? 10  ASP A CA  1 
ATOM   87   C C   . ASP A 1 10  ? 4.508   6.246   -3.563  1.00 13.48 ? 10  ASP A C   1 
ATOM   88   O O   . ASP A 1 10  ? 3.690   6.619   -4.405  1.00 15.59 ? 10  ASP A O   1 
ATOM   89   C CB  . ASP A 1 10  ? 5.009   3.784   -3.718  1.00 11.70 ? 10  ASP A CB  1 
ATOM   90   C CG  . ASP A 1 10  ? 5.779   2.720   -4.503  1.00 14.04 ? 10  ASP A CG  1 
ATOM   91   O OD1 . ASP A 1 10  ? 6.410   3.065   -5.523  1.00 14.90 ? 10  ASP A OD1 1 
ATOM   92   O OD2 . ASP A 1 10  ? 5.741   1.533   -4.106  1.00 14.48 ? 10  ASP A OD2 1 
ATOM   93   N N   . GLU A 1 11  ? 4.518   6.715   -2.319  1.00 13.75 ? 11  GLU A N   1 
ATOM   94   C CA  . GLU A 1 11  ? 3.451   7.601   -1.831  1.00 13.87 ? 11  GLU A CA  1 
ATOM   95   C C   . GLU A 1 11  ? 3.867   9.070   -1.760  1.00 13.19 ? 11  GLU A C   1 
ATOM   96   O O   . GLU A 1 11  ? 3.016   9.963   -1.754  1.00 14.15 ? 11  GLU A O   1 
ATOM   97   C CB  . GLU A 1 11  ? 2.956   7.141   -0.451  1.00 13.98 ? 11  GLU A CB  1 
ATOM   98   C CG  . GLU A 1 11  ? 2.385   5.727   -0.403  1.00 16.04 ? 11  GLU A CG  1 
ATOM   99   C CD  . GLU A 1 11  ? 1.015   5.611   -1.057  1.00 21.94 ? 11  GLU A CD  1 
ATOM   100  O OE1 . GLU A 1 11  ? 0.481   6.644   -1.526  1.00 22.96 ? 11  GLU A OE1 1 
ATOM   101  O OE2 . GLU A 1 11  ? 0.468   4.485   -1.099  1.00 24.55 ? 11  GLU A OE2 1 
ATOM   102  N N   . GLY A 1 12  ? 5.171   9.322   -1.687  1.00 13.30 ? 12  GLY A N   1 
ATOM   103  C CA  . GLY A 1 12  ? 5.668   10.679  -1.555  1.00 16.05 ? 12  GLY A CA  1 
ATOM   104  C C   . GLY A 1 12  ? 5.442   11.230  -0.157  1.00 20.52 ? 12  GLY A C   1 
ATOM   105  O O   . GLY A 1 12  ? 5.019   10.510  0.751   1.00 15.15 ? 12  GLY A O   1 
ATOM   106  N N   . LEU A 1 13  ? 5.733   12.514  0.022   1.00 16.08 ? 13  LEU A N   1 
ATOM   107  C CA  . LEU A 1 13  ? 5.471   13.175  1.291   1.00 14.23 ? 13  LEU A CA  1 
ATOM   108  C C   . LEU A 1 13  ? 4.891   14.554  1.033   1.00 18.23 ? 13  LEU A C   1 
ATOM   109  O O   . LEU A 1 13  ? 5.539   15.402  0.423   1.00 18.71 ? 13  LEU A O   1 
ATOM   110  C CB  . LEU A 1 13  ? 6.752   13.292  2.123   1.00 15.58 ? 13  LEU A CB  1 
ATOM   111  C CG  . LEU A 1 13  ? 6.698   14.196  3.365   1.00 23.32 ? 13  LEU A CG  1 
ATOM   112  C CD1 . LEU A 1 13  ? 5.673   13.695  4.381   1.00 20.72 ? 13  LEU A CD1 1 
ATOM   113  C CD2 . LEU A 1 13  ? 8.074   14.294  4.003   1.00 27.52 ? 13  LEU A CD2 1 
ATOM   114  N N   . ARG A 1 14  ? 3.663   14.764  1.487   1.00 13.44 ? 14  ARG A N   1 
ATOM   115  C CA  A ARG A 1 14  ? 3.017   16.066  1.367   0.50 14.09 ? 14  ARG A CA  1 
ATOM   116  C CA  B ARG A 1 14  ? 3.011   16.063  1.364   0.50 14.09 ? 14  ARG A CA  1 
ATOM   117  C C   . ARG A 1 14  ? 2.434   16.475  2.718   1.00 16.48 ? 14  ARG A C   1 
ATOM   118  O O   . ARG A 1 14  ? 1.727   15.702  3.356   1.00 15.31 ? 14  ARG A O   1 
ATOM   119  C CB  A ARG A 1 14  ? 1.943   16.043  0.268   0.50 17.59 ? 14  ARG A CB  1 
ATOM   120  C CB  B ARG A 1 14  ? 1.934   16.020  0.270   0.50 17.59 ? 14  ARG A CB  1 
ATOM   121  C CG  A ARG A 1 14  ? 2.494   15.696  -1.125  0.50 18.25 ? 14  ARG A CG  1 
ATOM   122  C CG  B ARG A 1 14  ? 2.511   16.070  -1.156  0.50 18.51 ? 14  ARG A CG  1 
ATOM   123  C CD  A ARG A 1 14  ? 1.447   15.853  -2.233  0.50 20.33 ? 14  ARG A CD  1 
ATOM   124  C CD  B ARG A 1 14  ? 1.537   15.558  -2.224  0.50 20.14 ? 14  ARG A CD  1 
ATOM   125  N NE  A ARG A 1 14  ? 0.988   17.234  -2.365  0.50 22.74 ? 14  ARG A NE  1 
ATOM   126  N NE  B ARG A 1 14  ? 1.585   14.103  -2.359  0.50 19.37 ? 14  ARG A NE  1 
ATOM   127  C CZ  A ARG A 1 14  ? 0.131   17.657  -3.290  0.50 25.70 ? 14  ARG A CZ  1 
ATOM   128  C CZ  B ARG A 1 14  ? 1.071   13.422  -3.381  0.50 21.29 ? 14  ARG A CZ  1 
ATOM   129  N NH1 A ARG A 1 14  ? -0.368  16.811  -4.182  0.50 19.13 ? 14  ARG A NH1 1 
ATOM   130  N NH1 B ARG A 1 14  ? 0.461   14.056  -4.375  0.50 16.24 ? 14  ARG A NH1 1 
ATOM   131  N NH2 A ARG A 1 14  ? -0.226  18.934  -3.323  0.50 22.71 ? 14  ARG A NH2 1 
ATOM   132  N NH2 B ARG A 1 14  ? 1.169   12.099  -3.407  0.50 23.91 ? 14  ARG A NH2 1 
ATOM   133  N N   . LEU A 1 15  ? 2.748   17.694  3.161   1.00 12.86 ? 15  LEU A N   1 
ATOM   134  C CA  . LEU A 1 15  ? 2.358   18.126  4.507   1.00 13.15 ? 15  LEU A CA  1 
ATOM   135  C C   . LEU A 1 15  ? 1.015   18.848  4.574   1.00 17.57 ? 15  LEU A C   1 
ATOM   136  O O   . LEU A 1 15  ? 0.533   19.178  5.660   1.00 19.25 ? 15  LEU A O   1 
ATOM   137  C CB  . LEU A 1 15  ? 3.456   18.991  5.128   1.00 16.92 ? 15  LEU A CB  1 
ATOM   138  C CG  . LEU A 1 15  ? 4.816   18.297  5.219   1.00 19.35 ? 15  LEU A CG  1 
ATOM   139  C CD1 . LEU A 1 15  ? 5.844   19.190  5.901   1.00 23.34 ? 15  LEU A CD1 1 
ATOM   140  C CD2 . LEU A 1 15  ? 4.682   16.965  5.946   1.00 17.74 ? 15  LEU A CD2 1 
ATOM   141  N N   . LYS A 1 16  ? 0.413   19.088  3.419   1.00 14.26 ? 16  LYS A N   1 
ATOM   142  C CA  . LYS A 1 16  ? -0.909  19.697  3.365   1.00 15.17 ? 16  LYS A CA  1 
ATOM   143  C C   . LYS A 1 16  ? -1.889  18.719  2.731   1.00 14.72 ? 16  LYS A C   1 
ATOM   144  O O   . LYS A 1 16  ? -1.504  17.916  1.874   1.00 17.38 ? 16  LYS A O   1 
ATOM   145  C CB  . LYS A 1 16  ? -0.861  20.997  2.556   1.00 18.85 ? 16  LYS A CB  1 
ATOM   146  C CG  . LYS A 1 16  ? 0.130   22.016  3.094   0.70 22.18 ? 16  LYS A CG  1 
ATOM   147  C CD  . LYS A 1 16  ? 0.128   23.292  2.264   0.70 30.92 ? 16  LYS A CD  1 
ATOM   148  C CE  . LYS A 1 16  ? 1.087   24.320  2.845   0.70 28.86 ? 16  LYS A CE  1 
ATOM   149  N N   . ILE A 1 17  ? -3.150  18.780  3.147   1.00 12.72 ? 17  ILE A N   1 
ATOM   150  C CA  . ILE A 1 17  ? -4.168  17.899  2.582   1.00 11.62 ? 17  ILE A CA  1 
ATOM   151  C C   . ILE A 1 17  ? -4.137  17.953  1.059   1.00 17.23 ? 17  ILE A C   1 
ATOM   152  O O   . ILE A 1 17  ? -4.123  19.033  0.467   1.00 16.09 ? 17  ILE A O   1 
ATOM   153  C CB  . ILE A 1 17  ? -5.576  18.246  3.092   1.00 13.95 ? 17  ILE A CB  1 
ATOM   154  C CG1 . ILE A 1 17  ? -5.687  17.925  4.589   1.00 12.45 ? 17  ILE A CG1 1 
ATOM   155  C CG2 . ILE A 1 17  ? -6.630  17.475  2.313   1.00 16.33 ? 17  ILE A CG2 1 
ATOM   156  C CD1 . ILE A 1 17  ? -7.002  18.357  5.217   1.00 15.24 ? 17  ILE A CD1 1 
ATOM   157  N N   . TYR A 1 18  ? -4.117  16.780  0.432   1.00 13.66 ? 18  TYR A N   1 
ATOM   158  C CA  . TYR A 1 18  ? -4.116  16.693  -1.024  1.00 16.53 ? 18  TYR A CA  1 
ATOM   159  C C   . TYR A 1 18  ? -5.082  15.595  -1.449  1.00 15.92 ? 18  TYR A C   1 
ATOM   160  O O   . TYR A 1 18  ? -5.602  14.864  -0.610  1.00 14.05 ? 18  TYR A O   1 
ATOM   161  C CB  . TYR A 1 18  ? -2.703  16.408  -1.554  1.00 14.64 ? 18  TYR A CB  1 
ATOM   162  C CG  . TYR A 1 18  ? -2.117  15.066  -1.151  1.00 14.23 ? 18  TYR A CG  1 
ATOM   163  C CD1 . TYR A 1 18  ? -1.441  14.913  0.058   1.00 14.25 ? 18  TYR A CD1 1 
ATOM   164  C CD2 . TYR A 1 18  ? -2.207  13.959  -1.995  1.00 18.82 ? 18  TYR A CD2 1 
ATOM   165  C CE1 . TYR A 1 18  ? -0.889  13.692  0.430   1.00 16.78 ? 18  TYR A CE1 1 
ATOM   166  C CE2 . TYR A 1 18  ? -1.657  12.729  -1.630  1.00 16.51 ? 18  TYR A CE2 1 
ATOM   167  C CZ  . TYR A 1 18  ? -1.000  12.605  -0.420  1.00 19.79 ? 18  TYR A CZ  1 
ATOM   168  O OH  . TYR A 1 18  ? -0.451  11.392  -0.048  1.00 18.60 ? 18  TYR A OH  1 
ATOM   169  N N   . LYS A 1 19  ? -5.340  15.482  -2.744  1.00 14.31 ? 19  LYS A N   1 
ATOM   170  C CA  . LYS A 1 19  ? -6.161  14.379  -3.222  1.00 15.33 ? 19  LYS A CA  1 
ATOM   171  C C   . LYS A 1 19  ? -5.277  13.299  -3.803  1.00 15.15 ? 19  LYS A C   1 
ATOM   172  O O   . LYS A 1 19  ? -4.359  13.595  -4.567  1.00 19.20 ? 19  LYS A O   1 
ATOM   173  C CB  . LYS A 1 19  ? -7.164  14.846  -4.271  1.00 17.38 ? 19  LYS A CB  1 
ATOM   174  C CG  . LYS A 1 19  ? -8.320  15.638  -3.715  1.00 17.60 ? 19  LYS A CG  1 
ATOM   175  C CD  . LYS A 1 19  ? -9.287  15.996  -4.828  1.00 21.42 ? 19  LYS A CD  1 
ATOM   176  C CE  . LYS A 1 19  ? -10.488 16.758  -4.292  1.00 24.73 ? 19  LYS A CE  1 
ATOM   177  N NZ  . LYS A 1 19  ? -11.394 17.162  -5.405  1.00 27.99 ? 19  LYS A NZ  1 
ATOM   178  N N   . ASP A 1 20  ? -5.545  12.047  -3.439  1.00 13.93 ? 20  ASP A N   1 
ATOM   179  C CA  . ASP A 1 20  ? -4.742  10.943  -3.945  1.00 18.51 ? 20  ASP A CA  1 
ATOM   180  C C   . ASP A 1 20  ? -5.115  10.634  -5.393  1.00 16.90 ? 20  ASP A C   1 
ATOM   181  O O   . ASP A 1 20  ? -5.877  11.375  -6.018  1.00 16.22 ? 20  ASP A O   1 
ATOM   182  C CB  . ASP A 1 20  ? -4.838  9.697   -3.049  1.00 18.93 ? 20  ASP A CB  1 
ATOM   183  C CG  . ASP A 1 20  ? -6.199  9.019   -3.099  1.00 22.43 ? 20  ASP A CG  1 
ATOM   184  O OD1 . ASP A 1 20  ? -7.077  9.434   -3.887  1.00 18.88 ? 20  ASP A OD1 1 
ATOM   185  O OD2 . ASP A 1 20  ? -6.391  8.042   -2.338  1.00 25.40 ? 20  ASP A OD2 1 
ATOM   186  N N   . THR A 1 21  ? -4.581  9.547   -5.931  1.00 16.61 ? 21  THR A N   1 
ATOM   187  C CA  A THR A 1 21  ? -4.787  9.205   -7.336  0.70 15.66 ? 21  THR A CA  1 
ATOM   188  C CA  B THR A 1 21  ? -4.800  9.270   -7.345  0.30 15.71 ? 21  THR A CA  1 
ATOM   189  C C   . THR A 1 21  ? -6.259  8.928   -7.638  1.00 18.86 ? 21  THR A C   1 
ATOM   190  O O   . THR A 1 21  ? -6.700  9.029   -8.783  1.00 16.47 ? 21  THR A O   1 
ATOM   191  C CB  A THR A 1 21  ? -3.945  7.973   -7.738  0.70 18.72 ? 21  THR A CB  1 
ATOM   192  C CB  B THR A 1 21  ? -3.879  8.164   -7.878  0.30 18.52 ? 21  THR A CB  1 
ATOM   193  O OG1 A THR A 1 21  ? -4.408  6.821   -7.024  0.70 19.51 ? 21  THR A OG1 1 
ATOM   194  O OG1 B THR A 1 21  ? -3.953  8.139   -9.309  0.30 17.54 ? 21  THR A OG1 1 
ATOM   195  C CG2 A THR A 1 21  ? -2.473  8.204   -7.414  0.70 18.15 ? 21  THR A CG2 1 
ATOM   196  C CG2 B THR A 1 21  ? -4.292  6.814   -7.324  0.30 19.44 ? 21  THR A CG2 1 
ATOM   197  N N   . GLU A 1 22  ? -7.014  8.559   -6.605  1.00 14.75 ? 22  GLU A N   1 
ATOM   198  C CA  . GLU A 1 22  ? -8.439  8.250   -6.765  1.00 18.13 ? 22  GLU A CA  1 
ATOM   199  C C   . GLU A 1 22  ? -9.330  9.457   -6.463  1.00 19.78 ? 22  GLU A C   1 
ATOM   200  O O   . GLU A 1 22  ? -10.558 9.365   -6.517  1.00 18.10 ? 22  GLU A O   1 
ATOM   201  C CB  . GLU A 1 22  ? -8.841  7.080   -5.867  1.00 16.90 ? 22  GLU A CB  1 
ATOM   202  C CG  . GLU A 1 22  ? -8.065  5.800   -6.112  1.00 22.12 ? 22  GLU A CG  1 
ATOM   203  C CD  . GLU A 1 22  ? -8.533  5.041   -7.346  1.00 31.08 ? 22  GLU A CD  1 
ATOM   204  O OE1 . GLU A 1 22  ? -9.557  5.432   -7.948  1.00 31.21 ? 22  GLU A OE1 1 
ATOM   205  O OE2 . GLU A 1 22  ? -7.871  4.046   -7.710  1.00 31.40 ? 22  GLU A OE2 1 
ATOM   206  N N   . GLY A 1 23  ? -8.704  10.582  -6.138  1.00 14.72 ? 23  GLY A N   1 
ATOM   207  C CA  . GLY A 1 23  ? -9.419  11.809  -5.832  1.00 15.28 ? 23  GLY A CA  1 
ATOM   208  C C   . GLY A 1 23  ? -9.854  11.947  -4.379  1.00 18.85 ? 23  GLY A C   1 
ATOM   209  O O   . GLY A 1 23  ? -10.692 12.787  -4.063  1.00 16.81 ? 23  GLY A O   1 
ATOM   210  N N   . TYR A 1 24  ? -9.280  11.138  -3.493  1.00 13.34 ? 24  TYR A N   1 
ATOM   211  C CA  . TYR A 1 24  ? -9.650  11.175  -2.073  1.00 14.91 ? 24  TYR A CA  1 
ATOM   212  C C   . TYR A 1 24  ? -8.693  12.007  -1.235  1.00 12.47 ? 24  TYR A C   1 
ATOM   213  O O   . TYR A 1 24  ? -7.482  11.947  -1.422  1.00 14.04 ? 24  TYR A O   1 
ATOM   214  C CB  . TYR A 1 24  ? -9.685  9.769   -1.484  1.00 15.89 ? 24  TYR A CB  1 
ATOM   215  C CG  . TYR A 1 24  ? -10.677 8.839   -2.136  1.00 17.81 ? 24  TYR A CG  1 
ATOM   216  C CD1 . TYR A 1 24  ? -11.976 9.249   -2.396  1.00 23.38 ? 24  TYR A CD1 1 
ATOM   217  C CD2 . TYR A 1 24  ? -10.309 7.549   -2.492  1.00 25.78 ? 24  TYR A CD2 1 
ATOM   218  C CE1 . TYR A 1 24  ? -12.887 8.392   -2.992  1.00 29.79 ? 24  TYR A CE1 1 
ATOM   219  C CE2 . TYR A 1 24  ? -11.208 6.689   -3.089  1.00 26.11 ? 24  TYR A CE2 1 
ATOM   220  C CZ  . TYR A 1 24  ? -12.495 7.115   -3.336  1.00 35.12 ? 24  TYR A CZ  1 
ATOM   221  O OH  . TYR A 1 24  ? -13.393 6.257   -3.930  1.00 34.99 ? 24  TYR A OH  1 
ATOM   222  N N   . TYR A 1 25  ? -9.246  12.743  -0.272  1.00 13.91 ? 25  TYR A N   1 
ATOM   223  C CA  . TYR A 1 25  ? -8.439  13.564  0.621   1.00 12.71 ? 25  TYR A CA  1 
ATOM   224  C C   . TYR A 1 25  ? -7.486  12.722  1.451   1.00 12.83 ? 25  TYR A C   1 
ATOM   225  O O   . TYR A 1 25  ? -7.888  11.751  2.094   1.00 12.88 ? 25  TYR A O   1 
ATOM   226  C CB  . TYR A 1 25  ? -9.318  14.415  1.531   1.00 13.29 ? 25  TYR A CB  1 
ATOM   227  C CG  . TYR A 1 25  ? -10.019 15.514  0.781   1.00 13.54 ? 25  TYR A CG  1 
ATOM   228  C CD1 . TYR A 1 25  ? -9.290  16.505  0.132   1.00 15.13 ? 25  TYR A CD1 1 
ATOM   229  C CD2 . TYR A 1 25  ? -11.408 15.569  0.725   1.00 17.18 ? 25  TYR A CD2 1 
ATOM   230  C CE1 . TYR A 1 25  ? -9.928  17.523  -0.561  1.00 21.61 ? 25  TYR A CE1 1 
ATOM   231  C CE2 . TYR A 1 25  ? -12.054 16.582  0.032   1.00 19.48 ? 25  TYR A CE2 1 
ATOM   232  C CZ  . TYR A 1 25  ? -11.309 17.553  -0.605  1.00 24.11 ? 25  TYR A CZ  1 
ATOM   233  O OH  . TYR A 1 25  ? -11.944 18.564  -1.293  1.00 29.09 ? 25  TYR A OH  1 
ATOM   234  N N   . THR A 1 26  ? -6.231  13.149  1.441   1.00 11.76 ? 26  THR A N   1 
ATOM   235  C CA  . THR A 1 26  ? -5.110  12.372  1.943   1.00 11.89 ? 26  THR A CA  1 
ATOM   236  C C   . THR A 1 26  ? -4.098  13.366  2.492   1.00 14.12 ? 26  THR A C   1 
ATOM   237  O O   . THR A 1 26  ? -4.141  14.548  2.154   1.00 13.60 ? 26  THR A O   1 
ATOM   238  C CB  . THR A 1 26  ? -4.493  11.549  0.777   1.00 13.72 ? 26  THR A CB  1 
ATOM   239  O OG1 . THR A 1 26  ? -5.490  10.669  0.254   1.00 15.82 ? 26  THR A OG1 1 
ATOM   240  C CG2 . THR A 1 26  ? -3.299  10.718  1.227   1.00 13.80 ? 26  THR A CG2 1 
ATOM   241  N N   . ILE A 1 27  ? -3.200  12.908  3.352   1.00 11.63 ? 27  ILE A N   1 
ATOM   242  C CA  . ILE A 1 27  ? -2.130  13.774  3.835   1.00 11.94 ? 27  ILE A CA  1 
ATOM   243  C C   . ILE A 1 27  ? -0.903  12.929  4.159   1.00 13.54 ? 27  ILE A C   1 
ATOM   244  O O   . ILE A 1 27  ? -1.004  11.710  4.293   1.00 12.28 ? 27  ILE A O   1 
ATOM   245  C CB  . ILE A 1 27  ? -2.572  14.592  5.072   1.00 11.57 ? 27  ILE A CB  1 
ATOM   246  C CG1 . ILE A 1 27  ? -1.611  15.759  5.328   1.00 14.89 ? 27  ILE A CG1 1 
ATOM   247  C CG2 . ILE A 1 27  ? -2.703  13.686  6.305   1.00 12.74 ? 27  ILE A CG2 1 
ATOM   248  C CD1 . ILE A 1 27  ? -2.220  16.895  6.137   1.00 18.96 ? 27  ILE A CD1 1 
ATOM   249  N N   . GLY A 1 28  ? 0.253   13.575  4.263   1.00 10.27 ? 28  GLY A N   1 
ATOM   250  C CA  . GLY A 1 28  ? 1.463   12.907  4.707   1.00 10.61 ? 28  GLY A CA  1 
ATOM   251  C C   . GLY A 1 28  ? 1.996   11.921  3.682   1.00 12.83 ? 28  GLY A C   1 
ATOM   252  O O   . GLY A 1 28  ? 2.120   12.245  2.499   1.00 13.18 ? 28  GLY A O   1 
ATOM   253  N N   . ILE A 1 29  ? 2.315   10.715  4.140   1.00 10.59 ? 29  ILE A N   1 
ATOM   254  C CA  . ILE A 1 29  ? 2.810   9.672   3.248   1.00 11.78 ? 29  ILE A CA  1 
ATOM   255  C C   . ILE A 1 29  ? 1.651   8.735   2.912   1.00 12.42 ? 29  ILE A C   1 
ATOM   256  O O   . ILE A 1 29  ? 1.553   7.631   3.426   1.00 12.58 ? 29  ILE A O   1 
ATOM   257  C CB  . ILE A 1 29  ? 4.005   8.934   3.885   1.00 12.45 ? 29  ILE A CB  1 
ATOM   258  C CG1 . ILE A 1 29  ? 5.065   9.962   4.304   1.00 15.17 ? 29  ILE A CG1 1 
ATOM   259  C CG2 . ILE A 1 29  ? 4.592   7.918   2.908   1.00 14.66 ? 29  ILE A CG2 1 
ATOM   260  C CD1 . ILE A 1 29  ? 6.082   9.452   5.314   1.00 19.57 ? 29  ILE A CD1 1 
ATOM   261  N N   . GLY A 1 30  ? 0.734   9.223   2.079   1.00 10.96 ? 30  GLY A N   1 
ATOM   262  C CA  . GLY A 1 30  ? -0.405  8.426   1.652   1.00 12.43 ? 30  GLY A CA  1 
ATOM   263  C C   . GLY A 1 30  ? -1.380  8.055   2.758   1.00 16.06 ? 30  GLY A C   1 
ATOM   264  O O   . GLY A 1 30  ? -1.987  6.988   2.717   1.00 14.10 ? 30  GLY A O   1 
ATOM   265  N N   . HIS A 1 31  ? -1.542  8.921   3.754   1.00 11.65 ? 31  HIS A N   1 
ATOM   266  C CA  . HIS A 1 31  ? -2.538  8.659   4.791   1.00 10.82 ? 31  HIS A CA  1 
ATOM   267  C C   . HIS A 1 31  ? -3.932  9.120   4.351   1.00 11.19 ? 31  HIS A C   1 
ATOM   268  O O   . HIS A 1 31  ? -4.222  10.320  4.329   1.00 12.05 ? 31  HIS A O   1 
ATOM   269  C CB  . HIS A 1 31  ? -2.167  9.333   6.114   1.00 12.00 ? 31  HIS A CB  1 
ATOM   270  C CG  . HIS A 1 31  ? -3.172  9.090   7.198   1.00 14.50 ? 31  HIS A CG  1 
ATOM   271  N ND1 . HIS A 1 31  ? -3.195  7.930   7.940   1.00 14.35 ? 31  HIS A ND1 1 
ATOM   272  C CD2 . HIS A 1 31  ? -4.216  9.836   7.631   1.00 16.36 ? 31  HIS A CD2 1 
ATOM   273  C CE1 . HIS A 1 31  ? -4.200  7.980   8.799   1.00 19.90 ? 31  HIS A CE1 1 
ATOM   274  N NE2 . HIS A 1 31  ? -4.836  9.124   8.631   1.00 14.55 ? 31  HIS A NE2 1 
ATOM   275  N N   . LEU A 1 32  ? -4.792  8.166   4.012   1.00 11.79 ? 32  LEU A N   1 
ATOM   276  C CA  . LEU A 1 32  ? -6.151  8.478   3.572   1.00 12.46 ? 32  LEU A CA  1 
ATOM   277  C C   . LEU A 1 32  ? -6.966  9.081   4.711   1.00 12.73 ? 32  LEU A C   1 
ATOM   278  O O   . LEU A 1 32  ? -7.057  8.501   5.797   1.00 14.17 ? 32  LEU A O   1 
ATOM   279  C CB  . LEU A 1 32  ? -6.846  7.218   3.060   1.00 15.02 ? 32  LEU A CB  1 
ATOM   280  C CG  . LEU A 1 32  ? -8.339  7.344   2.748   1.00 16.66 ? 32  LEU A CG  1 
ATOM   281  C CD1 . LEU A 1 32  ? -8.551  8.279   1.570   1.00 18.26 ? 32  LEU A CD1 1 
ATOM   282  C CD2 . LEU A 1 32  ? -8.936  5.961   2.455   1.00 20.66 ? 32  LEU A CD2 1 
ATOM   283  N N   . LEU A 1 33  ? -7.556  10.244  4.468   1.00 11.02 ? 33  LEU A N   1 
ATOM   284  C CA  . LEU A 1 33  ? -8.346  10.901  5.508   1.00 11.75 ? 33  LEU A CA  1 
ATOM   285  C C   . LEU A 1 33  ? -9.815  10.511  5.426   1.00 15.90 ? 33  LEU A C   1 
ATOM   286  O O   . LEU A 1 33  ? -10.442 10.189  6.437   1.00 19.03 ? 33  LEU A O   1 
ATOM   287  C CB  . LEU A 1 33  ? -8.181  12.421  5.442   1.00 12.36 ? 33  LEU A CB  1 
ATOM   288  C CG  . LEU A 1 33  ? -6.808  12.936  5.878   1.00 12.79 ? 33  LEU A CG  1 
ATOM   289  C CD1 . LEU A 1 33  ? -6.631  14.409  5.489   1.00 13.22 ? 33  LEU A CD1 1 
ATOM   290  C CD2 . LEU A 1 33  ? -6.600  12.744  7.380   1.00 11.52 ? 33  LEU A CD2 1 
ATOM   291  N N   . THR A 1 34  ? -10.364 10.541  4.218   1.00 15.05 ? 34  THR A N   1 
ATOM   292  C CA  . THR A 1 34  ? -11.766 10.209  4.014   1.00 17.67 ? 34  THR A CA  1 
ATOM   293  C C   . THR A 1 34  ? -12.040 10.053  2.529   1.00 18.65 ? 34  THR A C   1 
ATOM   294  O O   . THR A 1 34  ? -11.339 10.625  1.697   1.00 19.28 ? 34  THR A O   1 
ATOM   295  C CB  . THR A 1 34  ? -12.709 11.302  4.585   1.00 19.84 ? 34  THR A CB  1 
ATOM   296  O OG1 . THR A 1 34  ? -14.075 10.898  4.416   1.00 22.98 ? 34  THR A OG1 1 
ATOM   297  C CG2 . THR A 1 34  ? -12.489 12.634  3.873   1.00 18.73 ? 34  THR A CG2 1 
ATOM   298  N N   . LYS A 1 35  ? -13.060 9.274   2.199   1.00 19.16 ? 35  LYS A N   1 
ATOM   299  C CA  . LYS A 1 35  ? -13.495 9.162   0.815   1.00 21.72 ? 35  LYS A CA  1 
ATOM   300  C C   . LYS A 1 35  ? -14.636 10.136  0.544   1.00 23.44 ? 35  LYS A C   1 
ATOM   301  O O   . LYS A 1 35  ? -15.164 10.193  -0.563  1.00 24.31 ? 35  LYS A O   1 
ATOM   302  C CB  . LYS A 1 35  ? -13.906 7.726   0.492   1.00 24.23 ? 35  LYS A CB  1 
ATOM   303  C CG  . LYS A 1 35  ? -12.759 6.741   0.639   1.00 21.36 ? 35  LYS A CG  1 
ATOM   304  C CD  . LYS A 1 35  ? -13.123 5.358   0.123   1.00 30.22 ? 35  LYS A CD  1 
ATOM   305  C CE  . LYS A 1 35  ? -11.953 4.402   0.295   1.00 34.33 ? 35  LYS A CE  1 
ATOM   306  N NZ  . LYS A 1 35  ? -12.258 3.031   -0.199  1.00 41.88 ? 35  LYS A NZ  1 
ATOM   307  N N   . SER A 1 36  ? -14.999 10.909  1.564   1.00 22.92 ? 36  SER A N   1 
ATOM   308  C CA  . SER A 1 36  ? -16.023 11.938  1.421   1.00 24.00 ? 36  SER A CA  1 
ATOM   309  C C   . SER A 1 36  ? -15.521 13.120  0.602   1.00 24.21 ? 36  SER A C   1 
ATOM   310  O O   . SER A 1 36  ? -14.369 13.533  0.740   1.00 20.83 ? 36  SER A O   1 
ATOM   311  C CB  . SER A 1 36  ? -16.480 12.432  2.793   1.00 26.48 ? 36  SER A CB  1 
ATOM   312  O OG  . SER A 1 36  ? -17.207 13.641  2.664   1.00 31.14 ? 36  SER A OG  1 
ATOM   313  N N   . PRO A 1 37  ? -16.394 13.675  -0.253  1.00 23.35 ? 37  PRO A N   1 
ATOM   314  C CA  . PRO A 1 37  ? -16.095 14.842  -1.093  1.00 24.86 ? 37  PRO A CA  1 
ATOM   315  C C   . PRO A 1 37  ? -15.861 16.116  -0.285  1.00 26.48 ? 37  PRO A C   1 
ATOM   316  O O   . PRO A 1 37  ? -15.415 17.117  -0.841  1.00 29.33 ? 37  PRO A O   1 
ATOM   317  C CB  . PRO A 1 37  ? -17.370 15.004  -1.932  1.00 32.29 ? 37  PRO A CB  1 
ATOM   318  C CG  . PRO A 1 37  ? -18.058 13.688  -1.863  1.00 33.14 ? 37  PRO A CG  1 
ATOM   319  C CD  . PRO A 1 37  ? -17.743 13.145  -0.509  1.00 25.38 ? 37  PRO A CD  1 
ATOM   320  N N   . SER A 1 38  ? -16.152 16.078  1.009   1.00 25.64 ? 38  SER A N   1 
ATOM   321  C CA  . SER A 1 38  ? -16.106 17.281  1.835   1.00 23.28 ? 38  SER A CA  1 
ATOM   322  C C   . SER A 1 38  ? -14.729 17.543  2.442   1.00 22.96 ? 38  SER A C   1 
ATOM   323  O O   . SER A 1 38  ? -14.239 16.751  3.247   1.00 21.16 ? 38  SER A O   1 
ATOM   324  C CB  . SER A 1 38  ? -17.146 17.187  2.954   1.00 26.48 ? 38  SER A CB  1 
ATOM   325  O OG  . SER A 1 38  ? -16.874 18.129  3.976   1.00 28.14 ? 38  SER A OG  1 
ATOM   326  N N   . LEU A 1 39  ? -14.117 18.664  2.070   1.00 19.56 ? 39  LEU A N   1 
ATOM   327  C CA  . LEU A 1 39  ? -12.846 19.059  2.664   1.00 23.70 ? 39  LEU A CA  1 
ATOM   328  C C   . LEU A 1 39  ? -12.981 19.253  4.173   1.00 23.20 ? 39  LEU A C   1 
ATOM   329  O O   . LEU A 1 39  ? -12.042 18.993  4.935   1.00 18.16 ? 39  LEU A O   1 
ATOM   330  C CB  . LEU A 1 39  ? -12.316 20.339  2.018   1.00 23.70 ? 39  LEU A CB  1 
ATOM   331  C CG  . LEU A 1 39  ? -11.010 20.879  2.610   1.00 21.25 ? 39  LEU A CG  1 
ATOM   332  C CD1 . LEU A 1 39  ? -9.873  19.877  2.429   1.00 17.97 ? 39  LEU A CD1 1 
ATOM   333  C CD2 . LEU A 1 39  ? -10.646 22.223  2.000   1.00 36.74 ? 39  LEU A CD2 1 
ATOM   334  N N   . ASN A 1 40  ? -14.146 19.716  4.615   1.00 18.94 ? 40  ASN A N   1 
ATOM   335  C CA  . ASN A 1 40  ? -14.354 19.905  6.050   1.00 20.64 ? 40  ASN A CA  1 
ATOM   336  C C   . ASN A 1 40  ? -14.334 18.571  6.796   1.00 18.23 ? 40  ASN A C   1 
ATOM   337  O O   . ASN A 1 40  ? -13.804 18.473  7.907   1.00 19.40 ? 40  ASN A O   1 
ATOM   338  C CB  . ASN A 1 40  ? -15.660 20.654  6.323   1.00 28.78 ? 40  ASN A CB  1 
ATOM   339  C CG  . ASN A 1 40  ? -15.539 22.141  6.067   1.00 31.48 ? 40  ASN A CG  1 
ATOM   340  O OD1 . ASN A 1 40  ? -14.453 22.712  6.166   1.00 39.55 ? 40  ASN A OD1 1 
ATOM   341  N ND2 . ASN A 1 40  ? -16.660 22.778  5.742   1.00 42.07 ? 40  ASN A ND2 1 
ATOM   342  N N   . ALA A 1 41  ? -14.917 17.547  6.181   1.00 22.66 ? 41  ALA A N   1 
ATOM   343  C CA  . ALA A 1 41  ? -14.899 16.208  6.754   1.00 20.27 ? 41  ALA A CA  1 
ATOM   344  C C   . ALA A 1 41  ? -13.463 15.708  6.874   1.00 18.80 ? 41  ALA A C   1 
ATOM   345  O O   . ALA A 1 41  ? -13.086 15.098  7.877   1.00 16.81 ? 41  ALA A O   1 
ATOM   346  C CB  . ALA A 1 41  ? -15.728 15.252  5.909   1.00 20.71 ? 41  ALA A CB  1 
ATOM   347  N N   . ALA A 1 42  ? -12.666 15.966  5.845   1.00 14.71 ? 42  ALA A N   1 
ATOM   348  C CA  . ALA A 1 42  ? -11.253 15.588  5.857   1.00 14.42 ? 42  ALA A CA  1 
ATOM   349  C C   . ALA A 1 42  ? -10.474 16.335  6.936   1.00 14.68 ? 42  ALA A C   1 
ATOM   350  O O   . ALA A 1 42  ? -9.649  15.752  7.637   1.00 13.31 ? 42  ALA A O   1 
ATOM   351  C CB  . ALA A 1 42  ? -10.626 15.833  4.488   1.00 17.00 ? 42  ALA A CB  1 
ATOM   352  N N   . LYS A 1 43  ? -10.722 17.634  7.064   1.00 14.10 ? 43  LYS A N   1 
ATOM   353  C CA  . LYS A 1 43  ? -10.049 18.421  8.089   1.00 15.17 ? 43  LYS A CA  1 
ATOM   354  C C   . LYS A 1 43  ? -10.392 17.917  9.488   1.00 16.32 ? 43  LYS A C   1 
ATOM   355  O O   . LYS A 1 43  ? -9.538  17.888  10.373  1.00 13.81 ? 43  LYS A O   1 
ATOM   356  C CB  . LYS A 1 43  ? -10.400 19.902  7.956   1.00 15.53 ? 43  LYS A CB  1 
ATOM   357  C CG  . LYS A 1 43  ? -9.689  20.581  6.801   1.00 16.80 ? 43  LYS A CG  1 
ATOM   358  C CD  . LYS A 1 43  ? -10.184 21.996  6.607   1.00 20.03 ? 43  LYS A CD  1 
ATOM   359  C CE  . LYS A 1 43  ? -9.338  22.718  5.573   1.00 30.00 ? 43  LYS A CE  1 
ATOM   360  N NZ  . LYS A 1 43  ? -9.662  24.167  5.502   1.00 42.94 ? 43  LYS A NZ  1 
ATOM   361  N N   . SER A 1 44  ? -11.641 17.508  9.683   1.00 15.47 ? 44  SER A N   1 
ATOM   362  C CA  . SER A 1 44  ? -12.050 16.944  10.963  1.00 19.18 ? 44  SER A CA  1 
ATOM   363  C C   . SER A 1 44  ? -11.324 15.629  11.230  1.00 14.53 ? 44  SER A C   1 
ATOM   364  O O   . SER A 1 44  ? -10.812 15.405  12.328  1.00 14.25 ? 44  SER A O   1 
ATOM   365  C CB  . SER A 1 44  ? -13.563 16.731  11.005  1.00 23.91 ? 44  SER A CB  1 
ATOM   366  O OG  . SER A 1 44  ? -13.949 16.224  12.267  1.00 28.89 ? 44  SER A OG  1 
ATOM   367  N N   . GLU A 1 45  ? -11.269 14.764  10.220  1.00 16.19 ? 45  GLU A N   1 
ATOM   368  C CA  . GLU A 1 45  ? -10.546 13.502  10.355  1.00 16.83 ? 45  GLU A CA  1 
ATOM   369  C C   . GLU A 1 45  ? -9.074  13.738  10.667  1.00 13.42 ? 45  GLU A C   1 
ATOM   370  O O   . GLU A 1 45  ? -8.475  13.017  11.469  1.00 13.89 ? 45  GLU A O   1 
ATOM   371  C CB  . GLU A 1 45  ? -10.696 12.643  9.092   1.00 15.68 ? 45  GLU A CB  1 
ATOM   372  C CG  . GLU A 1 45  ? -12.096 12.071  8.901   1.00 15.75 ? 45  GLU A CG  1 
ATOM   373  C CD  . GLU A 1 45  ? -12.501 11.116  10.018  1.00 27.12 ? 45  GLU A CD  1 
ATOM   374  O OE1 . GLU A 1 45  ? -11.719 10.194  10.339  1.00 23.48 ? 45  GLU A OE1 1 
ATOM   375  O OE2 . GLU A 1 45  ? -13.600 11.295  10.585  1.00 25.95 ? 45  GLU A OE2 1 
ATOM   376  N N   . LEU A 1 46  ? -8.486  14.752  10.039  1.00 11.32 ? 46  LEU A N   1 
ATOM   377  C CA  . LEU A 1 46  ? -7.088  15.074  10.293  1.00 11.97 ? 46  LEU A CA  1 
ATOM   378  C C   . LEU A 1 46  ? -6.874  15.499  11.746  1.00 14.83 ? 46  LEU A C   1 
ATOM   379  O O   . LEU A 1 46  ? -5.946  15.046  12.404  1.00 12.61 ? 46  LEU A O   1 
ATOM   380  C CB  . LEU A 1 46  ? -6.611  16.182  9.353   1.00 12.36 ? 46  LEU A CB  1 
ATOM   381  C CG  . LEU A 1 46  ? -5.177  16.638  9.599   1.00 13.12 ? 46  LEU A CG  1 
ATOM   382  C CD1 . LEU A 1 46  ? -4.218  15.459  9.413   1.00 13.65 ? 46  LEU A CD1 1 
ATOM   383  C CD2 . LEU A 1 46  ? -4.803  17.789  8.673   1.00 13.33 ? 46  LEU A CD2 1 
ATOM   384  N N   . ASP A 1 47  ? -7.731  16.384  12.238  1.00 13.16 ? 47  ASP A N   1 
ATOM   385  C CA  . ASP A 1 47  ? -7.602  16.865  13.607  1.00 14.93 ? 47  ASP A CA  1 
ATOM   386  C C   . ASP A 1 47  ? -7.737  15.714  14.601  1.00 13.96 ? 47  ASP A C   1 
ATOM   387  O O   . ASP A 1 47  ? -7.035  15.670  15.618  1.00 16.06 ? 47  ASP A O   1 
ATOM   388  C CB  . ASP A 1 47  ? -8.643  17.949  13.891  1.00 15.97 ? 47  ASP A CB  1 
ATOM   389  C CG  . ASP A 1 47  ? -8.357  19.243  13.144  0.60 16.55 ? 47  ASP A CG  1 
ATOM   390  O OD1 . ASP A 1 47  ? -7.267  19.360  12.545  0.60 12.96 ? 47  ASP A OD1 1 
ATOM   391  O OD2 . ASP A 1 47  ? -9.215  20.153  13.169  0.60 17.06 ? 47  ASP A OD2 1 
ATOM   392  N N   . LYS A 1 48  ? -8.634  14.783  14.292  1.00 11.46 ? 48  LYS A N   1 
ATOM   393  C CA  . LYS A 1 48  ? -8.852  13.597  15.118  1.00 13.14 ? 48  LYS A CA  1 
ATOM   394  C C   . LYS A 1 48  ? -7.612  12.699  15.097  1.00 13.12 ? 48  LYS A C   1 
ATOM   395  O O   . LYS A 1 48  ? -7.190  12.181  16.129  1.00 12.87 ? 48  LYS A O   1 
ATOM   396  C CB  . LYS A 1 48  ? -10.092 12.836  14.628  1.00 16.76 ? 48  LYS A CB  1 
ATOM   397  C CG  . LYS A 1 48  ? -10.333 11.498  15.300  1.00 17.88 ? 48  LYS A CG  1 
ATOM   398  C CD  . LYS A 1 48  ? -11.794 11.050  15.182  1.00 21.02 ? 48  LYS A CD  1 
ATOM   399  C CE  . LYS A 1 48  ? -12.233 10.874  13.738  1.00 21.64 ? 48  LYS A CE  1 
ATOM   400  N NZ  . LYS A 1 48  ? -11.608 9.681   13.112  1.00 18.29 ? 48  LYS A NZ  1 
ATOM   401  N N   . ALA A 1 49  ? -7.011  12.546  13.924  1.00 11.03 ? 49  ALA A N   1 
ATOM   402  C CA  . ALA A 1 49  ? -5.841  11.675  13.779  1.00 13.39 ? 49  ALA A CA  1 
ATOM   403  C C   . ALA A 1 49  ? -4.591  12.215  14.481  1.00 12.10 ? 49  ALA A C   1 
ATOM   404  O O   . ALA A 1 49  ? -3.795  11.452  15.032  1.00 13.54 ? 49  ALA A O   1 
ATOM   405  C CB  . ALA A 1 49  ? -5.553  11.415  12.290  1.00 13.97 ? 49  ALA A CB  1 
ATOM   406  N N   . ILE A 1 50  ? -4.419  13.530  14.450  1.00 11.32 ? 50  ILE A N   1 
ATOM   407  C CA  . ILE A 1 50  ? -3.220  14.173  14.982  1.00 13.81 ? 50  ILE A CA  1 
ATOM   408  C C   . ILE A 1 50  ? -3.400  14.576  16.440  1.00 14.66 ? 50  ILE A C   1 
ATOM   409  O O   . ILE A 1 50  ? -2.438  14.624  17.200  1.00 18.35 ? 50  ILE A O   1 
ATOM   410  C CB  . ILE A 1 50  ? -2.873  15.429  14.157  1.00 12.90 ? 50  ILE A CB  1 
ATOM   411  C CG1 . ILE A 1 50  ? -2.725  15.055  12.680  1.00 15.01 ? 50  ILE A CG1 1 
ATOM   412  C CG2 . ILE A 1 50  ? -1.615  16.088  14.676  1.00 15.86 ? 50  ILE A CG2 1 
ATOM   413  C CD1 . ILE A 1 50  ? -1.570  14.130  12.411  1.00 17.37 ? 50  ILE A CD1 1 
ATOM   414  N N   . GLY A 1 51  ? -4.637  14.871  16.825  1.00 13.18 ? 51  GLY A N   1 
ATOM   415  C CA  . GLY A 1 51  ? -4.935  15.245  18.200  1.00 16.02 ? 51  GLY A CA  1 
ATOM   416  C C   . GLY A 1 51  ? -4.758  16.725  18.504  1.00 24.78 ? 51  GLY A C   1 
ATOM   417  O O   . GLY A 1 51  ? -4.554  17.107  19.656  1.00 21.61 ? 51  GLY A O   1 
ATOM   418  N N   . ARG A 1 52  ? -4.816  17.557  17.470  1.00 18.90 ? 52  ARG A N   1 
ATOM   419  C CA  . ARG A 1 52  ? -4.824  19.011  17.639  1.00 21.84 ? 52  ARG A CA  1 
ATOM   420  C C   . ARG A 1 52  ? -5.532  19.621  16.438  1.00 23.63 ? 52  ARG A C   1 
ATOM   421  O O   . ARG A 1 52  ? -5.792  18.923  15.458  1.00 16.76 ? 52  ARG A O   1 
ATOM   422  C CB  . ARG A 1 52  ? -3.401  19.559  17.740  1.00 21.12 ? 52  ARG A CB  1 
ATOM   423  C CG  . ARG A 1 52  ? -2.573  19.337  16.492  1.00 19.75 ? 52  ARG A CG  1 
ATOM   424  C CD  . ARG A 1 52  ? -1.172  19.930  16.601  1.00 20.47 ? 52  ARG A CD  1 
ATOM   425  N NE  . ARG A 1 52  ? -0.426  19.705  15.365  1.00 20.04 ? 52  ARG A NE  1 
ATOM   426  C CZ  . ARG A 1 52  ? -0.435  20.533  14.327  1.00 25.99 ? 52  ARG A CZ  1 
ATOM   427  N NH1 . ARG A 1 52  ? -1.146  21.655  14.378  1.00 20.36 ? 52  ARG A NH1 1 
ATOM   428  N NH2 . ARG A 1 52  ? 0.267   20.243  13.238  1.00 22.57 ? 52  ARG A NH2 1 
ATOM   429  N N   . ASN A 1 53  ? -5.851  20.912  16.509  1.00 18.28 ? 53  ASN A N   1 
ATOM   430  C CA  . ASN A 1 53  ? -6.470  21.599  15.376  1.00 19.36 ? 53  ASN A CA  1 
ATOM   431  C C   . ASN A 1 53  ? -5.413  21.964  14.329  1.00 18.79 ? 53  ASN A C   1 
ATOM   432  O O   . ASN A 1 53  ? -4.629  22.891  14.524  1.00 19.88 ? 53  ASN A O   1 
ATOM   433  C CB  . ASN A 1 53  ? -7.216  22.852  15.847  1.00 26.35 ? 53  ASN A CB  1 
ATOM   434  C CG  . ASN A 1 53  ? -8.164  23.398  14.794  1.00 33.35 ? 53  ASN A CG  1 
ATOM   435  N N   . CYS A 1 54  ? -5.384  21.220  13.222  1.00 16.31 ? 54  CYS A N   1 
ATOM   436  C CA  . CYS A 1 54  ? -4.290  21.329  12.257  1.00 16.21 ? 54  CYS A CA  1 
ATOM   437  C C   . CYS A 1 54  ? -4.535  22.341  11.147  1.00 13.83 ? 54  CYS A C   1 
ATOM   438  O O   . CYS A 1 54  ? -3.588  22.818  10.517  1.00 17.21 ? 54  CYS A O   1 
ATOM   439  C CB  . CYS A 1 54  ? -4.017  19.967  11.613  1.00 15.81 ? 54  CYS A CB  1 
ATOM   440  S SG  . CYS A 1 54  ? -3.442  18.743  12.790  1.00 21.50 ? 54  CYS A SG  1 
ATOM   441  N N   . ASN A 1 55  ? -5.802  22.644  10.902  1.00 18.91 ? 55  ASN A N   1 
ATOM   442  C CA  . ASN A 1 55  ? -6.181  23.472  9.765   1.00 23.63 ? 55  ASN A CA  1 
ATOM   443  C C   . ASN A 1 55  ? -5.546  22.984  8.463   1.00 22.68 ? 55  ASN A C   1 
ATOM   444  O O   . ASN A 1 55  ? -5.054  23.780  7.660   1.00 21.64 ? 55  ASN A O   1 
ATOM   445  C CB  . ASN A 1 55  ? -5.826  24.939  10.013  1.00 23.47 ? 55  ASN A CB  1 
ATOM   446  C CG  . ASN A 1 55  ? -6.547  25.875  9.061   1.00 26.94 ? 55  ASN A CG  1 
ATOM   447  O OD1 . ASN A 1 55  ? -7.625  25.555  8.554   1.00 34.14 ? 55  ASN A OD1 1 
ATOM   448  N ND2 . ASN A 1 55  ? -5.951  27.032  8.807   1.00 28.83 ? 55  ASN A ND2 1 
ATOM   449  N N   . GLY A 1 56  ? -5.541  21.668  8.280   1.00 18.03 ? 56  GLY A N   1 
ATOM   450  C CA  . GLY A 1 56  ? -5.154  21.058  7.016   1.00 16.14 ? 56  GLY A CA  1 
ATOM   451  C C   . GLY A 1 56  ? -3.667  20.906  6.764   1.00 18.22 ? 56  GLY A C   1 
ATOM   452  O O   . GLY A 1 56  ? -3.261  20.521  5.664   1.00 19.21 ? 56  GLY A O   1 
ATOM   453  N N   . VAL A 1 57  ? -2.851  21.189  7.776   1.00 14.11 ? 57  VAL A N   1 
ATOM   454  C CA  . VAL A 1 57  ? -1.402  21.108  7.626   1.00 14.49 ? 57  VAL A CA  1 
ATOM   455  C C   . VAL A 1 57  ? -0.765  20.396  8.815   1.00 17.56 ? 57  VAL A C   1 
ATOM   456  O O   . VAL A 1 57  ? -1.149  20.630  9.959   1.00 17.94 ? 57  VAL A O   1 
ATOM   457  C CB  . VAL A 1 57  ? -0.774  22.509  7.487   1.00 22.87 ? 57  VAL A CB  1 
ATOM   458  C CG1 . VAL A 1 57  ? 0.743   22.407  7.390   1.00 23.02 ? 57  VAL A CG1 1 
ATOM   459  C CG2 . VAL A 1 57  ? -1.350  23.231  6.275   1.00 28.49 ? 57  VAL A CG2 1 
ATOM   460  N N   . ILE A 1 58  ? 0.201   19.520  8.539   1.00 14.06 ? 58  ILE A N   1 
ATOM   461  C CA  . ILE A 1 58  ? 0.922   18.819  9.600   1.00 13.63 ? 58  ILE A CA  1 
ATOM   462  C C   . ILE A 1 58  ? 2.427   18.973  9.420   1.00 14.50 ? 58  ILE A C   1 
ATOM   463  O O   . ILE A 1 58  ? 2.896   19.473  8.393   1.00 16.23 ? 58  ILE A O   1 
ATOM   464  C CB  . ILE A 1 58  ? 0.566   17.310  9.644   1.00 13.43 ? 58  ILE A CB  1 
ATOM   465  C CG1 . ILE A 1 58  ? 0.940   16.631  8.321   1.00 14.79 ? 58  ILE A CG1 1 
ATOM   466  C CG2 . ILE A 1 58  ? -0.918  17.116  9.974   1.00 12.18 ? 58  ILE A CG2 1 
ATOM   467  C CD1 . ILE A 1 58  ? 0.706   15.115  8.322   1.00 15.31 ? 58  ILE A CD1 1 
ATOM   468  N N   . THR A 1 59  ? 3.186   18.542  10.424  1.00 15.28 ? 59  THR A N   1 
ATOM   469  C CA  . THR A 1 59  ? 4.638   18.601  10.363  1.00 15.58 ? 59  THR A CA  1 
ATOM   470  C C   . THR A 1 59  ? 5.171   17.288  9.811   1.00 18.66 ? 59  THR A C   1 
ATOM   471  O O   . THR A 1 59  ? 4.443   16.300  9.738   1.00 15.46 ? 59  THR A O   1 
ATOM   472  C CB  . THR A 1 59  ? 5.254   18.815  11.757  1.00 17.34 ? 59  THR A CB  1 
ATOM   473  O OG1 . THR A 1 59  ? 4.986   17.674  12.577  1.00 16.97 ? 59  THR A OG1 1 
ATOM   474  C CG2 . THR A 1 59  ? 4.674   20.055  12.421  1.00 20.25 ? 59  THR A CG2 1 
ATOM   475  N N   . LYS A 1 60  ? 6.445   17.272  9.437   1.00 16.10 ? 60  LYS A N   1 
ATOM   476  C CA  . LYS A 1 60  ? 7.051   16.044  8.937   1.00 17.88 ? 60  LYS A CA  1 
ATOM   477  C C   . LYS A 1 60  ? 7.027   14.941  9.997   1.00 15.46 ? 60  LYS A C   1 
ATOM   478  O O   . LYS A 1 60  ? 6.757   13.782  9.686   1.00 14.87 ? 60  LYS A O   1 
ATOM   479  C CB  . LYS A 1 60  ? 8.476   16.295  8.443   1.00 19.90 ? 60  LYS A CB  1 
ATOM   480  C CG  . LYS A 1 60  ? 9.130   15.070  7.810   1.00 19.52 ? 60  LYS A CG  1 
ATOM   481  C CD  . LYS A 1 60  ? 10.508  15.408  7.262   1.00 28.09 ? 60  LYS A CD  1 
ATOM   482  C CE  . LYS A 1 60  ? 11.220  14.170  6.740   1.00 36.01 ? 60  LYS A CE  1 
ATOM   483  N N   . ASP A 1 61  ? 7.304   15.299  11.251  1.00 18.27 ? 61  ASP A N   1 
ATOM   484  C CA  . ASP A 1 61  ? 7.258   14.329  12.341  1.00 17.80 ? 61  ASP A CA  1 
ATOM   485  C C   . ASP A 1 61  ? 5.873   13.697  12.468  1.00 16.56 ? 61  ASP A C   1 
ATOM   486  O O   . ASP A 1 61  ? 5.752   12.492  12.684  1.00 16.83 ? 61  ASP A O   1 
ATOM   487  C CB  . ASP A 1 61  ? 7.656   14.971  13.674  1.00 19.51 ? 61  ASP A CB  1 
ATOM   488  C CG  . ASP A 1 61  ? 9.141   15.254  13.766  0.50 26.56 ? 61  ASP A CG  1 
ATOM   489  O OD1 . ASP A 1 61  ? 9.820   15.235  12.720  0.50 23.85 ? 61  ASP A OD1 1 
ATOM   490  O OD2 . ASP A 1 61  ? 9.627   15.504  14.890  0.50 33.10 ? 61  ASP A OD2 1 
ATOM   491  N N   . GLU A 1 62  ? 4.833   14.517  12.346  1.00 17.01 ? 62  GLU A N   1 
ATOM   492  C CA  . GLU A 1 62  ? 3.460   14.018  12.407  1.00 12.91 ? 62  GLU A CA  1 
ATOM   493  C C   . GLU A 1 62  ? 3.147   13.085  11.240  1.00 12.25 ? 62  GLU A C   1 
ATOM   494  O O   . GLU A 1 62  ? 2.511   12.045  11.420  1.00 12.02 ? 62  GLU A O   1 
ATOM   495  C CB  . GLU A 1 62  ? 2.467   15.180  12.468  1.00 12.37 ? 62  GLU A CB  1 
ATOM   496  C CG  . GLU A 1 62  ? 2.451   15.851  13.843  1.00 17.12 ? 62  GLU A CG  1 
ATOM   497  C CD  . GLU A 1 62  ? 1.753   17.201  13.869  1.00 21.31 ? 62  GLU A CD  1 
ATOM   498  O OE1 . GLU A 1 62  ? 1.523   17.788  12.789  1.00 16.43 ? 62  GLU A OE1 1 
ATOM   499  O OE2 . GLU A 1 62  ? 1.448   17.685  14.988  1.00 19.94 ? 62  GLU A OE2 1 
ATOM   500  N N   . ALA A 1 63  ? 3.587   13.468  10.047  1.00 13.55 ? 63  ALA A N   1 
ATOM   501  C CA  . ALA A 1 63  ? 3.422   12.616  8.872   1.00 11.40 ? 63  ALA A CA  1 
ATOM   502  C C   . ALA A 1 63  ? 4.093   11.258  9.089   1.00 11.45 ? 63  ALA A C   1 
ATOM   503  O O   . ALA A 1 63  ? 3.532   10.211  8.760   1.00 12.13 ? 63  ALA A O   1 
ATOM   504  C CB  . ALA A 1 63  ? 3.985   13.301  7.640   1.00 13.10 ? 63  ALA A CB  1 
ATOM   505  N N   . GLU A 1 64  ? 5.303   11.273  9.636   1.00 11.37 ? 64  GLU A N   1 
ATOM   506  C CA  . GLU A 1 64  ? 6.029   10.026  9.839   1.00 12.99 ? 64  GLU A CA  1 
ATOM   507  C C   . GLU A 1 64  ? 5.377   9.175   10.930  1.00 13.64 ? 64  GLU A C   1 
ATOM   508  O O   . GLU A 1 64  ? 5.397   7.946   10.866  1.00 11.32 ? 64  GLU A O   1 
ATOM   509  C CB  . GLU A 1 64  ? 7.512   10.308  10.120  1.00 16.11 ? 64  GLU A CB  1 
ATOM   510  C CG  . GLU A 1 64  ? 8.217   10.948  8.920   1.00 15.43 ? 64  GLU A CG  1 
ATOM   511  C CD  . GLU A 1 64  ? 9.638   11.388  9.225   1.00 27.36 ? 64  GLU A CD  1 
ATOM   512  O OE1 . GLU A 1 64  ? 9.949   11.631  10.411  0.50 21.47 ? 64  GLU A OE1 1 
ATOM   513  O OE2 . GLU A 1 64  ? 10.441  11.489  8.273   0.50 21.67 ? 64  GLU A OE2 1 
ATOM   514  N N   . LYS A 1 65  ? 4.767   9.820   11.920  1.00 11.44 ? 65  LYS A N   1 
ATOM   515  C CA  . LYS A 1 65  ? 4.029   9.067   12.933  1.00 12.95 ? 65  LYS A CA  1 
ATOM   516  C C   . LYS A 1 65  ? 2.806   8.359   12.343  1.00 9.89  ? 65  LYS A C   1 
ATOM   517  O O   . LYS A 1 65  ? 2.573   7.183   12.622  1.00 12.25 ? 65  LYS A O   1 
ATOM   518  C CB  . LYS A 1 65  ? 3.618   9.960   14.106  1.00 14.33 ? 65  LYS A CB  1 
ATOM   519  C CG  . LYS A 1 65  ? 2.957   9.195   15.242  1.00 19.17 ? 65  LYS A CG  1 
ATOM   520  C CD  . LYS A 1 65  ? 2.815   10.057  16.487  1.00 23.39 ? 65  LYS A CD  1 
ATOM   521  C CE  . LYS A 1 65  ? 2.409   9.212   17.690  1.00 23.71 ? 65  LYS A CE  1 
ATOM   522  N NZ  . LYS A 1 65  ? 2.368   10.013  18.945  1.00 25.41 ? 65  LYS A NZ  1 
ATOM   523  N N   . LEU A 1 66  ? 2.020   9.066   11.530  1.00 11.56 ? 66  LEU A N   1 
ATOM   524  C CA  . LEU A 1 66  ? 0.884   8.431   10.859  1.00 10.91 ? 66  LEU A CA  1 
ATOM   525  C C   . LEU A 1 66  ? 1.379   7.275   9.999   1.00 11.45 ? 66  LEU A C   1 
ATOM   526  O O   . LEU A 1 66  ? 0.755   6.219   9.939   1.00 10.35 ? 66  LEU A O   1 
ATOM   527  C CB  . LEU A 1 66  ? 0.134   9.431   9.973   1.00 11.58 ? 66  LEU A CB  1 
ATOM   528  C CG  . LEU A 1 66  ? -0.593  10.576  10.692  1.00 12.88 ? 66  LEU A CG  1 
ATOM   529  C CD1 . LEU A 1 66  ? -1.276  11.510  9.682   1.00 16.61 ? 66  LEU A CD1 1 
ATOM   530  C CD2 . LEU A 1 66  ? -1.610  10.024  11.682  1.00 16.14 ? 66  LEU A CD2 1 
ATOM   531  N N   . PHE A 1 67  ? 2.504   7.491   9.326   1.00 10.29 ? 67  PHE A N   1 
ATOM   532  C CA  . PHE A 1 67  ? 3.092   6.478   8.441   1.00 11.03 ? 67  PHE A CA  1 
ATOM   533  C C   . PHE A 1 67  ? 3.425   5.200   9.211   1.00 11.69 ? 67  PHE A C   1 
ATOM   534  O O   . PHE A 1 67  ? 3.082   4.098   8.779   1.00 12.96 ? 67  PHE A O   1 
ATOM   535  C CB  . PHE A 1 67  ? 4.349   7.057   7.798   1.00 12.32 ? 67  PHE A CB  1 
ATOM   536  C CG  . PHE A 1 67  ? 4.922   6.225   6.677   1.00 12.35 ? 67  PHE A CG  1 
ATOM   537  C CD1 . PHE A 1 67  ? 4.109   5.441   5.873   1.00 11.04 ? 67  PHE A CD1 1 
ATOM   538  C CD2 . PHE A 1 67  ? 6.287   6.261   6.420   1.00 13.03 ? 67  PHE A CD2 1 
ATOM   539  C CE1 . PHE A 1 67  ? 4.651   4.695   4.832   1.00 14.11 ? 67  PHE A CE1 1 
ATOM   540  C CE2 . PHE A 1 67  ? 6.834   5.518   5.387   1.00 15.14 ? 67  PHE A CE2 1 
ATOM   541  C CZ  . PHE A 1 67  ? 6.011   4.737   4.592   1.00 12.89 ? 67  PHE A CZ  1 
ATOM   542  N N   . ASN A 1 68  ? 4.092   5.343   10.352  1.00 10.17 ? 68  ASN A N   1 
ATOM   543  C CA  A ASN A 1 68  ? 4.402   4.195   11.201  0.70 12.25 ? 68  ASN A CA  1 
ATOM   544  C CA  B ASN A 1 68  ? 4.405   4.191   11.186  0.30 12.34 ? 68  ASN A CA  1 
ATOM   545  C C   . ASN A 1 68  ? 3.131   3.449   11.599  1.00 13.46 ? 68  ASN A C   1 
ATOM   546  O O   . ASN A 1 68  ? 3.070   2.218   11.552  1.00 12.38 ? 68  ASN A O   1 
ATOM   547  C CB  A ASN A 1 68  ? 5.165   4.636   12.455  0.70 15.98 ? 68  ASN A CB  1 
ATOM   548  C CB  B ASN A 1 68  ? 5.203   4.621   12.419  0.30 15.97 ? 68  ASN A CB  1 
ATOM   549  C CG  A ASN A 1 68  ? 6.621   4.944   12.177  0.70 17.01 ? 68  ASN A CG  1 
ATOM   550  C CG  B ASN A 1 68  ? 6.022   3.488   13.009  0.30 15.33 ? 68  ASN A CG  1 
ATOM   551  O OD1 A ASN A 1 68  ? 7.260   4.288   11.356  0.70 23.95 ? 68  ASN A OD1 1 
ATOM   552  O OD1 B ASN A 1 68  ? 5.605   2.331   12.994  0.30 22.94 ? 68  ASN A OD1 1 
ATOM   553  N ND2 A ASN A 1 68  ? 7.157   5.947   12.865  0.70 22.52 ? 68  ASN A ND2 1 
ATOM   554  N ND2 B ASN A 1 68  ? 7.197   3.818   13.528  0.30 20.16 ? 68  ASN A ND2 1 
ATOM   555  N N   . GLN A 1 69  ? 2.108   4.202   11.990  1.00 11.33 ? 69  GLN A N   1 
ATOM   556  C CA  . GLN A 1 69  ? 0.833   3.604   12.372  1.00 13.16 ? 69  GLN A CA  1 
ATOM   557  C C   . GLN A 1 69  ? 0.190   2.847   11.216  1.00 14.94 ? 69  GLN A C   1 
ATOM   558  O O   . GLN A 1 69  ? -0.389  1.775   11.410  1.00 13.42 ? 69  GLN A O   1 
ATOM   559  C CB  . GLN A 1 69  ? -0.128  4.677   12.885  1.00 13.09 ? 69  GLN A CB  1 
ATOM   560  C CG  . GLN A 1 69  ? 0.324   5.276   14.201  1.00 11.01 ? 69  GLN A CG  1 
ATOM   561  C CD  . GLN A 1 69  ? -0.557  6.410   14.676  1.00 16.35 ? 69  GLN A CD  1 
ATOM   562  O OE1 . GLN A 1 69  ? -1.444  6.879   13.954  1.00 18.74 ? 69  GLN A OE1 1 
ATOM   563  N NE2 . GLN A 1 69  ? -0.315  6.859   15.898  1.00 9.83  ? 69  GLN A NE2 1 
ATOM   564  N N   . ASP A 1 70  ? 0.284   3.419   10.019  1.00 12.25 ? 70  ASP A N   1 
ATOM   565  C CA  . ASP A 1 70  ? -0.352  2.838   8.841   1.00 10.70 ? 70  ASP A CA  1 
ATOM   566  C C   . ASP A 1 70  ? 0.366   1.580   8.373   1.00 12.58 ? 70  ASP A C   1 
ATOM   567  O O   . ASP A 1 70  ? -0.273  0.609   7.969   1.00 12.56 ? 70  ASP A O   1 
ATOM   568  C CB  . ASP A 1 70  ? -0.426  3.857   7.696   1.00 11.88 ? 70  ASP A CB  1 
ATOM   569  C CG  . ASP A 1 70  ? -1.373  4.996   7.997   1.00 19.64 ? 70  ASP A CG  1 
ATOM   570  O OD1 . ASP A 1 70  ? -2.237  4.833   8.891   1.00 16.04 ? 70  ASP A OD1 1 
ATOM   571  O OD2 . ASP A 1 70  ? -1.250  6.055   7.344   1.00 17.32 ? 70  ASP A OD2 1 
ATOM   572  N N   . VAL A 1 71  ? 1.691   1.594   8.430   1.00 11.63 ? 71  VAL A N   1 
ATOM   573  C CA  . VAL A 1 71  ? 2.448   0.406   8.057   1.00 12.98 ? 71  VAL A CA  1 
ATOM   574  C C   . VAL A 1 71  ? 2.153   -0.720  9.040   1.00 15.05 ? 71  VAL A C   1 
ATOM   575  O O   . VAL A 1 71  ? 1.925   -1.865  8.642   1.00 13.98 ? 71  VAL A O   1 
ATOM   576  C CB  . VAL A 1 71  ? 3.958   0.678   7.993   1.00 13.05 ? 71  VAL A CB  1 
ATOM   577  C CG1 . VAL A 1 71  ? 4.724   -0.636  7.799   1.00 15.62 ? 71  VAL A CG1 1 
ATOM   578  C CG2 . VAL A 1 71  ? 4.278   1.654   6.849   1.00 13.47 ? 71  VAL A CG2 1 
ATOM   579  N N   . ASP A 1 72  ? 2.146   -0.389  10.327  1.00 13.22 ? 72  ASP A N   1 
ATOM   580  C CA  . ASP A 1 72  ? 1.833   -1.380  11.351  1.00 16.28 ? 72  ASP A CA  1 
ATOM   581  C C   . ASP A 1 72  ? 0.444   -1.968  11.117  1.00 16.27 ? 72  ASP A C   1 
ATOM   582  O O   . ASP A 1 72  ? 0.258   -3.185  11.171  1.00 16.88 ? 72  ASP A O   1 
ATOM   583  C CB  . ASP A 1 72  ? 1.941   -0.773  12.750  1.00 19.25 ? 72  ASP A CB  1 
ATOM   584  C CG  . ASP A 1 72  ? 1.535   -1.754  13.837  0.80 31.90 ? 72  ASP A CG  1 
ATOM   585  O OD1 . ASP A 1 72  ? 2.402   -2.525  14.299  0.80 33.87 ? 72  ASP A OD1 1 
ATOM   586  O OD2 . ASP A 1 72  ? 0.345   -1.761  14.221  0.80 35.89 ? 72  ASP A OD2 1 
ATOM   587  N N   . ALA A 1 73  ? -0.522  -1.102  10.832  1.00 17.99 ? 73  ALA A N   1 
ATOM   588  C CA  . ALA A 1 73  ? -1.892  -1.530  10.560  1.00 17.88 ? 73  ALA A CA  1 
ATOM   589  C C   . ALA A 1 73  ? -1.971  -2.471  9.364   1.00 16.16 ? 73  ALA A C   1 
ATOM   590  O O   . ALA A 1 73  ? -2.713  -3.454  9.383   1.00 18.10 ? 73  ALA A O   1 
ATOM   591  C CB  . ALA A 1 73  ? -2.799  -0.320  10.345  1.00 19.37 ? 73  ALA A CB  1 
ATOM   592  N N   . ALA A 1 74  ? -1.217  -2.159  8.316   1.00 13.83 ? 74  ALA A N   1 
ATOM   593  C CA  . ALA A 1 74  ? -1.196  -3.001  7.122   1.00 18.18 ? 74  ALA A CA  1 
ATOM   594  C C   . ALA A 1 74  ? -0.680  -4.400  7.448   1.00 15.99 ? 74  ALA A C   1 
ATOM   595  O O   . ALA A 1 74  ? -1.270  -5.399  7.035   1.00 16.04 ? 74  ALA A O   1 
ATOM   596  C CB  . ALA A 1 74  ? -0.345  -2.369  6.037   1.00 16.12 ? 74  ALA A CB  1 
ATOM   597  N N   . VAL A 1 75  ? 0.438   -4.461  8.168   1.00 12.71 ? 75  VAL A N   1 
ATOM   598  C CA  . VAL A 1 75  ? 1.034   -5.746  8.537   1.00 15.25 ? 75  VAL A CA  1 
ATOM   599  C C   . VAL A 1 75  ? 0.091   -6.538  9.442   1.00 17.87 ? 75  VAL A C   1 
ATOM   600  O O   . VAL A 1 75  ? -0.155  -7.725  9.223   1.00 16.43 ? 75  VAL A O   1 
ATOM   601  C CB  . VAL A 1 75  ? 2.389   -5.564  9.253   1.00 18.26 ? 75  VAL A CB  1 
ATOM   602  C CG1 . VAL A 1 75  ? 2.931   -6.917  9.712   1.00 20.72 ? 75  VAL A CG1 1 
ATOM   603  C CG2 . VAL A 1 75  ? 3.386   -4.870  8.337   1.00 16.75 ? 75  VAL A CG2 1 
ATOM   604  N N   . ARG A 1 76  ? -0.442  -5.880  10.466  1.00 19.79 ? 76  ARG A N   1 
ATOM   605  C CA  . ARG A 1 76  ? -1.357  -6.554  11.377  1.00 20.62 ? 76  ARG A CA  1 
ATOM   606  C C   . ARG A 1 76  ? -2.579  -7.072  10.638  1.00 20.53 ? 76  ARG A C   1 
ATOM   607  O O   . ARG A 1 76  ? -3.074  -8.168  10.923  1.00 22.47 ? 76  ARG A O   1 
ATOM   608  C CB  . ARG A 1 76  ? -1.779  -5.625  12.509  1.00 21.77 ? 76  ARG A CB  1 
ATOM   609  C CG  . ARG A 1 76  ? -0.701  -5.389  13.536  1.00 30.04 ? 76  ARG A CG  1 
ATOM   610  C CD  . ARG A 1 76  ? -1.297  -4.741  14.767  0.70 29.97 ? 76  ARG A CD  1 
ATOM   611  N NE  . ARG A 1 76  ? -0.300  -4.475  15.792  0.70 30.74 ? 76  ARG A NE  1 
ATOM   612  C CZ  . ARG A 1 76  ? 0.025   -5.324  16.759  0.70 32.24 ? 76  ARG A CZ  1 
ATOM   613  N NH1 . ARG A 1 76  ? -0.559  -6.514  16.834  0.70 28.01 ? 76  ARG A NH1 1 
ATOM   614  N NH2 . ARG A 1 76  ? 0.940   -4.982  17.652  0.70 31.83 ? 76  ARG A NH2 1 
ATOM   615  N N   . GLY A 1 77  ? -3.058  -6.282  9.684   1.00 16.32 ? 77  GLY A N   1 
ATOM   616  C CA  . GLY A 1 77  ? -4.202  -6.662  8.880   1.00 20.79 ? 77  GLY A CA  1 
ATOM   617  C C   . GLY A 1 77  ? -3.931  -7.950  8.129   1.00 24.24 ? 77  GLY A C   1 
ATOM   618  O O   . GLY A 1 77  ? -4.775  -8.851  8.083   1.00 20.44 ? 77  GLY A O   1 
ATOM   619  N N   . ILE A 1 78  ? -2.743  -8.042  7.541   1.00 12.03 ? 78  ILE A N   1 
ATOM   620  C CA  . ILE A 1 78  ? -2.336  -9.252  6.841   1.00 14.27 ? 78  ILE A CA  1 
ATOM   621  C C   . ILE A 1 78  ? -2.309  -10.446 7.792   1.00 18.12 ? 78  ILE A C   1 
ATOM   622  O O   . ILE A 1 78  ? -2.823  -11.518 7.470   1.00 17.58 ? 78  ILE A O   1 
ATOM   623  C CB  . ILE A 1 78  ? -0.954  -9.084  6.186   1.00 13.50 ? 78  ILE A CB  1 
ATOM   624  C CG1 . ILE A 1 78  ? -1.070  -8.216  4.928   1.00 12.01 ? 78  ILE A CG1 1 
ATOM   625  C CG2 . ILE A 1 78  ? -0.365  -10.443 5.820   1.00 16.41 ? 78  ILE A CG2 1 
ATOM   626  C CD1 . ILE A 1 78  ? 0.273   -7.767  4.371   1.00 16.16 ? 78  ILE A CD1 1 
ATOM   627  N N   . LEU A 1 79  ? -1.720  -10.250 8.968   1.00 15.86 ? 79  LEU A N   1 
ATOM   628  C CA  . LEU A 1 79  ? -1.556  -11.347 9.920   1.00 15.76 ? 79  LEU A CA  1 
ATOM   629  C C   . LEU A 1 79  ? -2.883  -11.820 10.510  1.00 23.94 ? 79  LEU A C   1 
ATOM   630  O O   . LEU A 1 79  ? -2.989  -12.960 10.964  1.00 23.83 ? 79  LEU A O   1 
ATOM   631  C CB  . LEU A 1 79  ? -0.571  -10.968 11.034  1.00 18.57 ? 79  LEU A CB  1 
ATOM   632  C CG  . LEU A 1 79  ? 0.869   -10.680 10.596  1.00 21.94 ? 79  LEU A CG  1 
ATOM   633  C CD1 . LEU A 1 79  ? 1.745   -10.362 11.803  1.00 31.07 ? 79  LEU A CD1 1 
ATOM   634  C CD2 . LEU A 1 79  ? 1.446   -11.851 9.798   1.00 23.34 ? 79  LEU A CD2 1 
ATOM   635  N N   . ARG A 1 80  ? -3.896  -10.953 10.494  1.00 18.00 ? 80  ARG A N   1 
ATOM   636  C CA  . ARG A 1 80  ? -5.211  -11.310 11.023  1.00 19.75 ? 80  ARG A CA  1 
ATOM   637  C C   . ARG A 1 80  ? -6.131  -11.867 9.939   1.00 23.87 ? 80  ARG A C   1 
ATOM   638  O O   . ARG A 1 80  ? -7.237  -12.323 10.225  1.00 25.43 ? 80  ARG A O   1 
ATOM   639  C CB  . ARG A 1 80  ? -5.871  -10.099 11.698  1.00 23.00 ? 80  ARG A CB  1 
ATOM   640  N N   . ASN A 1 81  ? -5.677  -11.822 8.692   1.00 20.60 ? 81  ASN A N   1 
ATOM   641  C CA  . ASN A 1 81  ? -6.491  -12.279 7.574   1.00 19.14 ? 81  ASN A CA  1 
ATOM   642  C C   . ASN A 1 81  ? -6.169  -13.718 7.191   1.00 20.03 ? 81  ASN A C   1 
ATOM   643  O O   . ASN A 1 81  ? -5.044  -14.030 6.796   1.00 18.24 ? 81  ASN A O   1 
ATOM   644  C CB  . ASN A 1 81  ? -6.299  -11.365 6.364   1.00 22.63 ? 81  ASN A CB  1 
ATOM   645  C CG  . ASN A 1 81  ? -7.317  -11.626 5.274   1.00 24.98 ? 81  ASN A CG  1 
ATOM   646  O OD1 . ASN A 1 81  ? -7.312  -12.681 4.642   1.00 22.91 ? 81  ASN A OD1 1 
ATOM   647  N ND2 . ASN A 1 81  ? -8.191  -10.654 5.039   1.00 28.56 ? 81  ASN A ND2 1 
ATOM   648  N N   . ALA A 1 82  ? -7.162  -14.596 7.295   1.00 20.25 ? 82  ALA A N   1 
ATOM   649  C CA  . ALA A 1 82  ? -6.939  -16.024 7.064   1.00 24.19 ? 82  ALA A CA  1 
ATOM   650  C C   . ALA A 1 82  ? -6.523  -16.366 5.633   1.00 21.15 ? 82  ALA A C   1 
ATOM   651  O O   . ALA A 1 82  ? -5.900  -17.403 5.398   1.00 23.26 ? 82  ALA A O   1 
ATOM   652  C CB  . ALA A 1 82  ? -8.169  -16.831 7.470   1.00 25.94 ? 82  ALA A CB  1 
ATOM   653  N N   . LYS A 1 83  ? -6.876  -15.516 4.673   1.00 18.78 ? 83  LYS A N   1 
ATOM   654  C CA  . LYS A 1 83  ? -6.453  -15.740 3.293   1.00 19.79 ? 83  LYS A CA  1 
ATOM   655  C C   . LYS A 1 83  ? -5.056  -15.179 3.025   1.00 19.57 ? 83  LYS A C   1 
ATOM   656  O O   . LYS A 1 83  ? -4.281  -15.750 2.252   1.00 20.70 ? 83  LYS A O   1 
ATOM   657  C CB  . LYS A 1 83  ? -7.461  -15.146 2.305   1.00 25.72 ? 83  LYS A CB  1 
ATOM   658  C CG  . LYS A 1 83  ? -8.784  -15.900 2.238   1.00 30.83 ? 83  LYS A CG  1 
ATOM   659  N N   . LEU A 1 84  ? -4.729  -14.068 3.674   1.00 14.38 ? 84  LEU A N   1 
ATOM   660  C CA  . LEU A 1 84  ? -3.451  -13.405 3.434   1.00 15.50 ? 84  LEU A CA  1 
ATOM   661  C C   . LEU A 1 84  ? -2.286  -13.957 4.251   1.00 14.88 ? 84  LEU A C   1 
ATOM   662  O O   . LEU A 1 84  ? -1.167  -14.057 3.745   1.00 14.07 ? 84  LEU A O   1 
ATOM   663  C CB  . LEU A 1 84  ? -3.571  -11.899 3.679   1.00 12.04 ? 84  LEU A CB  1 
ATOM   664  C CG  . LEU A 1 84  ? -4.616  -11.166 2.837   1.00 16.47 ? 84  LEU A CG  1 
ATOM   665  C CD1 . LEU A 1 84  ? -4.555  -9.676  3.144   1.00 15.33 ? 84  LEU A CD1 1 
ATOM   666  C CD2 . LEU A 1 84  ? -4.398  -11.414 1.355   1.00 17.49 ? 84  LEU A CD2 1 
ATOM   667  N N   . LYS A 1 85  ? -2.535  -14.293 5.514   1.00 12.10 ? 85  LYS A N   1 
ATOM   668  C CA  . LYS A 1 85  ? -1.448  -14.702 6.401   1.00 15.70 ? 85  LYS A CA  1 
ATOM   669  C C   . LYS A 1 85  ? -0.593  -15.854 5.861   1.00 12.53 ? 85  LYS A C   1 
ATOM   670  O O   . LYS A 1 85  ? 0.632   -15.767 5.875   1.00 12.93 ? 85  LYS A O   1 
ATOM   671  C CB  . LYS A 1 85  ? -1.970  -15.041 7.802   1.00 13.91 ? 85  LYS A CB  1 
ATOM   672  C CG  . LYS A 1 85  ? -0.860  -15.359 8.787   1.00 16.07 ? 85  LYS A CG  1 
ATOM   673  C CD  . LYS A 1 85  ? -1.420  -15.665 10.166  1.00 25.77 ? 85  LYS A CD  1 
ATOM   674  C CE  . LYS A 1 85  ? -0.315  -15.727 11.208  1.00 33.89 ? 85  LYS A CE  1 
ATOM   675  N NZ  . LYS A 1 85  ? 0.659   -16.812 10.927  1.00 39.03 ? 85  LYS A NZ  1 
ATOM   676  N N   . PRO A 1 86  ? -1.230  -16.939 5.388   1.00 14.42 ? 86  PRO A N   1 
ATOM   677  C CA  . PRO A 1 86  ? -0.415  -18.072 4.924   1.00 17.46 ? 86  PRO A CA  1 
ATOM   678  C C   . PRO A 1 86  ? 0.462   -17.736 3.711   1.00 14.93 ? 86  PRO A C   1 
ATOM   679  O O   . PRO A 1 86  ? 1.585   -18.229 3.626   1.00 13.81 ? 86  PRO A O   1 
ATOM   680  C CB  . PRO A 1 86  ? -1.455  -19.144 4.570   1.00 18.35 ? 86  PRO A CB  1 
ATOM   681  C CG  . PRO A 1 86  ? -2.739  -18.405 4.390   1.00 21.17 ? 86  PRO A CG  1 
ATOM   682  C CD  . PRO A 1 86  ? -2.673  -17.217 5.301   1.00 15.21 ? 86  PRO A CD  1 
ATOM   683  N N   . VAL A 1 87  ? -0.033  -16.908 2.798   1.00 11.90 ? 87  VAL A N   1 
ATOM   684  C CA  . VAL A 1 87  ? 0.778   -16.496 1.659   1.00 12.69 ? 87  VAL A CA  1 
ATOM   685  C C   . VAL A 1 87  ? 1.935   -15.627 2.139   1.00 11.68 ? 87  VAL A C   1 
ATOM   686  O O   . VAL A 1 87  ? 3.090   -15.832 1.761   1.00 12.57 ? 87  VAL A O   1 
ATOM   687  C CB  . VAL A 1 87  ? -0.054  -15.741 0.602   1.00 13.23 ? 87  VAL A CB  1 
ATOM   688  C CG1 . VAL A 1 87  ? 0.800   -15.456 -0.625  1.00 11.74 ? 87  VAL A CG1 1 
ATOM   689  C CG2 . VAL A 1 87  ? -1.300  -16.553 0.221   1.00 15.55 ? 87  VAL A CG2 1 
ATOM   690  N N   . TYR A 1 88  ? 1.619   -14.664 2.996   1.00 8.73  ? 88  TYR A N   1 
ATOM   691  C CA  . TYR A 1 88  ? 2.621   -13.767 3.545   1.00 11.73 ? 88  TYR A CA  1 
ATOM   692  C C   . TYR A 1 88  ? 3.704   -14.558 4.270   1.00 14.15 ? 88  TYR A C   1 
ATOM   693  O O   . TYR A 1 88  ? 4.891   -14.341 4.047   1.00 13.69 ? 88  TYR A O   1 
ATOM   694  C CB  . TYR A 1 88  ? 1.954   -12.758 4.485   1.00 10.91 ? 88  TYR A CB  1 
ATOM   695  C CG  . TYR A 1 88  ? 2.897   -11.733 5.061   1.00 13.83 ? 88  TYR A CG  1 
ATOM   696  C CD1 . TYR A 1 88  ? 3.194   -10.562 4.365   1.00 13.32 ? 88  TYR A CD1 1 
ATOM   697  C CD2 . TYR A 1 88  ? 3.483   -11.926 6.302   1.00 17.33 ? 88  TYR A CD2 1 
ATOM   698  C CE1 . TYR A 1 88  ? 4.054   -9.617  4.893   1.00 15.79 ? 88  TYR A CE1 1 
ATOM   699  C CE2 . TYR A 1 88  ? 4.348   -10.992 6.834   1.00 19.53 ? 88  TYR A CE2 1 
ATOM   700  C CZ  . TYR A 1 88  ? 4.630   -9.837  6.125   1.00 19.50 ? 88  TYR A CZ  1 
ATOM   701  O OH  . TYR A 1 88  ? 5.491   -8.905  6.665   1.00 19.18 ? 88  TYR A OH  1 
ATOM   702  N N   . ASP A 1 89  ? 3.295   -15.490 5.121   1.00 11.22 ? 89  ASP A N   1 
ATOM   703  C CA  . ASP A 1 89  ? 4.274   -16.309 5.847   1.00 15.79 ? 89  ASP A CA  1 
ATOM   704  C C   . ASP A 1 89  ? 5.153   -17.149 4.926   1.00 15.34 ? 89  ASP A C   1 
ATOM   705  O O   . ASP A 1 89  ? 6.292   -17.478 5.266   1.00 16.12 ? 89  ASP A O   1 
ATOM   706  C CB  . ASP A 1 89  ? 3.580   -17.203 6.869   1.00 15.12 ? 89  ASP A CB  1 
ATOM   707  C CG  . ASP A 1 89  ? 3.154   -16.436 8.111   1.00 25.78 ? 89  ASP A CG  1 
ATOM   708  O OD1 . ASP A 1 89  ? 3.611   -15.283 8.285   1.00 20.79 ? 89  ASP A OD1 1 
ATOM   709  O OD2 . ASP A 1 89  ? 2.368   -16.985 8.907   1.00 27.71 ? 89  ASP A OD2 1 
ATOM   710  N N   . SER A 1 90  ? 4.630   -17.491 3.756   1.00 11.97 ? 90  SER A N   1 
ATOM   711  C CA  . SER A 1 90  ? 5.386   -18.301 2.807   1.00 12.32 ? 90  SER A CA  1 
ATOM   712  C C   . SER A 1 90  ? 6.462   -17.496 2.076   1.00 15.06 ? 90  SER A C   1 
ATOM   713  O O   . SER A 1 90  ? 7.387   -18.067 1.498   1.00 12.67 ? 90  SER A O   1 
ATOM   714  C CB  . SER A 1 90  ? 4.442   -18.952 1.789   1.00 16.98 ? 90  SER A CB  1 
ATOM   715  O OG  . SER A 1 90  ? 4.070   -18.025 0.782   1.00 12.90 ? 90  SER A OG  1 
ATOM   716  N N   . LEU A 1 91  ? 6.336   -16.171 2.091   1.00 11.43 ? 91  LEU A N   1 
ATOM   717  C CA  . LEU A 1 91  ? 7.223   -15.309 1.308   1.00 11.99 ? 91  LEU A CA  1 
ATOM   718  C C   . LEU A 1 91  ? 8.537   -14.980 2.006   1.00 14.32 ? 91  LEU A C   1 
ATOM   719  O O   . LEU A 1 91  ? 8.627   -15.012 3.231   1.00 14.94 ? 91  LEU A O   1 
ATOM   720  C CB  . LEU A 1 91  ? 6.519   -13.995 0.962   1.00 10.10 ? 91  LEU A CB  1 
ATOM   721  C CG  . LEU A 1 91  ? 5.263   -14.069 0.089   1.00 11.33 ? 91  LEU A CG  1 
ATOM   722  C CD1 . LEU A 1 91  ? 4.585   -12.702 0.040   1.00 13.57 ? 91  LEU A CD1 1 
ATOM   723  C CD2 . LEU A 1 91  ? 5.616   -14.541 -1.307  1.00 12.91 ? 91  LEU A CD2 1 
ATOM   724  N N   . ASP A 1 92  ? 9.547   -14.657 1.202   1.00 10.23 ? 92  ASP A N   1 
ATOM   725  C CA  . ASP A 1 92  ? 10.806  -14.100 1.695   1.00 13.31 ? 92  ASP A CA  1 
ATOM   726  C C   . ASP A 1 92  ? 10.627  -12.627 2.073   1.00 15.64 ? 92  ASP A C   1 
ATOM   727  O O   . ASP A 1 92  ? 9.608   -12.013 1.757   1.00 13.54 ? 92  ASP A O   1 
ATOM   728  C CB  . ASP A 1 92  ? 11.857  -14.192 0.598   1.00 16.36 ? 92  ASP A CB  1 
ATOM   729  C CG  . ASP A 1 92  ? 11.422  -13.482 -0.661  0.70 14.50 ? 92  ASP A CG  1 
ATOM   730  O OD1 . ASP A 1 92  ? 10.729  -14.116 -1.483  0.70 12.20 ? 92  ASP A OD1 1 
ATOM   731  O OD2 . ASP A 1 92  ? 11.751  -12.285 -0.816  0.70 11.69 ? 92  ASP A OD2 1 
ATOM   732  N N   . ALA A 1 93  ? 11.639  -12.052 2.718   1.00 15.16 ? 93  ALA A N   1 
ATOM   733  C CA  . ALA A 1 93  ? 11.538  -10.695 3.258   1.00 18.65 ? 93  ALA A CA  1 
ATOM   734  C C   . ALA A 1 93  ? 11.209  -9.628  2.218   1.00 14.76 ? 93  ALA A C   1 
ATOM   735  O O   . ALA A 1 93  ? 10.391  -8.736  2.469   1.00 15.02 ? 93  ALA A O   1 
ATOM   736  C CB  . ALA A 1 93  ? 12.821  -10.325 4.008   1.00 18.48 ? 93  ALA A CB  1 
ATOM   737  N N   . VAL A 1 94  ? 11.845  -9.700  1.054   1.00 11.96 ? 94  VAL A N   1 
ATOM   738  C CA  . VAL A 1 94  ? 11.643  -8.664  0.047   1.00 11.86 ? 94  VAL A CA  1 
ATOM   739  C C   . VAL A 1 94  ? 10.223  -8.745  -0.500  1.00 12.34 ? 94  VAL A C   1 
ATOM   740  O O   . VAL A 1 94  ? 9.533   -7.731  -0.654  1.00 10.07 ? 94  VAL A O   1 
ATOM   741  C CB  . VAL A 1 94  ? 12.677  -8.768  -1.082  1.00 14.93 ? 94  VAL A CB  1 
ATOM   742  C CG1 . VAL A 1 94  ? 12.375  -7.752  -2.190  1.00 14.19 ? 94  VAL A CG1 1 
ATOM   743  C CG2 . VAL A 1 94  ? 14.079  -8.552  -0.522  1.00 18.14 ? 94  VAL A CG2 1 
ATOM   744  N N   . ARG A 1 95  ? 9.772   -9.962  -0.775  1.00 10.06 ? 95  ARG A N   1 
ATOM   745  C CA  . ARG A 1 95  ? 8.429   -10.140 -1.308  1.00 8.97  ? 95  ARG A CA  1 
ATOM   746  C C   . ARG A 1 95  ? 7.374   -9.777  -0.264  1.00 11.88 ? 95  ARG A C   1 
ATOM   747  O O   . ARG A 1 95  ? 6.305   -9.283  -0.603  1.00 11.05 ? 95  ARG A O   1 
ATOM   748  C CB  . ARG A 1 95  ? 8.251   -11.562 -1.843  1.00 11.03 ? 95  ARG A CB  1 
ATOM   749  C CG  . ARG A 1 95  ? 9.059   -11.793 -3.116  1.00 10.08 ? 95  ARG A CG  1 
ATOM   750  C CD  . ARG A 1 95  ? 8.784   -13.163 -3.719  1.00 13.23 ? 95  ARG A CD  1 
ATOM   751  N NE  . ARG A 1 95  ? 9.430   -13.309 -5.023  1.00 11.60 ? 95  ARG A NE  1 
ATOM   752  C CZ  . ARG A 1 95  ? 10.604  -13.903 -5.221  1.00 16.18 ? 95  ARG A CZ  1 
ATOM   753  N NH1 . ARG A 1 95  ? 11.282  -14.401 -4.197  1.00 14.60 ? 95  ARG A NH1 1 
ATOM   754  N NH2 . ARG A 1 95  ? 11.107  -13.990 -6.449  1.00 12.26 ? 95  ARG A NH2 1 
ATOM   755  N N   . ARG A 1 96  ? 7.681   -9.992  1.012   1.00 9.35  ? 96  ARG A N   1 
ATOM   756  C CA  . ARG A 1 96  ? 6.777   -9.529  2.060   1.00 9.35  ? 96  ARG A CA  1 
ATOM   757  C C   . ARG A 1 96  ? 6.555   -8.015  1.983   1.00 10.71 ? 96  ARG A C   1 
ATOM   758  O O   . ARG A 1 96  ? 5.453   -7.530  2.232   1.00 11.11 ? 96  ARG A O   1 
ATOM   759  C CB  . ARG A 1 96  ? 7.276   -9.932  3.449   1.00 10.32 ? 96  ARG A CB  1 
ATOM   760  C CG  . ARG A 1 96  ? 7.006   -11.386 3.770   1.00 13.44 ? 96  ARG A CG  1 
ATOM   761  C CD  . ARG A 1 96  ? 7.551   -11.769 5.142   1.00 14.99 ? 96  ARG A CD  1 
ATOM   762  N NE  . ARG A 1 96  ? 7.422   -13.206 5.367   1.00 15.96 ? 96  ARG A NE  1 
ATOM   763  C CZ  . ARG A 1 96  ? 7.941   -13.844 6.411   1.00 21.69 ? 96  ARG A CZ  1 
ATOM   764  N NH1 . ARG A 1 96  ? 8.618   -13.163 7.325   1.00 19.08 ? 96  ARG A NH1 1 
ATOM   765  N NH2 . ARG A 1 96  ? 7.783   -15.155 6.542   1.00 18.96 ? 96  ARG A NH2 1 
ATOM   766  N N   . CYS A 1 97  ? 7.595   -7.270  1.627   1.00 10.23 ? 97  CYS A N   1 
ATOM   767  C CA  . CYS A 1 97  ? 7.449   -5.826  1.462   1.00 12.67 ? 97  CYS A CA  1 
ATOM   768  C C   . CYS A 1 97  ? 6.492   -5.486  0.329   1.00 12.46 ? 97  CYS A C   1 
ATOM   769  O O   . CYS A 1 97  ? 5.676   -4.577  0.455   1.00 11.60 ? 97  CYS A O   1 
ATOM   770  C CB  . CYS A 1 97  ? 8.798   -5.163  1.209   1.00 10.32 ? 97  CYS A CB  1 
ATOM   771  S SG  . CYS A 1 97  ? 9.852   -5.161  2.661   1.00 17.39 ? 97  CYS A SG  1 
ATOM   772  N N   . ALA A 1 98  ? 6.594   -6.213  -0.778  1.00 9.74  ? 98  ALA A N   1 
ATOM   773  C CA  . ALA A 1 98  ? 5.653   -6.019  -1.885  1.00 10.55 ? 98  ALA A CA  1 
ATOM   774  C C   . ALA A 1 98  ? 4.212   -6.268  -1.434  1.00 12.20 ? 98  ALA A C   1 
ATOM   775  O O   . ALA A 1 98  ? 3.294   -5.548  -1.830  1.00 11.08 ? 98  ALA A O   1 
ATOM   776  C CB  . ALA A 1 98  ? 6.010   -6.915  -3.054  1.00 10.38 ? 98  ALA A CB  1 
ATOM   777  N N   . ALA A 1 99  ? 4.019   -7.289  -0.602  1.00 10.91 ? 99  ALA A N   1 
ATOM   778  C CA  . ALA A 1 99  ? 2.692   -7.608  -0.068  1.00 9.46  ? 99  ALA A CA  1 
ATOM   779  C C   . ALA A 1 99  ? 2.140   -6.479  0.797   1.00 11.06 ? 99  ALA A C   1 
ATOM   780  O O   . ALA A 1 99  ? 0.979   -6.084  0.654   1.00 11.24 ? 99  ALA A O   1 
ATOM   781  C CB  . ALA A 1 99  ? 2.735   -8.923  0.721   1.00 9.95  ? 99  ALA A CB  1 
ATOM   782  N N   . ILE A 1 100 ? 2.976   -5.956  1.690   1.00 10.71 ? 100 ILE A N   1 
ATOM   783  C CA  . ILE A 1 100 ? 2.555   -4.875  2.572   1.00 10.86 ? 100 ILE A CA  1 
ATOM   784  C C   . ILE A 1 100 ? 2.197   -3.642  1.743   1.00 10.36 ? 100 ILE A C   1 
ATOM   785  O O   . ILE A 1 100 ? 1.197   -2.960  2.008   1.00 11.21 ? 100 ILE A O   1 
ATOM   786  C CB  . ILE A 1 100 ? 3.647   -4.538  3.615   1.00 9.89  ? 100 ILE A CB  1 
ATOM   787  C CG1 . ILE A 1 100 ? 3.903   -5.739  4.531   1.00 9.83  ? 100 ILE A CG1 1 
ATOM   788  C CG2 . ILE A 1 100 ? 3.245   -3.316  4.440   1.00 12.28 ? 100 ILE A CG2 1 
ATOM   789  C CD1 . ILE A 1 100 ? 5.219   -5.663  5.292   1.00 13.31 ? 100 ILE A CD1 1 
ATOM   790  N N   . ASN A 1 101 ? 3.010   -3.372  0.727   1.00 9.93  ? 101 ASN A N   1 
ATOM   791  C CA  . ASN A 1 101 ? 2.765   -2.259  -0.186  1.00 10.95 ? 101 ASN A CA  1 
ATOM   792  C C   . ASN A 1 101 ? 1.358   -2.322  -0.796  1.00 12.95 ? 101 ASN A C   1 
ATOM   793  O O   . ASN A 1 101 ? 0.627   -1.331  -0.786  1.00 12.34 ? 101 ASN A O   1 
ATOM   794  C CB  . ASN A 1 101 ? 3.844   -2.247  -1.287  1.00 10.02 ? 101 ASN A CB  1 
ATOM   795  C CG  . ASN A 1 101 ? 3.881   -0.945  -2.064  1.00 11.54 ? 101 ASN A CG  1 
ATOM   796  O OD1 . ASN A 1 101 ? 2.865   -0.486  -2.599  1.00 11.68 ? 101 ASN A OD1 1 
ATOM   797  N ND2 . ASN A 1 101 ? 5.058   -0.336  -2.128  1.00 11.68 ? 101 ASN A ND2 1 
ATOM   798  N N   . MET A 1 102 ? 0.971   -3.485  -1.322  1.00 10.84 ? 102 MET A N   1 
ATOM   799  C CA  . MET A 1 102 ? -0.365  -3.636  -1.904  1.00 11.17 ? 102 MET A CA  1 
ATOM   800  C C   . MET A 1 102 ? -1.483  -3.414  -0.880  1.00 11.91 ? 102 MET A C   1 
ATOM   801  O O   . MET A 1 102 ? -2.486  -2.760  -1.173  1.00 12.74 ? 102 MET A O   1 
ATOM   802  C CB  . MET A 1 102 ? -0.528  -5.007  -2.567  1.00 10.79 ? 102 MET A CB  1 
ATOM   803  C CG  . MET A 1 102 ? 0.377   -5.216  -3.766  1.00 11.83 ? 102 MET A CG  1 
ATOM   804  S SD  . MET A 1 102 ? -0.027  -6.741  -4.633  1.00 14.74 ? 102 MET A SD  1 
ATOM   805  C CE  . MET A 1 102 ? -1.605  -6.324  -5.374  1.00 15.47 ? 102 MET A CE  1 
ATOM   806  N N   . VAL A 1 103 ? -1.315  -3.968  0.314   1.00 11.36 ? 103 VAL A N   1 
ATOM   807  C CA  . VAL A 1 103 ? -2.326  -3.819  1.355   1.00 10.07 ? 103 VAL A CA  1 
ATOM   808  C C   . VAL A 1 103 ? -2.385  -2.372  1.846   1.00 13.34 ? 103 VAL A C   1 
ATOM   809  O O   . VAL A 1 103 ? -3.457  -1.855  2.153   1.00 14.24 ? 103 VAL A O   1 
ATOM   810  C CB  . VAL A 1 103 ? -2.089  -4.799  2.524   1.00 14.42 ? 103 VAL A CB  1 
ATOM   811  C CG1 . VAL A 1 103 ? -3.000  -4.465  3.706   1.00 17.90 ? 103 VAL A CG1 1 
ATOM   812  C CG2 . VAL A 1 103 ? -2.325  -6.241  2.051   1.00 13.60 ? 103 VAL A CG2 1 
ATOM   813  N N   . PHE A 1 104 ? -1.230  -1.717  1.901   1.00 11.52 ? 104 PHE A N   1 
ATOM   814  C CA  . PHE A 1 104 ? -1.174  -0.300  2.265   1.00 12.10 ? 104 PHE A CA  1 
ATOM   815  C C   . PHE A 1 104 ? -1.982  0.521   1.262   1.00 13.30 ? 104 PHE A C   1 
ATOM   816  O O   . PHE A 1 104 ? -2.752  1.419   1.635   1.00 14.94 ? 104 PHE A O   1 
ATOM   817  C CB  . PHE A 1 104 ? 0.282   0.177   2.321   1.00 10.57 ? 104 PHE A CB  1 
ATOM   818  C CG  . PHE A 1 104 ? 0.450   1.591   2.817   1.00 9.51  ? 104 PHE A CG  1 
ATOM   819  C CD1 . PHE A 1 104 ? 0.300   2.663   1.953   1.00 12.62 ? 104 PHE A CD1 1 
ATOM   820  C CD2 . PHE A 1 104 ? 0.787   1.841   4.140   1.00 15.67 ? 104 PHE A CD2 1 
ATOM   821  C CE1 . PHE A 1 104 ? 0.461   3.964   2.408   1.00 16.86 ? 104 PHE A CE1 1 
ATOM   822  C CE2 . PHE A 1 104 ? 0.965   3.135   4.596   1.00 15.92 ? 104 PHE A CE2 1 
ATOM   823  C CZ  . PHE A 1 104 ? 0.798   4.198   3.728   1.00 15.07 ? 104 PHE A CZ  1 
ATOM   824  N N   . GLN A 1 105 ? -1.837  0.198   -0.018  1.00 11.82 ? 105 GLN A N   1 
ATOM   825  C CA  . GLN A 1 105 ? -2.492  0.980   -1.061  1.00 12.69 ? 105 GLN A CA  1 
ATOM   826  C C   . GLN A 1 105 ? -3.986  0.688   -1.192  1.00 16.06 ? 105 GLN A C   1 
ATOM   827  O O   . GLN A 1 105 ? -4.793  1.602   -1.356  1.00 17.54 ? 105 GLN A O   1 
ATOM   828  C CB  . GLN A 1 105 ? -1.817  0.743   -2.425  1.00 13.90 ? 105 GLN A CB  1 
ATOM   829  C CG  . GLN A 1 105 ? -2.413  1.598   -3.551  1.00 15.28 ? 105 GLN A CG  1 
ATOM   830  C CD  . GLN A 1 105 ? -1.786  1.340   -4.914  1.00 16.96 ? 105 GLN A CD  1 
ATOM   831  O OE1 . GLN A 1 105 ? -0.889  0.515   -5.056  1.00 15.37 ? 105 GLN A OE1 1 
ATOM   832  N NE2 . GLN A 1 105 ? -2.265  2.052   -5.927  1.00 19.11 ? 105 GLN A NE2 1 
ATOM   833  N N   . MET A 1 106 ? -4.362  -0.583  -1.135  1.00 11.69 ? 106 MET A N   1 
ATOM   834  C CA  A MET A 1 106 ? -5.737  -0.937  -1.479  0.50 14.77 ? 106 MET A CA  1 
ATOM   835  C CA  B MET A 1 106 ? -5.714  -1.006  -1.498  0.50 14.76 ? 106 MET A CA  1 
ATOM   836  C C   . MET A 1 106 ? -6.539  -1.550  -0.339  1.00 18.89 ? 106 MET A C   1 
ATOM   837  O O   . MET A 1 106 ? -7.745  -1.770  -0.479  1.00 19.80 ? 106 MET A O   1 
ATOM   838  C CB  A MET A 1 106 ? -5.782  -1.822  -2.734  0.50 18.30 ? 106 MET A CB  1 
ATOM   839  C CB  B MET A 1 106 ? -5.650  -2.055  -2.612  0.50 17.56 ? 106 MET A CB  1 
ATOM   840  C CG  A MET A 1 106 ? -5.062  -3.143  -2.611  0.50 15.32 ? 106 MET A CG  1 
ATOM   841  C CG  B MET A 1 106 ? -5.093  -1.518  -3.916  0.50 17.89 ? 106 MET A CG  1 
ATOM   842  S SD  A MET A 1 106 ? -4.889  -3.989  -4.196  0.50 29.57 ? 106 MET A SD  1 
ATOM   843  S SD  B MET A 1 106 ? -5.250  -2.693  -5.266  0.50 18.48 ? 106 MET A SD  1 
ATOM   844  C CE  A MET A 1 106 ? -3.411  -3.196  -4.830  0.50 16.56 ? 106 MET A CE  1 
ATOM   845  C CE  B MET A 1 106 ? -3.942  -3.850  -4.877  0.50 18.94 ? 106 MET A CE  1 
ATOM   846  N N   . GLY A 1 107 ? -5.885  -1.798  0.790   1.00 15.20 ? 107 GLY A N   1 
ATOM   847  C CA  . GLY A 1 107 ? -6.562  -2.343  1.950   1.00 19.96 ? 107 GLY A CA  1 
ATOM   848  C C   . GLY A 1 107 ? -6.700  -3.850  1.858   1.00 20.86 ? 107 GLY A C   1 
ATOM   849  O O   . GLY A 1 107 ? -6.481  -4.440  0.797   1.00 21.39 ? 107 GLY A O   1 
ATOM   850  N N   A GLU A 1 108 ? -6.968  -4.451  3.015   0.50 25.65 ? 108 GLU A N   1 
ATOM   851  N N   B GLU A 1 108 ? -7.175  -4.481  2.923   0.50 26.02 ? 108 GLU A N   1 
ATOM   852  C CA  A GLU A 1 108 ? -6.827  -5.888  3.247   0.50 28.13 ? 108 GLU A CA  1 
ATOM   853  C CA  B GLU A 1 108 ? -7.572  -5.884  2.821   0.50 28.31 ? 108 GLU A CA  1 
ATOM   854  C C   A GLU A 1 108 ? -7.908  -6.719  2.575   0.50 27.23 ? 108 GLU A C   1 
ATOM   855  C C   B GLU A 1 108 ? -8.647  -6.091  1.745   0.50 27.63 ? 108 GLU A C   1 
ATOM   856  O O   A GLU A 1 108 ? -7.625  -7.759  1.984   0.50 22.82 ? 108 GLU A O   1 
ATOM   857  O O   B GLU A 1 108 ? -8.597  -7.059  0.985   0.50 25.94 ? 108 GLU A O   1 
ATOM   858  C CB  A GLU A 1 108 ? -6.827  -6.166  4.754   0.50 31.24 ? 108 GLU A CB  1 
ATOM   859  C CB  B GLU A 1 108 ? -8.068  -6.415  4.167   0.50 31.75 ? 108 GLU A CB  1 
ATOM   860  C CG  A GLU A 1 108 ? -7.176  -7.596  5.131   0.50 31.50 ? 108 GLU A CG  1 
ATOM   861  C CG  B GLU A 1 108 ? -6.999  -6.506  5.243   0.50 31.77 ? 108 GLU A CG  1 
ATOM   862  C CD  A GLU A 1 108 ? -7.747  -7.705  6.536   0.50 35.91 ? 108 GLU A CD  1 
ATOM   863  C CD  B GLU A 1 108 ? -7.495  -7.222  6.483   0.50 37.27 ? 108 GLU A CD  1 
ATOM   864  O OE1 A GLU A 1 108 ? -7.865  -6.665  7.218   0.50 40.30 ? 108 GLU A OE1 1 
ATOM   865  O OE1 B GLU A 1 108 ? -8.434  -8.037  6.358   0.50 32.21 ? 108 GLU A OE1 1 
ATOM   866  O OE2 A GLU A 1 108 ? -8.084  -8.834  6.956   0.50 34.06 ? 108 GLU A OE2 1 
ATOM   867  O OE2 B GLU A 1 108 ? -6.953  -6.968  7.580   0.50 41.40 ? 108 GLU A OE2 1 
ATOM   868  N N   A THR A 1 109 ? -9.150  -6.266  2.687   0.50 27.87 ? 109 THR A N   1 
ATOM   869  N N   B THR A 1 109 ? -9.610  -5.176  1.677   0.50 27.48 ? 109 THR A N   1 
ATOM   870  C CA  A THR A 1 109 ? -10.258 -6.946  2.037   0.50 28.13 ? 109 THR A CA  1 
ATOM   871  C CA  B THR A 1 109 ? -10.732 -5.307  0.746   0.50 27.75 ? 109 THR A CA  1 
ATOM   872  C C   A THR A 1 109 ? -10.073 -6.915  0.523   0.50 26.52 ? 109 THR A C   1 
ATOM   873  C C   B THR A 1 109 ? -10.305 -5.220  -0.719  0.50 27.64 ? 109 THR A C   1 
ATOM   874  O O   A THR A 1 109 ? -10.423 -7.868  -0.178  0.50 27.30 ? 109 THR A O   1 
ATOM   875  O O   B THR A 1 109 ? -10.783 -5.983  -1.561  0.50 26.71 ? 109 THR A O   1 
ATOM   876  C CB  A THR A 1 109 ? -11.608 -6.308  2.417   0.50 27.93 ? 109 THR A CB  1 
ATOM   877  C CB  B THR A 1 109 ? -11.825 -4.246  1.009   0.50 33.20 ? 109 THR A CB  1 
ATOM   878  O OG1 A THR A 1 109 ? -11.558 -4.898  2.168   0.50 32.27 ? 109 THR A OG1 1 
ATOM   879  O OG1 B THR A 1 109 ? -11.305 -2.937  0.746   0.50 41.48 ? 109 THR A OG1 1 
ATOM   880  C CG2 A THR A 1 109 ? -11.905 -6.540  3.889   0.50 31.23 ? 109 THR A CG2 1 
ATOM   881  C CG2 B THR A 1 109 ? -12.309 -4.320  2.448   0.50 33.85 ? 109 THR A CG2 1 
ATOM   882  N N   A GLY A 1 110 ? -9.506  -5.820  0.027   0.50 27.40 ? 110 GLY A N   1 
ATOM   883  N N   B GLY A 1 110 ? -9.409  -4.288  -1.022  0.50 22.65 ? 110 GLY A N   1 
ATOM   884  C CA  A GLY A 1 110 ? -9.274  -5.653  -1.396  0.50 25.76 ? 110 GLY A CA  1 
ATOM   885  C CA  B GLY A 1 110 ? -8.965  -4.080  -2.388  0.50 24.00 ? 110 GLY A CA  1 
ATOM   886  C C   A GLY A 1 110 ? -8.301  -6.672  -1.956  0.50 24.22 ? 110 GLY A C   1 
ATOM   887  C C   B GLY A 1 110 ? -8.212  -5.269  -2.951  0.50 23.47 ? 110 GLY A C   1 
ATOM   888  O O   A GLY A 1 110 ? -8.605  -7.364  -2.929  0.50 24.33 ? 110 GLY A O   1 
ATOM   889  O O   B GLY A 1 110 ? -8.079  -5.415  -4.167  0.50 23.26 ? 110 GLY A O   1 
ATOM   890  N N   A VAL A 1 111 ? -7.129  -6.769  -1.337  0.50 23.13 ? 111 VAL A N   1 
ATOM   891  N N   B VAL A 1 111 ? -7.722  -6.123  -2.058  0.50 21.98 ? 111 VAL A N   1 
ATOM   892  C CA  A VAL A 1 111 ? -6.097  -7.697  -1.787  0.50 20.42 ? 111 VAL A CA  1 
ATOM   893  C CA  B VAL A 1 111 ? -6.936  -7.291  -2.443  0.50 23.18 ? 111 VAL A CA  1 
ATOM   894  C C   A VAL A 1 111 ? -6.496  -9.151  -1.548  0.50 21.63 ? 111 VAL A C   1 
ATOM   895  C C   B VAL A 1 111 ? -7.825  -8.522  -2.637  0.50 22.69 ? 111 VAL A C   1 
ATOM   896  O O   A VAL A 1 111 ? -6.106  -10.043 -2.301  0.50 21.05 ? 111 VAL A O   1 
ATOM   897  O O   B VAL A 1 111 ? -7.383  -9.548  -3.154  0.50 21.06 ? 111 VAL A O   1 
ATOM   898  C CB  A VAL A 1 111 ? -4.765  -7.441  -1.064  0.50 21.57 ? 111 VAL A CB  1 
ATOM   899  C CB  B VAL A 1 111 ? -5.838  -7.574  -1.390  0.50 20.65 ? 111 VAL A CB  1 
ATOM   900  C CG1 A VAL A 1 111 ? -4.281  -6.024  -1.323  0.50 23.21 ? 111 VAL A CG1 1 
ATOM   901  C CG1 B VAL A 1 111 ? -5.216  -8.949  -1.587  0.50 26.33 ? 111 VAL A CG1 1 
ATOM   902  C CG2 A VAL A 1 111 ? -4.926  -7.682  0.419   0.50 23.75 ? 111 VAL A CG2 1 
ATOM   903  C CG2 B VAL A 1 111 ? -4.774  -6.488  -1.436  0.50 24.19 ? 111 VAL A CG2 1 
ATOM   904  N N   A ALA A 1 112 ? -7.266  -9.387  -0.489  0.50 19.96 ? 112 ALA A N   1 
ATOM   905  N N   B ALA A 1 112 ? -9.089  -8.399  -2.246  0.50 23.08 ? 112 ALA A N   1 
ATOM   906  C CA  A ALA A 1 112 ? -7.702  -10.735 -0.145  0.50 21.86 ? 112 ALA A CA  1 
ATOM   907  C CA  B ALA A 1 112 ? -10.032 -9.518  -2.265  0.50 24.18 ? 112 ALA A CA  1 
ATOM   908  C C   A ALA A 1 112 ? -8.520  -11.351 -1.277  0.50 22.78 ? 112 ALA A C   1 
ATOM   909  C C   B ALA A 1 112 ? -10.121 -10.257 -3.604  0.50 23.15 ? 112 ALA A C   1 
ATOM   910  O O   A ALA A 1 112 ? -8.708  -12.569 -1.335  0.50 24.90 ? 112 ALA A O   1 
ATOM   911  O O   B ALA A 1 112 ? -10.404 -11.456 -3.638  0.50 22.27 ? 112 ALA A O   1 
ATOM   912  C CB  A ALA A 1 112 ? -8.505  -10.719 1.151   0.50 23.89 ? 112 ALA A CB  1 
ATOM   913  C CB  B ALA A 1 112 ? -11.417 -9.050  -1.823  0.50 24.23 ? 112 ALA A CB  1 
ATOM   914  N N   A GLY A 1 113 ? -9.003  -10.500 -2.175  0.50 20.09 ? 113 GLY A N   1 
ATOM   915  N N   B GLY A 1 113 ? -9.884  -9.546  -4.702  0.50 20.61 ? 113 GLY A N   1 
ATOM   916  C CA  A GLY A 1 113 ? -9.767  -10.949 -3.324  0.50 23.94 ? 113 GLY A CA  1 
ATOM   917  C CA  B GLY A 1 113 ? -10.012 -10.141 -6.020  0.50 23.79 ? 113 GLY A CA  1 
ATOM   918  C C   A GLY A 1 113 ? -8.897  -11.302 -4.517  0.50 24.11 ? 113 GLY A C   1 
ATOM   919  C C   B GLY A 1 113 ? -8.782  -10.907 -6.475  0.50 18.87 ? 113 GLY A C   1 
ATOM   920  O O   A GLY A 1 113 ? -9.378  -11.874 -5.497  0.50 21.96 ? 113 GLY A O   1 
ATOM   921  O O   B GLY A 1 113 ? -8.798  -11.549 -7.524  0.50 16.90 ? 113 GLY A O   1 
ATOM   922  N N   A PHE A 1 114 ? -7.617  -10.947 -4.439  0.50 22.56 ? 114 PHE A N   1 
ATOM   923  N N   B PHE A 1 114 ? -7.719  -10.847 -5.678  0.50 19.73 ? 114 PHE A N   1 
ATOM   924  C CA  A PHE A 1 114 ? -6.640  -11.311 -5.464  0.50 19.49 ? 114 PHE A CA  1 
ATOM   925  C CA  B PHE A 1 114 ? -6.427  -11.418 -6.057  0.50 17.36 ? 114 PHE A CA  1 
ATOM   926  C C   A PHE A 1 114 ? -6.303  -12.793 -5.331  0.50 18.56 ? 114 PHE A C   1 
ATOM   927  C C   B PHE A 1 114 ? -6.240  -12.905 -5.702  0.50 18.85 ? 114 PHE A C   1 
ATOM   928  O O   A PHE A 1 114 ? -5.148  -13.174 -5.152  0.50 16.19 ? 114 PHE A O   1 
ATOM   929  O O   B PHE A 1 114 ? -5.111  -13.395 -5.683  0.50 14.34 ? 114 PHE A O   1 
ATOM   930  C CB  A PHE A 1 114 ? -5.376  -10.465 -5.313  0.50 17.56 ? 114 PHE A CB  1 
ATOM   931  C CB  B PHE A 1 114 ? -5.282  -10.596 -5.442  0.50 17.63 ? 114 PHE A CB  1 
ATOM   932  C CG  A PHE A 1 114 ? -5.391  -9.193  -6.121  0.50 19.61 ? 114 PHE A CG  1 
ATOM   933  C CG  B PHE A 1 114 ? -5.053  -9.255  -6.107  0.50 19.13 ? 114 PHE A CG  1 
ATOM   934  C CD1 A PHE A 1 114 ? -4.357  -8.904  -6.997  0.50 18.14 ? 114 PHE A CD1 1 
ATOM   935  C CD1 B PHE A 1 114 ? -4.284  -9.159  -7.257  0.50 18.33 ? 114 PHE A CD1 1 
ATOM   936  C CD2 A PHE A 1 114 ? -6.443  -8.295  -6.014  0.50 20.58 ? 114 PHE A CD2 1 
ATOM   937  C CD2 B PHE A 1 114 ? -5.588  -8.095  -5.570  0.50 21.24 ? 114 PHE A CD2 1 
ATOM   938  C CE1 A PHE A 1 114 ? -4.364  -7.738  -7.747  0.50 18.94 ? 114 PHE A CE1 1 
ATOM   939  C CE1 B PHE A 1 114 ? -4.067  -7.929  -7.870  0.50 18.13 ? 114 PHE A CE1 1 
ATOM   940  C CE2 A PHE A 1 114 ? -6.454  -7.128  -6.757  0.50 16.60 ? 114 PHE A CE2 1 
ATOM   941  C CE2 B PHE A 1 114 ? -5.377  -6.863  -6.176  0.50 17.21 ? 114 PHE A CE2 1 
ATOM   942  C CZ  A PHE A 1 114 ? -5.415  -6.849  -7.624  0.50 16.45 ? 114 PHE A CZ  1 
ATOM   943  C CZ  B PHE A 1 114 ? -4.615  -6.781  -7.326  0.50 18.49 ? 114 PHE A CZ  1 
ATOM   944  N N   . THR A 1 115 ? -7.331  -13.621 -5.439  1.00 18.52 ? 115 THR A N   1 
ATOM   945  C CA  . THR A 1 115 ? -7.249  -15.044 -5.094  1.00 19.05 ? 115 THR A CA  1 
ATOM   946  C C   . THR A 1 115 ? -6.293  -15.876 -5.946  1.00 19.90 ? 115 THR A C   1 
ATOM   947  O O   . THR A 1 115 ? -5.516  -16.677 -5.428  1.00 14.94 ? 115 THR A O   1 
ATOM   948  C CB  . THR A 1 115 ? -8.646  -15.697 -5.145  1.00 23.85 ? 115 THR A CB  1 
ATOM   949  O OG1 . THR A 1 115 ? -9.525  -14.993 -4.263  1.00 28.83 ? 115 THR A OG1 1 
ATOM   950  C CG2 . THR A 1 115 ? -8.575  -17.162 -4.726  1.00 31.51 ? 115 THR A CG2 1 
ATOM   951  N N   . ASN A 1 116 ? -6.352  -15.694 -7.258  1.00 16.61 ? 116 ASN A N   1 
ATOM   952  C CA  . ASN A 1 116 ? -5.509  -16.470 -8.147  1.00 18.87 ? 116 ASN A CA  1 
ATOM   953  C C   . ASN A 1 116 ? -4.036  -16.073 -8.018  1.00 15.95 ? 116 ASN A C   1 
ATOM   954  O O   . ASN A 1 116 ? -3.158  -16.934 -8.020  1.00 15.68 ? 116 ASN A O   1 
ATOM   955  C CB  . ASN A 1 116 ? -6.020  -16.359 -9.589  1.00 20.54 ? 116 ASN A CB  1 
ATOM   956  C CG  . ASN A 1 116 ? -7.432  -16.910 -9.738  1.00 31.92 ? 116 ASN A CG  1 
ATOM   957  O OD1 . ASN A 1 116 ? -7.778  -17.924 -9.126  1.00 26.96 ? 116 ASN A OD1 1 
ATOM   958  N ND2 . ASN A 1 116 ? -8.260  -16.235 -10.533 1.00 23.96 ? 116 ASN A ND2 1 
ATOM   959  N N   . SER A 1 117 ? -3.778  -14.773 -7.876  1.00 13.18 ? 117 SER A N   1 
ATOM   960  C CA  . SER A 1 117 ? -2.414  -14.278 -7.674  1.00 13.45 ? 117 SER A CA  1 
ATOM   961  C C   . SER A 1 117 ? -1.832  -14.798 -6.364  1.00 13.39 ? 117 SER A C   1 
ATOM   962  O O   . SER A 1 117 ? -0.663  -15.175 -6.298  1.00 13.39 ? 117 SER A O   1 
ATOM   963  C CB  . SER A 1 117 ? -2.384  -12.746 -7.666  1.00 16.43 ? 117 SER A CB  1 
ATOM   964  O OG  . SER A 1 117 ? -2.563  -12.221 -8.969  1.00 25.00 ? 117 SER A OG  1 
ATOM   965  N N   . LEU A 1 118 ? -2.658  -14.812 -5.322  1.00 11.90 ? 118 LEU A N   1 
ATOM   966  C CA  . LEU A 1 118 ? -2.228  -15.312 -4.016  1.00 13.80 ? 118 LEU A CA  1 
ATOM   967  C C   . LEU A 1 118 ? -1.782  -16.768 -4.120  1.00 13.14 ? 118 LEU A C   1 
ATOM   968  O O   . LEU A 1 118 ? -0.766  -17.158 -3.542  1.00 13.01 ? 118 LEU A O   1 
ATOM   969  C CB  . LEU A 1 118 ? -3.356  -15.172 -2.991  1.00 15.48 ? 118 LEU A CB  1 
ATOM   970  C CG  . LEU A 1 118 ? -3.646  -13.756 -2.486  1.00 16.74 ? 118 LEU A CG  1 
ATOM   971  C CD1 . LEU A 1 118 ? -5.045  -13.665 -1.881  1.00 18.10 ? 118 LEU A CD1 1 
ATOM   972  C CD2 . LEU A 1 118 ? -2.595  -13.328 -1.470  1.00 15.34 ? 118 LEU A CD2 1 
ATOM   973  N N   . ARG A 1 119 ? -2.544  -17.571 -4.856  1.00 13.06 ? 119 ARG A N   1 
ATOM   974  C CA  . ARG A 1 119 ? -2.211  -18.985 -5.022  1.00 15.33 ? 119 ARG A CA  1 
ATOM   975  C C   . ARG A 1 119 ? -0.868  -19.125 -5.729  1.00 15.43 ? 119 ARG A C   1 
ATOM   976  O O   . ARG A 1 119 ? -0.010  -19.901 -5.311  1.00 13.70 ? 119 ARG A O   1 
ATOM   977  C CB  . ARG A 1 119 ? -3.299  -19.722 -5.818  1.00 17.61 ? 119 ARG A CB  1 
ATOM   978  C CG  . ARG A 1 119 ? -3.068  -21.224 -5.913  1.00 25.22 ? 119 ARG A CG  1 
ATOM   979  C CD  . ARG A 1 119 ? -4.128  -21.912 -6.768  1.00 27.06 ? 119 ARG A CD  1 
ATOM   980  N NE  . ARG A 1 119 ? -4.168  -21.361 -8.119  0.50 26.94 ? 119 ARG A NE  1 
ATOM   981  C CZ  . ARG A 1 119 ? -5.093  -20.511 -8.555  0.50 29.53 ? 119 ARG A CZ  1 
ATOM   982  N NH1 . ARG A 1 119 ? -6.074  -20.121 -7.750  0.50 28.42 ? 119 ARG A NH1 1 
ATOM   983  N NH2 . ARG A 1 119 ? -5.041  -20.058 -9.800  0.50 35.49 ? 119 ARG A NH2 1 
ATOM   984  N N   . MET A 1 120 ? -0.684  -18.366 -6.806  1.00 12.60 ? 120 MET A N   1 
ATOM   985  C CA  . MET A 1 120 ? 0.560   -18.445 -7.561  1.00 12.06 ? 120 MET A CA  1 
ATOM   986  C C   . MET A 1 120 ? 1.753   -17.982 -6.732  1.00 12.12 ? 120 MET A C   1 
ATOM   987  O O   . MET A 1 120 ? 2.837   -18.541 -6.836  1.00 11.94 ? 120 MET A O   1 
ATOM   988  C CB  . MET A 1 120 ? 0.460   -17.626 -8.845  1.00 12.55 ? 120 MET A CB  1 
ATOM   989  C CG  . MET A 1 120 ? -0.560  -18.192 -9.814  1.00 19.11 ? 120 MET A CG  1 
ATOM   990  S SD  . MET A 1 120 ? -0.809  -17.055 -11.171 1.00 21.17 ? 120 MET A SD  1 
ATOM   991  C CE  . MET A 1 120 ? -2.251  -17.753 -11.976 1.00 23.33 ? 120 MET A CE  1 
ATOM   992  N N   . LEU A 1 121 ? 1.557   -16.945 -5.924  1.00 10.48 ? 121 LEU A N   1 
ATOM   993  C CA  . LEU A 1 121 ? 2.623   -16.474 -5.046  1.00 10.38 ? 121 LEU A CA  1 
ATOM   994  C C   . LEU A 1 121 ? 2.967   -17.532 -3.996  1.00 12.31 ? 121 LEU A C   1 
ATOM   995  O O   . LEU A 1 121 ? 4.143   -17.774 -3.705  1.00 13.37 ? 121 LEU A O   1 
ATOM   996  C CB  . LEU A 1 121 ? 2.221   -15.162 -4.364  1.00 9.75  ? 121 LEU A CB  1 
ATOM   997  C CG  . LEU A 1 121 ? 2.145   -13.917 -5.257  1.00 11.17 ? 121 LEU A CG  1 
ATOM   998  C CD1 . LEU A 1 121 ? 1.538   -12.742 -4.478  1.00 14.74 ? 121 LEU A CD1 1 
ATOM   999  C CD2 . LEU A 1 121 ? 3.509   -13.528 -5.804  1.00 11.13 ? 121 LEU A CD2 1 
ATOM   1000 N N   . GLN A 1 122 ? 1.949   -18.162 -3.418  1.00 10.64 ? 122 GLN A N   1 
ATOM   1001 C CA  . GLN A 1 122 ? 2.217   -19.199 -2.416  1.00 14.63 ? 122 GLN A CA  1 
ATOM   1002 C C   . GLN A 1 122 ? 2.951   -20.380 -3.047  1.00 16.49 ? 122 GLN A C   1 
ATOM   1003 O O   . GLN A 1 122 ? 3.771   -21.038 -2.399  1.00 16.36 ? 122 GLN A O   1 
ATOM   1004 C CB  . GLN A 1 122 ? 0.939   -19.679 -1.727  1.00 18.48 ? 122 GLN A CB  1 
ATOM   1005 C CG  . GLN A 1 122 ? 1.205   -20.818 -0.742  1.00 24.29 ? 122 GLN A CG  1 
ATOM   1006 C CD  . GLN A 1 122 ? 0.294   -20.790 0.465   1.00 37.27 ? 122 GLN A CD  1 
ATOM   1007 O OE1 . GLN A 1 122 ? -0.644  -19.996 0.532   1.00 39.09 ? 122 GLN A OE1 1 
ATOM   1008 N NE2 . GLN A 1 122 ? 0.569   -21.661 1.433   1.00 43.28 ? 122 GLN A NE2 1 
ATOM   1009 N N   . GLN A 1 123 ? 2.659   -20.635 -4.318  1.00 11.97 ? 123 GLN A N   1 
ATOM   1010 C CA  . GLN A 1 123 ? 3.304   -21.723 -5.053  1.00 13.17 ? 123 GLN A CA  1 
ATOM   1011 C C   . GLN A 1 123 ? 4.674   -21.334 -5.603  1.00 16.17 ? 123 GLN A C   1 
ATOM   1012 O O   . GLN A 1 123 ? 5.352   -22.154 -6.223  1.00 14.98 ? 123 GLN A O   1 
ATOM   1013 C CB  . GLN A 1 123 ? 2.413   -22.184 -6.210  1.00 16.61 ? 123 GLN A CB  1 
ATOM   1014 C CG  . GLN A 1 123 ? 1.193   -22.984 -5.788  1.00 23.44 ? 123 GLN A CG  1 
ATOM   1015 C CD  . GLN A 1 123 ? 0.287   -23.305 -6.959  1.00 25.47 ? 123 GLN A CD  1 
ATOM   1016 O OE1 . GLN A 1 123 ? 0.258   -22.580 -7.952  1.00 30.46 ? 123 GLN A OE1 1 
ATOM   1017 N NE2 . GLN A 1 123 ? -0.465  -24.388 -6.844  1.00 39.30 ? 123 GLN A NE2 1 
ATOM   1018 N N   . LYS A 1 124 ? 5.064   -20.078 -5.399  1.00 11.77 ? 124 LYS A N   1 
ATOM   1019 C CA  . LYS A 1 124 ? 6.335   -19.554 -5.891  1.00 10.48 ? 124 LYS A CA  1 
ATOM   1020 C C   . LYS A 1 124 ? 6.465   -19.623 -7.413  1.00 13.53 ? 124 LYS A C   1 
ATOM   1021 O O   . LYS A 1 124 ? 7.559   -19.797 -7.961  1.00 14.01 ? 124 LYS A O   1 
ATOM   1022 C CB  . LYS A 1 124 ? 7.524   -20.221 -5.184  1.00 12.54 ? 124 LYS A CB  1 
ATOM   1023 C CG  . LYS A 1 124 ? 7.498   -19.987 -3.674  1.00 16.29 ? 124 LYS A CG  1 
ATOM   1024 C CD  . LYS A 1 124 ? 8.813   -20.365 -3.000  1.00 15.30 ? 124 LYS A CD  1 
ATOM   1025 C CE  . LYS A 1 124 ? 8.718   -20.116 -1.498  1.00 14.42 ? 124 LYS A CE  1 
ATOM   1026 N NZ  . LYS A 1 124 ? 8.306   -18.714 -1.171  1.00 16.34 ? 124 LYS A NZ  1 
ATOM   1027 N N   . ARG A 1 125 ? 5.332   -19.492 -8.088  1.00 13.55 ? 125 ARG A N   1 
ATOM   1028 C CA  A ARG A 1 125 ? 5.316   -19.399 -9.538  0.60 11.60 ? 125 ARG A CA  1 
ATOM   1029 C CA  B ARG A 1 125 ? 5.314   -19.395 -9.541  0.40 11.69 ? 125 ARG A CA  1 
ATOM   1030 C C   . ARG A 1 125 ? 5.377   -17.919 -9.898  1.00 14.54 ? 125 ARG A C   1 
ATOM   1031 O O   . ARG A 1 125 ? 4.364   -17.310 -10.240 1.00 12.10 ? 125 ARG A O   1 
ATOM   1032 C CB  A ARG A 1 125 ? 4.050   -20.064 -10.086 0.60 14.00 ? 125 ARG A CB  1 
ATOM   1033 C CB  B ARG A 1 125 ? 4.046   -20.032 -10.118 0.40 14.07 ? 125 ARG A CB  1 
ATOM   1034 C CG  A ARG A 1 125 ? 3.942   -21.540 -9.700  0.60 18.07 ? 125 ARG A CG  1 
ATOM   1035 C CG  B ARG A 1 125 ? 3.916   -21.526 -9.848  0.40 18.15 ? 125 ARG A CG  1 
ATOM   1036 C CD  A ARG A 1 125 ? 2.691   -22.203 -10.262 0.60 19.78 ? 125 ARG A CD  1 
ATOM   1037 C CD  B ARG A 1 125 ? 3.094   -22.221 -10.932 0.40 20.61 ? 125 ARG A CD  1 
ATOM   1038 N NE  A ARG A 1 125 ? 2.754   -23.659 -10.140 0.60 25.30 ? 125 ARG A NE  1 
ATOM   1039 N NE  B ARG A 1 125 ? 1.730   -21.708 -11.023 0.40 23.10 ? 125 ARG A NE  1 
ATOM   1040 C CZ  A ARG A 1 125 ? 2.017   -24.505 -10.856 0.60 25.04 ? 125 ARG A CZ  1 
ATOM   1041 C CZ  B ARG A 1 125 ? 0.886   -22.009 -12.006 0.40 26.65 ? 125 ARG A CZ  1 
ATOM   1042 N NH1 A ARG A 1 125 ? 1.158   -24.043 -11.753 0.60 31.23 ? 125 ARG A NH1 1 
ATOM   1043 N NH1 B ARG A 1 125 ? 1.269   -22.815 -12.988 0.40 24.28 ? 125 ARG A NH1 1 
ATOM   1044 N NH2 A ARG A 1 125 ? 2.144   -25.814 -10.680 0.60 22.12 ? 125 ARG A NH2 1 
ATOM   1045 N NH2 B ARG A 1 125 ? -0.339  -21.500 -12.013 0.40 28.59 ? 125 ARG A NH2 1 
ATOM   1046 N N   . TRP A 1 126 ? 6.579   -17.351 -9.816  1.00 13.44 ? 126 TRP A N   1 
ATOM   1047 C CA  . TRP A 1 126 ? 6.737   -15.896 -9.853  1.00 14.64 ? 126 TRP A CA  1 
ATOM   1048 C C   . TRP A 1 126 ? 6.336   -15.220 -11.158 1.00 13.91 ? 126 TRP A C   1 
ATOM   1049 O O   . TRP A 1 126 ? 5.664   -14.193 -11.140 1.00 13.23 ? 126 TRP A O   1 
ATOM   1050 C CB  . TRP A 1 126 ? 8.165   -15.486 -9.471  1.00 13.96 ? 126 TRP A CB  1 
ATOM   1051 C CG  . TRP A 1 126 ? 8.683   -16.105 -8.189  1.00 12.85 ? 126 TRP A CG  1 
ATOM   1052 C CD1 . TRP A 1 126 ? 9.825   -16.848 -8.046  1.00 11.90 ? 126 TRP A CD1 1 
ATOM   1053 C CD2 . TRP A 1 126 ? 8.081   -16.042 -6.883  1.00 11.13 ? 126 TRP A CD2 1 
ATOM   1054 N NE1 . TRP A 1 126 ? 9.976   -17.236 -6.734  1.00 11.28 ? 126 TRP A NE1 1 
ATOM   1055 C CE2 . TRP A 1 126 ? 8.920   -16.756 -6.001  1.00 11.65 ? 126 TRP A CE2 1 
ATOM   1056 C CE3 . TRP A 1 126 ? 6.920   -15.444 -6.375  1.00 13.01 ? 126 TRP A CE3 1 
ATOM   1057 C CZ2 . TRP A 1 126 ? 8.633   -16.892 -4.643  1.00 14.83 ? 126 TRP A CZ2 1 
ATOM   1058 C CZ3 . TRP A 1 126 ? 6.635   -15.582 -5.019  1.00 11.09 ? 126 TRP A CZ3 1 
ATOM   1059 C CH2 . TRP A 1 126 ? 7.488   -16.301 -4.171  1.00 12.18 ? 126 TRP A CH2 1 
ATOM   1060 N N   . ASP A 1 127 ? 6.771   -15.773 -12.289 1.00 12.15 ? 127 ASP A N   1 
ATOM   1061 C CA  . ASP A 1 127 ? 6.431   -15.178 -13.582 1.00 14.07 ? 127 ASP A CA  1 
ATOM   1062 C C   . ASP A 1 127 ? 4.927   -15.234 -13.816 1.00 14.72 ? 127 ASP A C   1 
ATOM   1063 O O   . ASP A 1 127 ? 4.328   -14.275 -14.314 1.00 16.10 ? 127 ASP A O   1 
ATOM   1064 C CB  . ASP A 1 127 ? 7.183   -15.871 -14.726 1.00 17.10 ? 127 ASP A CB  1 
ATOM   1065 C CG  . ASP A 1 127 ? 8.635   -15.427 -14.832 1.00 27.38 ? 127 ASP A CG  1 
ATOM   1066 O OD1 . ASP A 1 127 ? 9.172   -14.885 -13.843 1.00 30.55 ? 127 ASP A OD1 1 
ATOM   1067 O OD2 . ASP A 1 127 ? 9.243   -15.628 -15.908 1.00 27.39 ? 127 ASP A OD2 1 
ATOM   1068 N N   . GLU A 1 128 ? 4.317   -16.353 -13.438 1.00 13.99 ? 128 GLU A N   1 
ATOM   1069 C CA  A GLU A 1 128 ? 2.874   -16.528 -13.572 0.40 16.22 ? 128 GLU A CA  1 
ATOM   1070 C CA  B GLU A 1 128 ? 2.881   -16.528 -13.577 0.60 16.22 ? 128 GLU A CA  1 
ATOM   1071 C C   . GLU A 1 128 ? 2.114   -15.547 -12.688 1.00 12.93 ? 128 GLU A C   1 
ATOM   1072 O O   . GLU A 1 128 ? 1.128   -14.936 -13.120 1.00 13.77 ? 128 GLU A O   1 
ATOM   1073 C CB  A GLU A 1 128 ? 2.463   -17.958 -13.212 0.40 18.32 ? 128 GLU A CB  1 
ATOM   1074 C CB  B GLU A 1 128 ? 2.495   -17.972 -13.247 0.60 18.35 ? 128 GLU A CB  1 
ATOM   1075 C CG  A GLU A 1 128 ? 2.994   -19.026 -14.150 0.40 20.76 ? 128 GLU A CG  1 
ATOM   1076 C CG  B GLU A 1 128 ? 3.034   -19.003 -14.240 0.60 20.77 ? 128 GLU A CG  1 
ATOM   1077 C CD  A GLU A 1 128 ? 2.492   -20.411 -13.789 0.40 22.02 ? 128 GLU A CD  1 
ATOM   1078 C CD  B GLU A 1 128 ? 4.397   -19.573 -13.856 0.60 23.73 ? 128 GLU A CD  1 
ATOM   1079 O OE1 A GLU A 1 128 ? 1.260   -20.619 -13.785 0.40 25.05 ? 128 GLU A OE1 1 
ATOM   1080 O OE1 B GLU A 1 128 ? 5.145   -18.929 -13.082 0.60 15.19 ? 128 GLU A OE1 1 
ATOM   1081 O OE2 A GLU A 1 128 ? 3.327   -21.292 -13.500 0.40 22.23 ? 128 GLU A OE2 1 
ATOM   1082 O OE2 B GLU A 1 128 ? 4.718   -20.684 -14.335 0.60 25.77 ? 128 GLU A OE2 1 
ATOM   1083 N N   . ALA A 1 129 ? 2.562   -15.406 -11.443 1.00 11.16 ? 129 ALA A N   1 
ATOM   1084 C CA  . ALA A 1 129 ? 1.931   -14.463 -10.521 1.00 11.22 ? 129 ALA A CA  1 
ATOM   1085 C C   . ALA A 1 129 ? 2.026   -13.047 -11.070 1.00 11.36 ? 129 ALA A C   1 
ATOM   1086 O O   . ALA A 1 129 ? 1.063   -12.280 -11.008 1.00 11.99 ? 129 ALA A O   1 
ATOM   1087 C CB  . ALA A 1 129 ? 2.578   -14.536 -9.138  1.00 13.44 ? 129 ALA A CB  1 
ATOM   1088 N N   . ALA A 1 130 ? 3.192   -12.706 -11.608 1.00 11.23 ? 130 ALA A N   1 
ATOM   1089 C CA  . ALA A 1 130 ? 3.427   -11.368 -12.142 1.00 11.85 ? 130 ALA A CA  1 
ATOM   1090 C C   . ALA A 1 130 ? 2.448   -11.058 -13.276 1.00 15.29 ? 130 ALA A C   1 
ATOM   1091 O O   . ALA A 1 130 ? 1.890   -9.961  -13.356 1.00 12.91 ? 130 ALA A O   1 
ATOM   1092 C CB  . ALA A 1 130 ? 4.865   -11.247 -12.630 1.00 13.59 ? 130 ALA A CB  1 
ATOM   1093 N N   . VAL A 1 131 ? 2.248   -12.030 -14.156 1.00 13.65 ? 131 VAL A N   1 
ATOM   1094 C CA  . VAL A 1 131 ? 1.318   -11.853 -15.262 1.00 13.56 ? 131 VAL A CA  1 
ATOM   1095 C C   . VAL A 1 131 ? -0.100  -11.686 -14.731 1.00 14.03 ? 131 VAL A C   1 
ATOM   1096 O O   . VAL A 1 131 ? -0.843  -10.825 -15.180 1.00 15.03 ? 131 VAL A O   1 
ATOM   1097 C CB  . VAL A 1 131 ? 1.379   -13.032 -16.256 1.00 15.53 ? 131 VAL A CB  1 
ATOM   1098 C CG1 . VAL A 1 131 ? 0.218   -12.962 -17.238 1.00 18.46 ? 131 VAL A CG1 1 
ATOM   1099 C CG2 . VAL A 1 131 ? 2.713   -13.032 -16.993 1.00 18.45 ? 131 VAL A CG2 1 
ATOM   1100 N N   . ASN A 1 132 ? -0.469  -12.503 -13.753 1.00 13.29 ? 132 ASN A N   1 
ATOM   1101 C CA  . ASN A 1 132 ? -1.809  -12.428 -13.190 1.00 14.33 ? 132 ASN A CA  1 
ATOM   1102 C C   . ASN A 1 132 ? -2.066  -11.101 -12.469 1.00 14.04 ? 132 ASN A C   1 
ATOM   1103 O O   . ASN A 1 132 ? -3.151  -10.526 -12.575 1.00 16.38 ? 132 ASN A O   1 
ATOM   1104 C CB  . ASN A 1 132 ? -2.055  -13.605 -12.246 1.00 15.88 ? 132 ASN A CB  1 
ATOM   1105 C CG  . ASN A 1 132 ? -3.494  -13.698 -11.797 1.00 18.93 ? 132 ASN A CG  1 
ATOM   1106 O OD1 . ASN A 1 132 ? -3.860  -13.221 -10.718 1.00 18.98 ? 132 ASN A OD1 1 
ATOM   1107 N ND2 . ASN A 1 132 ? -4.327  -14.310 -12.626 1.00 18.56 ? 132 ASN A ND2 1 
ATOM   1108 N N   . LEU A 1 133 ? -1.065  -10.614 -11.740 1.00 12.35 ? 133 LEU A N   1 
ATOM   1109 C CA  . LEU A 1 133 ? -1.222  -9.377  -10.973 1.00 13.51 ? 133 LEU A CA  1 
ATOM   1110 C C   . LEU A 1 133 ? -1.509  -8.186  -11.876 1.00 11.44 ? 133 LEU A C   1 
ATOM   1111 O O   . LEU A 1 133 ? -2.182  -7.237  -11.469 1.00 13.11 ? 133 LEU A O   1 
ATOM   1112 C CB  . LEU A 1 133 ? 0.033   -9.090  -10.143 1.00 10.89 ? 133 LEU A CB  1 
ATOM   1113 C CG  . LEU A 1 133 ? 0.226   -9.932  -8.879  1.00 13.73 ? 133 LEU A CG  1 
ATOM   1114 C CD1 . LEU A 1 133 ? 1.678   -9.874  -8.404  1.00 13.76 ? 133 LEU A CD1 1 
ATOM   1115 C CD2 . LEU A 1 133 ? -0.728  -9.483  -7.783  1.00 16.26 ? 133 LEU A CD2 1 
ATOM   1116 N N   . ALA A 1 134 ? -0.976  -8.226  -13.091 1.00 12.11 ? 134 ALA A N   1 
ATOM   1117 C CA  . ALA A 1 134 ? -1.119  -7.106  -14.019 1.00 14.79 ? 134 ALA A CA  1 
ATOM   1118 C C   . ALA A 1 134 ? -2.495  -7.071  -14.681 1.00 16.13 ? 134 ALA A C   1 
ATOM   1119 O O   . ALA A 1 134 ? -2.884  -6.058  -15.266 1.00 16.43 ? 134 ALA A O   1 
ATOM   1120 C CB  . ALA A 1 134 ? -0.013  -7.135  -15.064 1.00 14.88 ? 134 ALA A CB  1 
ATOM   1121 N N   . LYS A 1 135 ? -3.228  -8.179  -14.592 1.00 12.20 ? 135 LYS A N   1 
ATOM   1122 C CA  . LYS A 1 135 ? -4.601  -8.229  -15.090 1.00 15.71 ? 135 LYS A CA  1 
ATOM   1123 C C   . LYS A 1 135 ? -5.551  -7.681  -14.034 1.00 13.42 ? 135 LYS A C   1 
ATOM   1124 O O   . LYS A 1 135 ? -6.374  -8.411  -13.480 1.00 16.28 ? 135 LYS A O   1 
ATOM   1125 C CB  . LYS A 1 135 ? -4.992  -9.660  -15.446 1.00 14.73 ? 135 LYS A CB  1 
ATOM   1126 C CG  . LYS A 1 135 ? -4.142  -10.271 -16.533 1.00 17.58 ? 135 LYS A CG  1 
ATOM   1127 C CD  . LYS A 1 135 ? -4.476  -11.739 -16.717 1.00 22.70 ? 135 LYS A CD  1 
ATOM   1128 C CE  . LYS A 1 135 ? -3.524  -12.384 -17.712 1.00 35.28 ? 135 LYS A CE  1 
ATOM   1129 N NZ  . LYS A 1 135 ? -3.808  -13.836 -17.889 1.00 33.66 ? 135 LYS A NZ  1 
ATOM   1130 N N   . SER A 1 136 ? -5.434  -6.389  -13.751 1.00 11.76 ? 136 SER A N   1 
ATOM   1131 C CA  . SER A 1 136 ? -6.141  -5.807  -12.621 1.00 11.61 ? 136 SER A CA  1 
ATOM   1132 C C   . SER A 1 136 ? -6.408  -4.332  -12.851 1.00 11.06 ? 136 SER A C   1 
ATOM   1133 O O   . SER A 1 136 ? -5.659  -3.660  -13.567 1.00 10.35 ? 136 SER A O   1 
ATOM   1134 C CB  . SER A 1 136 ? -5.314  -5.982  -11.340 1.00 12.85 ? 136 SER A CB  1 
ATOM   1135 O OG  . SER A 1 136 ? -4.077  -5.285  -11.442 1.00 12.28 ? 136 SER A OG  1 
ATOM   1136 N N   . ARG A 1 137 ? -7.476  -3.825  -12.246 1.00 10.64 ? 137 ARG A N   1 
ATOM   1137 C CA  . ARG A 1 137 ? -7.716  -2.393  -12.258 1.00 11.24 ? 137 ARG A CA  1 
ATOM   1138 C C   . ARG A 1 137 ? -6.524  -1.688  -11.629 1.00 14.90 ? 137 ARG A C   1 
ATOM   1139 O O   . ARG A 1 137 ? -6.097  -0.630  -12.091 1.00 12.35 ? 137 ARG A O   1 
ATOM   1140 C CB  . ARG A 1 137 ? -8.989  -2.038  -11.481 1.00 12.02 ? 137 ARG A CB  1 
ATOM   1141 C CG  . ARG A 1 137 ? -9.174  -0.533  -11.364 1.00 16.29 ? 137 ARG A CG  1 
ATOM   1142 C CD  . ARG A 1 137 ? -10.452 -0.130  -10.659 1.00 19.47 ? 137 ARG A CD  1 
ATOM   1143 N NE  . ARG A 1 137 ? -10.662 1.317   -10.761 1.00 19.24 ? 137 ARG A NE  1 
ATOM   1144 C CZ  . ARG A 1 137 ? -10.071 2.225   -9.987  1.00 25.97 ? 137 ARG A CZ  1 
ATOM   1145 N NH1 . ARG A 1 137 ? -9.221  1.852   -9.038  1.00 24.25 ? 137 ARG A NH1 1 
ATOM   1146 N NH2 . ARG A 1 137 ? -10.327 3.516   -10.168 1.00 23.42 ? 137 ARG A NH2 1 
ATOM   1147 N N   . TRP A 1 138 ? -5.989  -2.294  -10.572 1.00 11.52 ? 138 TRP A N   1 
ATOM   1148 C CA  . TRP A 1 138 ? -4.809  -1.778  -9.877  1.00 11.73 ? 138 TRP A CA  1 
ATOM   1149 C C   . TRP A 1 138 ? -3.692  -1.430  -10.851 1.00 14.35 ? 138 TRP A C   1 
ATOM   1150 O O   . TRP A 1 138 ? -3.178  -0.307  -10.861 1.00 14.68 ? 138 TRP A O   1 
ATOM   1151 C CB  . TRP A 1 138 ? -4.320  -2.826  -8.874  1.00 10.76 ? 138 TRP A CB  1 
ATOM   1152 C CG  . TRP A 1 138 ? -2.995  -2.524  -8.218  1.00 12.92 ? 138 TRP A CG  1 
ATOM   1153 C CD1 . TRP A 1 138 ? -2.671  -1.424  -7.469  1.00 17.29 ? 138 TRP A CD1 1 
ATOM   1154 C CD2 . TRP A 1 138 ? -1.833  -3.361  -8.227  1.00 10.36 ? 138 TRP A CD2 1 
ATOM   1155 N NE1 . TRP A 1 138 ? -1.370  -1.525  -7.017  1.00 14.82 ? 138 TRP A NE1 1 
ATOM   1156 C CE2 . TRP A 1 138 ? -0.838  -2.706  -7.467  1.00 11.74 ? 138 TRP A CE2 1 
ATOM   1157 C CE3 . TRP A 1 138 ? -1.540  -4.606  -8.798  1.00 11.75 ? 138 TRP A CE3 1 
ATOM   1158 C CZ2 . TRP A 1 138 ? 0.427   -3.252  -7.267  1.00 14.39 ? 138 TRP A CZ2 1 
ATOM   1159 C CZ3 . TRP A 1 138 ? -0.281  -5.143  -8.604  1.00 13.59 ? 138 TRP A CZ3 1 
ATOM   1160 C CH2 . TRP A 1 138 ? 0.690   -4.466  -7.845  1.00 14.58 ? 138 TRP A CH2 1 
ATOM   1161 N N   . TYR A 1 139 ? -3.329  -2.399  -11.683 1.00 10.53 ? 139 TYR A N   1 
ATOM   1162 C CA  . TYR A 1 139 ? -2.252  -2.215  -12.643 1.00 13.41 ? 139 TYR A CA  1 
ATOM   1163 C C   . TYR A 1 139 ? -2.602  -1.122  -13.644 1.00 13.78 ? 139 TYR A C   1 
ATOM   1164 O O   . TYR A 1 139 ? -1.784  -0.257  -13.953 1.00 13.94 ? 139 TYR A O   1 
ATOM   1165 C CB  . TYR A 1 139 ? -1.986  -3.526  -13.381 1.00 12.01 ? 139 TYR A CB  1 
ATOM   1166 C CG  . TYR A 1 139 ? -0.897  -3.433  -14.419 1.00 13.02 ? 139 TYR A CG  1 
ATOM   1167 C CD1 . TYR A 1 139 ? 0.439   -3.537  -14.058 1.00 15.65 ? 139 TYR A CD1 1 
ATOM   1168 C CD2 . TYR A 1 139 ? -1.206  -3.258  -15.765 1.00 22.18 ? 139 TYR A CD2 1 
ATOM   1169 C CE1 . TYR A 1 139 ? 1.442   -3.458  -15.009 1.00 20.42 ? 139 TYR A CE1 1 
ATOM   1170 C CE2 . TYR A 1 139 ? -0.212  -3.184  -16.723 1.00 28.58 ? 139 TYR A CE2 1 
ATOM   1171 C CZ  . TYR A 1 139 ? 1.111   -3.282  -16.337 1.00 36.55 ? 139 TYR A CZ  1 
ATOM   1172 O OH  . TYR A 1 139 ? 2.109   -3.205  -17.281 1.00 42.21 ? 139 TYR A OH  1 
ATOM   1173 N N   . ASN A 1 140 ? -3.827  -1.159  -14.157 1.00 10.90 ? 140 ASN A N   1 
ATOM   1174 C CA  . ASN A 1 140 ? -4.217  -0.205  -15.188 1.00 11.09 ? 140 ASN A CA  1 
ATOM   1175 C C   . ASN A 1 140 ? -4.322  1.234   -14.684 1.00 12.49 ? 140 ASN A C   1 
ATOM   1176 O O   . ASN A 1 140 ? -4.006  2.177   -15.407 1.00 16.63 ? 140 ASN A O   1 
ATOM   1177 C CB  . ASN A 1 140 ? -5.517  -0.645  -15.859 1.00 15.53 ? 140 ASN A CB  1 
ATOM   1178 C CG  . ASN A 1 140 ? -5.297  -1.754  -16.862 1.00 23.94 ? 140 ASN A CG  1 
ATOM   1179 O OD1 . ASN A 1 140 ? -4.847  -1.508  -17.986 1.00 21.93 ? 140 ASN A OD1 1 
ATOM   1180 N ND2 . ASN A 1 140 ? -5.604  -2.983  -16.464 1.00 15.24 ? 140 ASN A ND2 1 
ATOM   1181 N N   . GLN A 1 141 ? -4.753  1.407   -13.444 1.00 9.83  ? 141 GLN A N   1 
ATOM   1182 C CA  . GLN A 1 141 ? -4.925  2.753   -12.902 1.00 11.74 ? 141 GLN A CA  1 
ATOM   1183 C C   . GLN A 1 141 ? -3.624  3.358   -12.372 1.00 16.35 ? 141 GLN A C   1 
ATOM   1184 O O   . GLN A 1 141 ? -3.419  4.568   -12.452 1.00 17.30 ? 141 GLN A O   1 
ATOM   1185 C CB  . GLN A 1 141 ? -5.998  2.767   -11.814 1.00 15.19 ? 141 GLN A CB  1 
ATOM   1186 C CG  . GLN A 1 141 ? -7.392  2.353   -12.282 1.00 19.50 ? 141 GLN A CG  1 
ATOM   1187 C CD  . GLN A 1 141 ? -7.922  3.198   -13.430 1.00 23.40 ? 141 GLN A CD  1 
ATOM   1188 O OE1 . GLN A 1 141 ? -8.388  2.664   -14.437 1.00 21.38 ? 141 GLN A OE1 1 
ATOM   1189 N NE2 . GLN A 1 141 ? -7.858  4.522   -13.282 1.00 18.34 ? 141 GLN A NE2 1 
ATOM   1190 N N   . THR A 1 142 ? -2.751  2.525   -11.812 1.00 11.60 ? 142 THR A N   1 
ATOM   1191 C CA  . THR A 1 142 ? -1.444  3.005   -11.350 1.00 11.47 ? 142 THR A CA  1 
ATOM   1192 C C   . THR A 1 142 ? -0.334  2.115   -11.894 1.00 13.28 ? 142 THR A C   1 
ATOM   1193 O O   . THR A 1 142 ? 0.316   1.390   -11.140 1.00 13.78 ? 142 THR A O   1 
ATOM   1194 C CB  . THR A 1 142 ? -1.349  3.076   -9.798  1.00 14.05 ? 142 THR A CB  1 
ATOM   1195 O OG1 . THR A 1 142 ? -1.727  1.816   -9.228  1.00 16.81 ? 142 THR A OG1 1 
ATOM   1196 C CG2 . THR A 1 142 ? -2.265  4.167   -9.242  1.00 14.55 ? 142 THR A CG2 1 
ATOM   1197 N N   . PRO A 1 143 ? -0.102  2.174   -13.215 1.00 12.18 ? 143 PRO A N   1 
ATOM   1198 C CA  . PRO A 1 143 ? 0.807   1.200   -13.825 1.00 12.75 ? 143 PRO A CA  1 
ATOM   1199 C C   . PRO A 1 143 ? 2.264   1.341   -13.390 1.00 12.43 ? 143 PRO A C   1 
ATOM   1200 O O   . PRO A 1 143 ? 2.910   0.320   -13.210 1.00 11.84 ? 143 PRO A O   1 
ATOM   1201 C CB  . PRO A 1 143 ? 0.637   1.444   -15.338 1.00 14.77 ? 143 PRO A CB  1 
ATOM   1202 C CG  . PRO A 1 143 ? 0.041   2.814   -15.453 1.00 12.67 ? 143 PRO A CG  1 
ATOM   1203 C CD  . PRO A 1 143 ? -0.790  3.010   -14.217 1.00 11.86 ? 143 PRO A CD  1 
ATOM   1204 N N   . ASN A 1 144 ? 2.780   2.557   -13.215 1.00 10.88 ? 144 ASN A N   1 
ATOM   1205 C CA  . ASN A 1 144 ? 4.187   2.686   -12.837 1.00 12.42 ? 144 ASN A CA  1 
ATOM   1206 C C   . ASN A 1 144 ? 4.465   2.073   -11.462 1.00 13.06 ? 144 ASN A C   1 
ATOM   1207 O O   . ASN A 1 144 ? 5.443   1.353   -11.283 1.00 12.11 ? 144 ASN A O   1 
ATOM   1208 C CB  . ASN A 1 144 ? 4.654   4.141   -12.900 1.00 13.95 ? 144 ASN A CB  1 
ATOM   1209 C CG  . ASN A 1 144 ? 4.829   4.631   -14.330 1.00 20.61 ? 144 ASN A CG  1 
ATOM   1210 O OD1 . ASN A 1 144 ? 4.490   3.925   -15.279 1.00 25.39 ? 144 ASN A OD1 1 
ATOM   1211 N ND2 . ASN A 1 144 ? 5.365   5.833   -14.487 1.00 24.73 ? 144 ASN A ND2 1 
ATOM   1212 N N   . ARG A 1 145 ? 3.595   2.351   -10.499 1.00 9.34  ? 145 ARG A N   1 
ATOM   1213 C CA  . ARG A 1 145 ? 3.753   1.766   -9.175  1.00 10.29 ? 145 ARG A CA  1 
ATOM   1214 C C   . ARG A 1 145 ? 3.495   0.262   -9.194  1.00 11.81 ? 145 ARG A C   1 
ATOM   1215 O O   . ARG A 1 145 ? 4.224   -0.500  -8.573  1.00 10.16 ? 145 ARG A O   1 
ATOM   1216 C CB  . ARG A 1 145 ? 2.815   2.421   -8.175  1.00 12.21 ? 145 ARG A CB  1 
ATOM   1217 C CG  . ARG A 1 145 ? 2.958   1.822   -6.782  1.00 14.60 ? 145 ARG A CG  1 
ATOM   1218 C CD  . ARG A 1 145 ? 1.894   2.351   -5.896  1.00 22.72 ? 145 ARG A CD  1 
ATOM   1219 N NE  . ARG A 1 145 ? 2.013   1.880   -4.523  1.00 15.06 ? 145 ARG A NE  1 
ATOM   1220 C CZ  . ARG A 1 145 ? 1.485   2.545   -3.508  1.00 14.78 ? 145 ARG A CZ  1 
ATOM   1221 N NH1 . ARG A 1 145 ? 0.843   3.683   -3.754  1.00 17.30 ? 145 ARG A NH1 1 
ATOM   1222 N NH2 . ARG A 1 145 ? 1.595   2.089   -2.270  1.00 12.48 ? 145 ARG A NH2 1 
ATOM   1223 N N   . ALA A 1 146 ? 2.444   -0.162  -9.888  1.00 11.03 ? 146 ALA A N   1 
ATOM   1224 C CA  . ALA A 1 146 ? 2.137   -1.592  -9.975  1.00 10.66 ? 146 ALA A CA  1 
ATOM   1225 C C   . ALA A 1 146 ? 3.309   -2.355  -10.587 1.00 13.81 ? 146 ALA A C   1 
ATOM   1226 O O   . ALA A 1 146 ? 3.668   -3.436  -10.119 1.00 12.45 ? 146 ALA A O   1 
ATOM   1227 C CB  . ALA A 1 146 ? 0.847   -1.827  -10.775 1.00 11.19 ? 146 ALA A CB  1 
ATOM   1228 N N   . LYS A 1 147 ? 3.920   -1.786  -11.625 1.00 9.19  ? 147 LYS A N   1 
ATOM   1229 C CA  . LYS A 1 147 ? 5.070   -2.420  -12.255 1.00 11.61 ? 147 LYS A CA  1 
ATOM   1230 C C   . LYS A 1 147 ? 6.231   -2.594  -11.278 1.00 11.16 ? 147 LYS A C   1 
ATOM   1231 O O   . LYS A 1 147 ? 6.912   -3.622  -11.308 1.00 12.10 ? 147 LYS A O   1 
ATOM   1232 C CB  . LYS A 1 147 ? 5.536   -1.633  -13.484 1.00 14.06 ? 147 LYS A CB  1 
ATOM   1233 C CG  . LYS A 1 147 ? 4.606   -1.728  -14.687 1.00 15.71 ? 147 LYS A CG  1 
ATOM   1234 C CD  . LYS A 1 147 ? 5.185   -0.951  -15.868 1.00 24.14 ? 147 LYS A CD  1 
ATOM   1235 C CE  . LYS A 1 147 ? 4.102   -0.521  -16.843 1.00 31.73 ? 147 LYS A CE  1 
ATOM   1236 N N   . ARG A 1 148 ? 6.464   -1.596  -10.425 1.00 11.49 ? 148 ARG A N   1 
ATOM   1237 C CA  . ARG A 1 148 ? 7.534   -1.701  -9.423  1.00 10.76 ? 148 ARG A CA  1 
ATOM   1238 C C   . ARG A 1 148 ? 7.234   -2.811  -8.428  1.00 10.88 ? 148 ARG A C   1 
ATOM   1239 O O   . ARG A 1 148 ? 8.104   -3.616  -8.105  1.00 11.03 ? 148 ARG A O   1 
ATOM   1240 C CB  . ARG A 1 148 ? 7.741   -0.383  -8.665  1.00 9.46  ? 148 ARG A CB  1 
ATOM   1241 C CG  . ARG A 1 148 ? 8.420   0.701   -9.491  1.00 11.66 ? 148 ARG A CG  1 
ATOM   1242 C CD  . ARG A 1 148 ? 8.889   1.866   -8.616  1.00 7.88  ? 148 ARG A CD  1 
ATOM   1243 N NE  . ARG A 1 148 ? 7.786   2.629   -8.020  1.00 10.40 ? 148 ARG A NE  1 
ATOM   1244 C CZ  . ARG A 1 148 ? 7.152   3.637   -8.621  1.00 17.40 ? 148 ARG A CZ  1 
ATOM   1245 N NH1 . ARG A 1 148 ? 7.490   4.007   -9.853  1.00 12.85 ? 148 ARG A NH1 1 
ATOM   1246 N NH2 . ARG A 1 148 ? 6.172   4.273   -7.992  1.00 12.00 ? 148 ARG A NH2 1 
ATOM   1247 N N   . VAL A 1 149 ? 5.997   -2.845  -7.945  1.00 9.06  ? 149 VAL A N   1 
ATOM   1248 C CA  . VAL A 1 149 ? 5.593   -3.843  -6.953  1.00 8.09  ? 149 VAL A CA  1 
ATOM   1249 C C   . VAL A 1 149 ? 5.646   -5.241  -7.577  1.00 11.77 ? 149 VAL A C   1 
ATOM   1250 O O   . VAL A 1 149 ? 6.164   -6.186  -6.985  1.00 10.63 ? 149 VAL A O   1 
ATOM   1251 C CB  . VAL A 1 149 ? 4.183   -3.529  -6.405  1.00 8.75  ? 149 VAL A CB  1 
ATOM   1252 C CG1 . VAL A 1 149 ? 3.658   -4.682  -5.536  1.00 11.55 ? 149 VAL A CG1 1 
ATOM   1253 C CG2 . VAL A 1 149 ? 4.207   -2.216  -5.620  1.00 11.11 ? 149 VAL A CG2 1 
ATOM   1254 N N   . ILE A 1 150 ? 5.141   -5.362  -8.796  1.00 9.51  ? 150 ILE A N   1 
ATOM   1255 C CA  . ILE A 1 150 ? 5.146   -6.654  -9.480  1.00 10.85 ? 150 ILE A CA  1 
ATOM   1256 C C   . ILE A 1 150 ? 6.563   -7.155  -9.750  1.00 12.63 ? 150 ILE A C   1 
ATOM   1257 O O   . ILE A 1 150 ? 6.856   -8.345  -9.591  1.00 11.42 ? 150 ILE A O   1 
ATOM   1258 C CB  . ILE A 1 150 ? 4.333   -6.589  -10.786 1.00 10.09 ? 150 ILE A CB  1 
ATOM   1259 C CG1 . ILE A 1 150 ? 2.848   -6.454  -10.448 1.00 11.00 ? 150 ILE A CG1 1 
ATOM   1260 C CG2 . ILE A 1 150 ? 4.589   -7.829  -11.648 1.00 14.32 ? 150 ILE A CG2 1 
ATOM   1261 C CD1 . ILE A 1 150 ? 1.940   -6.236  -11.653 1.00 12.37 ? 150 ILE A CD1 1 
ATOM   1262 N N   . THR A 1 151 ? 7.449   -6.251  -10.158 1.00 10.79 ? 151 THR A N   1 
ATOM   1263 C CA  . THR A 1 151 ? 8.840   -6.633  -10.379 1.00 12.73 ? 151 THR A CA  1 
ATOM   1264 C C   . THR A 1 151 ? 9.453   -7.154  -9.088  1.00 11.62 ? 151 THR A C   1 
ATOM   1265 O O   . THR A 1 151 ? 10.267  -8.081  -9.104  1.00 12.82 ? 151 THR A O   1 
ATOM   1266 C CB  . THR A 1 151 ? 9.669   -5.451  -10.897 1.00 13.12 ? 151 THR A CB  1 
ATOM   1267 O OG1 . THR A 1 151 ? 9.332   -5.224  -12.265 1.00 14.91 ? 151 THR A OG1 1 
ATOM   1268 C CG2 . THR A 1 151 ? 11.157  -5.760  -10.808 1.00 16.56 ? 151 THR A CG2 1 
ATOM   1269 N N   . THR A 1 152 ? 9.057   -6.553  -7.973  1.00 10.79 ? 152 THR A N   1 
ATOM   1270 C CA  . THR A 1 152 ? 9.553   -6.972  -6.671  1.00 11.94 ? 152 THR A CA  1 
ATOM   1271 C C   . THR A 1 152 ? 9.082   -8.395  -6.356  1.00 11.62 ? 152 THR A C   1 
ATOM   1272 O O   . THR A 1 152 ? 9.864   -9.226  -5.889  1.00 12.75 ? 152 THR A O   1 
ATOM   1273 C CB  . THR A 1 152 ? 9.128   -5.991  -5.561  1.00 11.30 ? 152 THR A CB  1 
ATOM   1274 O OG1 . THR A 1 152 ? 9.501   -4.656  -5.942  1.00 11.82 ? 152 THR A OG1 1 
ATOM   1275 C CG2 . THR A 1 152 ? 9.802   -6.349  -4.246  1.00 12.46 ? 152 THR A CG2 1 
ATOM   1276 N N   . PHE A 1 153 ? 7.807   -8.673  -6.619  1.00 10.46 ? 153 PHE A N   1 
ATOM   1277 C CA  . PHE A 1 153 ? 7.279   -10.032 -6.474  1.00 12.02 ? 153 PHE A CA  1 
ATOM   1278 C C   . PHE A 1 153 ? 7.940   -11.011 -7.443  1.00 15.33 ? 153 PHE A C   1 
ATOM   1279 O O   . PHE A 1 153 ? 8.233   -12.152 -7.086  1.00 14.06 ? 153 PHE A O   1 
ATOM   1280 C CB  . PHE A 1 153 ? 5.770   -10.065 -6.732  1.00 11.21 ? 153 PHE A CB  1 
ATOM   1281 C CG  . PHE A 1 153 ? 4.929   -9.757  -5.528  1.00 11.53 ? 153 PHE A CG  1 
ATOM   1282 C CD1 . PHE A 1 153 ? 5.048   -10.510 -4.363  1.00 11.83 ? 153 PHE A CD1 1 
ATOM   1283 C CD2 . PHE A 1 153 ? 3.977   -8.748  -5.580  1.00 12.84 ? 153 PHE A CD2 1 
ATOM   1284 C CE1 . PHE A 1 153 ? 4.246   -10.244 -3.259  1.00 12.12 ? 153 PHE A CE1 1 
ATOM   1285 C CE2 . PHE A 1 153 ? 3.171   -8.469  -4.478  1.00 11.75 ? 153 PHE A CE2 1 
ATOM   1286 C CZ  . PHE A 1 153 ? 3.307   -9.218  -3.314  1.00 11.83 ? 153 PHE A CZ  1 
ATOM   1287 N N   . ARG A 1 154 ? 8.154   -10.578 -8.679  1.00 13.39 ? 154 ARG A N   1 
ATOM   1288 C CA  A ARG A 1 154 ? 8.712   -11.468 -9.691  0.60 13.76 ? 154 ARG A CA  1 
ATOM   1289 C CA  B ARG A 1 154 ? 8.709   -11.452 -9.702  0.40 13.78 ? 154 ARG A CA  1 
ATOM   1290 C C   . ARG A 1 154 ? 10.152  -11.854 -9.378  1.00 16.16 ? 154 ARG A C   1 
ATOM   1291 O O   . ARG A 1 154 ? 10.536  -13.011 -9.545  1.00 15.44 ? 154 ARG A O   1 
ATOM   1292 C CB  A ARG A 1 154 ? 8.639   -10.856 -11.093 0.60 14.26 ? 154 ARG A CB  1 
ATOM   1293 C CB  B ARG A 1 154 ? 8.635   -10.767 -11.070 0.40 14.26 ? 154 ARG A CB  1 
ATOM   1294 C CG  A ARG A 1 154 ? 9.222   -11.777 -12.169 0.60 16.34 ? 154 ARG A CG  1 
ATOM   1295 C CG  B ARG A 1 154 ? 8.410   -11.713 -12.241 0.40 16.30 ? 154 ARG A CG  1 
ATOM   1296 C CD  A ARG A 1 154 ? 9.145   -11.176 -13.568 0.60 14.29 ? 154 ARG A CD  1 
ATOM   1297 C CD  B ARG A 1 154 ? 8.239   -10.941 -13.546 0.40 15.74 ? 154 ARG A CD  1 
ATOM   1298 N NE  A ARG A 1 154 ? 9.920   -9.942  -13.693 0.60 19.25 ? 154 ARG A NE  1 
ATOM   1299 N NE  B ARG A 1 154 ? 9.300   -9.956  -13.733 0.40 18.82 ? 154 ARG A NE  1 
ATOM   1300 C CZ  A ARG A 1 154 ? 11.216  -9.899  -13.982 0.60 19.68 ? 154 ARG A CZ  1 
ATOM   1301 C CZ  B ARG A 1 154 ? 9.120   -8.639  -13.699 0.40 19.84 ? 154 ARG A CZ  1 
ATOM   1302 N NH1 A ARG A 1 154 ? 11.895  -11.025 -14.169 0.60 18.94 ? 154 ARG A NH1 1 
ATOM   1303 N NH1 B ARG A 1 154 ? 7.908   -8.131  -13.502 0.40 12.97 ? 154 ARG A NH1 1 
ATOM   1304 N NH2 A ARG A 1 154 ? 11.835  -8.732  -14.079 0.60 20.45 ? 154 ARG A NH2 1 
ATOM   1305 N NH2 B ARG A 1 154 ? 10.156  -7.829  -13.873 0.40 20.64 ? 154 ARG A NH2 1 
ATOM   1306 N N   . THR A 1 155 ? 10.942  -10.891 -8.907  1.00 13.00 ? 155 THR A N   1 
ATOM   1307 C CA  . THR A 1 155 ? 12.381  -11.112 -8.709  1.00 15.89 ? 155 THR A CA  1 
ATOM   1308 C C   . THR A 1 155 ? 12.852  -11.325 -7.273  1.00 18.58 ? 155 THR A C   1 
ATOM   1309 O O   . THR A 1 155 ? 13.915  -11.907 -7.052  1.00 17.09 ? 155 THR A O   1 
ATOM   1310 C CB  . THR A 1 155 ? 13.203  -9.943  -9.281  1.00 16.51 ? 155 THR A CB  1 
ATOM   1311 O OG1 . THR A 1 155 ? 13.000  -8.772  -8.468  1.00 15.23 ? 155 THR A OG1 1 
ATOM   1312 C CG2 . THR A 1 155 ? 12.790  -9.654  -10.718 1.00 16.96 ? 155 THR A CG2 1 
ATOM   1313 N N   . GLY A 1 156 ? 12.094  -10.826 -6.304  1.00 13.72 ? 156 GLY A N   1 
ATOM   1314 C CA  . GLY A 1 156 ? 12.516  -10.885 -4.920  1.00 15.90 ? 156 GLY A CA  1 
ATOM   1315 C C   . GLY A 1 156 ? 13.727  -10.004 -4.661  1.00 14.92 ? 156 GLY A C   1 
ATOM   1316 O O   . GLY A 1 156 ? 14.474  -10.221 -3.705  1.00 14.86 ? 156 GLY A O   1 
ATOM   1317 N N   . THR A 1 157 ? 13.934  -9.019  -5.532  1.00 13.90 ? 157 THR A N   1 
ATOM   1318 C CA  . THR A 1 157 ? 15.013  -8.047  -5.358  1.00 13.06 ? 157 THR A CA  1 
ATOM   1319 C C   . THR A 1 157 ? 14.436  -6.646  -5.374  1.00 13.71 ? 157 THR A C   1 
ATOM   1320 O O   . THR A 1 157 ? 13.281  -6.454  -5.735  1.00 12.92 ? 157 THR A O   1 
ATOM   1321 C CB  . THR A 1 157 ? 16.021  -8.100  -6.506  1.00 16.29 ? 157 THR A CB  1 
ATOM   1322 O OG1 . THR A 1 157 ? 15.434  -7.521  -7.685  1.00 18.45 ? 157 THR A OG1 1 
ATOM   1323 C CG2 . THR A 1 157 ? 16.457  -9.532  -6.784  1.00 17.90 ? 157 THR A CG2 1 
ATOM   1324 N N   . TRP A 1 158 ? 15.256  -5.667  -5.011  1.00 11.51 ? 158 TRP A N   1 
ATOM   1325 C CA  . TRP A 1 158 ? 14.822  -4.273  -4.995  1.00 10.31 ? 158 TRP A CA  1 
ATOM   1326 C C   . TRP A 1 158 ? 15.143  -3.543  -6.296  1.00 13.96 ? 158 TRP A C   1 
ATOM   1327 O O   . TRP A 1 158 ? 15.171  -2.316  -6.331  1.00 15.56 ? 158 TRP A O   1 
ATOM   1328 C CB  . TRP A 1 158 ? 15.493  -3.538  -3.837  1.00 13.44 ? 158 TRP A CB  1 
ATOM   1329 C CG  . TRP A 1 158 ? 15.012  -3.962  -2.504  1.00 14.30 ? 158 TRP A CG  1 
ATOM   1330 C CD1 . TRP A 1 158 ? 15.706  -4.666  -1.562  1.00 14.66 ? 158 TRP A CD1 1 
ATOM   1331 C CD2 . TRP A 1 158 ? 13.722  -3.697  -1.944  1.00 14.65 ? 158 TRP A CD2 1 
ATOM   1332 N NE1 . TRP A 1 158 ? 14.924  -4.858  -0.446  1.00 14.65 ? 158 TRP A NE1 1 
ATOM   1333 C CE2 . TRP A 1 158 ? 13.702  -4.269  -0.655  1.00 15.04 ? 158 TRP A CE2 1 
ATOM   1334 C CE3 . TRP A 1 158 ? 12.581  -3.034  -2.409  1.00 14.82 ? 158 TRP A CE3 1 
ATOM   1335 C CZ2 . TRP A 1 158 ? 12.585  -4.194  0.178   1.00 16.10 ? 158 TRP A CZ2 1 
ATOM   1336 C CZ3 . TRP A 1 158 ? 11.473  -2.958  -1.581  1.00 15.65 ? 158 TRP A CZ3 1 
ATOM   1337 C CH2 . TRP A 1 158 ? 11.482  -3.533  -0.302  1.00 18.48 ? 158 TRP A CH2 1 
ATOM   1338 N N   . ASP A 1 159 ? 15.373  -4.291  -7.369  1.00 16.31 ? 159 ASP A N   1 
ATOM   1339 C CA  . ASP A 1 159 ? 15.808  -3.675  -8.627  1.00 16.89 ? 159 ASP A CA  1 
ATOM   1340 C C   . ASP A 1 159 ? 14.901  -2.545  -9.137  1.00 19.34 ? 159 ASP A C   1 
ATOM   1341 O O   . ASP A 1 159 ? 15.379  -1.574  -9.737  1.00 17.94 ? 159 ASP A O   1 
ATOM   1342 C CB  . ASP A 1 159 ? 15.991  -4.735  -9.712  1.00 18.58 ? 159 ASP A CB  1 
ATOM   1343 C CG  . ASP A 1 159 ? 17.173  -5.647  -9.445  1.00 35.44 ? 159 ASP A CG  1 
ATOM   1344 O OD1 . ASP A 1 159 ? 17.973  -5.340  -8.537  1.00 31.05 ? 159 ASP A OD1 1 
ATOM   1345 O OD2 . ASP A 1 159 ? 17.305  -6.667  -10.154 1.00 37.36 ? 159 ASP A OD2 1 
ATOM   1346 N N   . ALA A 1 160 ? 13.596  -2.666  -8.909  1.00 13.29 ? 160 ALA A N   1 
ATOM   1347 C CA  . ALA A 1 160 ? 12.657  -1.668  -9.416  1.00 15.20 ? 160 ALA A CA  1 
ATOM   1348 C C   . ALA A 1 160 ? 12.718  -0.359  -8.635  1.00 17.60 ? 160 ALA A C   1 
ATOM   1349 O O   . ALA A 1 160 ? 12.208  0.659   -9.097  1.00 19.83 ? 160 ALA A O   1 
ATOM   1350 C CB  . ALA A 1 160 ? 11.222  -2.219  -9.418  1.00 15.91 ? 160 ALA A CB  1 
ATOM   1351 N N   . TYR A 1 161 ? 13.334  -0.387  -7.455  1.00 12.42 ? 161 TYR A N   1 
ATOM   1352 C CA  . TYR A 1 161 ? 13.362  0.784   -6.580  1.00 14.58 ? 161 TYR A CA  1 
ATOM   1353 C C   . TYR A 1 161 ? 14.742  1.427   -6.486  1.00 27.94 ? 161 TYR A C   1 
ATOM   1354 O O   . TYR A 1 161 ? 14.882  2.531   -5.964  1.00 25.59 ? 161 TYR A O   1 
ATOM   1355 C CB  . TYR A 1 161 ? 12.836  0.435   -5.188  1.00 14.71 ? 161 TYR A CB  1 
ATOM   1356 C CG  . TYR A 1 161 ? 11.337  0.249   -5.155  1.00 14.16 ? 161 TYR A CG  1 
ATOM   1357 C CD1 . TYR A 1 161 ? 10.769  -0.989  -5.419  1.00 12.67 ? 161 TYR A CD1 1 
ATOM   1358 C CD2 . TYR A 1 161 ? 10.493  1.317   -4.885  1.00 12.21 ? 161 TYR A CD2 1 
ATOM   1359 C CE1 . TYR A 1 161 ? 9.400   -1.162  -5.403  1.00 10.96 ? 161 TYR A CE1 1 
ATOM   1360 C CE2 . TYR A 1 161 ? 9.119   1.154   -4.862  1.00 10.95 ? 161 TYR A CE2 1 
ATOM   1361 C CZ  . TYR A 1 161 ? 8.580   -0.090  -5.124  1.00 12.62 ? 161 TYR A CZ  1 
ATOM   1362 O OH  . TYR A 1 161 ? 7.215   -0.271  -5.112  1.00 14.10 ? 161 TYR A OH  1 
ATOM   1363 N N   . LYS A 1 162 ? 15.759  0.736   -6.985  1.00 26.95 ? 162 LYS A N   1 
ATOM   1364 C CA  . LYS A 1 162 ? 17.092  1.324   -7.072  1.00 40.20 ? 162 LYS A CA  1 
ATOM   1365 C C   . LYS A 1 162 ? 17.114  2.359   -8.193  1.00 39.47 ? 162 LYS A C   1 
ATOM   1366 O O   . LYS A 1 162 ? 16.618  2.103   -9.291  1.00 51.60 ? 162 LYS A O   1 
ATOM   1367 C CB  . LYS A 1 162 ? 18.150  0.242   -7.283  1.00 37.90 ? 162 LYS A CB  1 
ATOM   1368 C CG  . LYS A 1 162 ? 18.303  -0.693  -6.091  1.00 38.15 ? 162 LYS A CG  1 
ATOM   1369 N N   . ASN A 1 163 ? 17.680  3.527   -7.901  0.80 41.51 ? 163 ASN A N   1 
ATOM   1370 C CA  . ASN A 1 163 ? 17.549  4.703   -8.758  0.80 56.74 ? 163 ASN A CA  1 
ATOM   1371 C C   . ASN A 1 163 ? 16.163  5.317   -8.579  0.80 53.46 ? 163 ASN A C   1 
ATOM   1372 O O   . ASN A 1 163 ? 15.709  6.119   -9.396  0.80 57.38 ? 163 ASN A O   1 
ATOM   1373 C CB  . ASN A 1 163 ? 17.802  4.360   -10.230 0.80 51.01 ? 163 ASN A CB  1 
ATOM   1374 N N   . LEU A 1 164 ? 15.506  4.925   -7.491  0.80 50.00 ? 164 LEU A N   1 
ATOM   1375 C CA  . LEU A 1 164 ? 14.139  5.350   -7.191  0.80 46.64 ? 164 LEU A CA  1 
ATOM   1376 C C   . LEU A 1 164 ? 13.245  5.337   -8.431  0.80 46.27 ? 164 LEU A C   1 
ATOM   1377 O O   . LEU A 1 164 ? 12.292  4.558   -8.514  0.80 42.33 ? 164 LEU A O   1 
ATOM   1378 C CB  . LEU A 1 164 ? 14.128  6.732   -6.531  0.80 51.37 ? 164 LEU A CB  1 
ATOM   1379 C CG  . LEU A 1 164 ? 15.058  6.947   -5.332  0.80 40.49 ? 164 LEU A CG  1 
ATOM   1380 C CD1 . LEU A 1 164 ? 14.501  8.024   -4.415  0.80 49.33 ? 164 LEU A CD1 1 
ATOM   1381 C CD2 . LEU A 1 164 ? 15.284  5.655   -4.563  0.80 43.49 ? 164 LEU A CD2 1 
HETATM 1382 C CB  A PYJ B 2 .   ? -0.059  -10.072 -2.670  0.60 13.70 ? 200 PYJ A CB  1 
HETATM 1383 C CB  B PYJ B 2 .   ? -1.357  -8.731  -1.457  0.40 15.27 ? 200 PYJ A CB  1 
HETATM 1384 C CX  A PYJ B 2 .   ? -1.395  -10.345 -3.371  0.60 17.10 ? 200 PYJ A CX  1 
HETATM 1385 C CX  B PYJ B 2 .   ? -2.039  -9.237  -2.730  0.40 15.84 ? 200 PYJ A CX  1 
HETATM 1386 C CG  A PYJ B 2 .   ? -0.141  -10.338 -1.162  0.60 13.92 ? 200 PYJ A CG  1 
HETATM 1387 C CG  B PYJ B 2 .   ? -0.687  -9.882  -0.705  0.40 13.85 ? 200 PYJ A CG  1 
HETATM 1388 C CD1 A PYJ B 2 .   ? -0.707  -9.395  -0.314  0.60 14.80 ? 200 PYJ A CD1 1 
HETATM 1389 C CD1 B PYJ B 2 .   ? -0.900  -10.039 0.661   0.40 13.86 ? 200 PYJ A CD1 1 
HETATM 1390 C CD2 A PYJ B 2 .   ? 0.355   -11.527 -0.636  0.60 14.24 ? 200 PYJ A CD2 1 
HETATM 1391 C CD2 B PYJ B 2 .   ? 0.134   -10.769 -1.389  0.40 14.36 ? 200 PYJ A CD2 1 
HETATM 1392 C CE1 A PYJ B 2 .   ? -0.779  -9.637  1.056   0.60 13.70 ? 200 PYJ A CE1 1 
HETATM 1393 C CE1 B PYJ B 2 .   ? -0.292  -11.085 1.344   0.40 13.10 ? 200 PYJ A CE1 1 
HETATM 1394 C CE2 A PYJ B 2 .   ? 0.283   -11.770 0.731   0.60 12.43 ? 200 PYJ A CE2 1 
HETATM 1395 C CE2 B PYJ B 2 .   ? 0.743   -11.817 -0.707  0.40 13.86 ? 200 PYJ A CE2 1 
HETATM 1396 C CZ  A PYJ B 2 .   ? -0.284  -10.826 1.581   0.60 12.83 ? 200 PYJ A CZ  1 
HETATM 1397 C CZ  B PYJ B 2 .   ? 0.529   -11.974 0.658   0.40 12.42 ? 200 PYJ A CZ  1 
HETATM 1398 N N1  . EPE C 3 .   ? -6.720  2.076   2.992   1.00 35.21 ? 201 EPE A N1  1 
HETATM 1399 C C2  . EPE C 3 .   ? -5.671  1.236   3.585   1.00 32.31 ? 201 EPE A C2  1 
HETATM 1400 C C3  . EPE C 3 .   ? -4.601  2.130   4.203   1.00 30.75 ? 201 EPE A C3  1 
HETATM 1401 N N4  . EPE C 3 .   ? -4.142  3.155   3.287   1.00 25.24 ? 201 EPE A N4  1 
HETATM 1402 C C5  . EPE C 3 .   ? -5.102  3.796   2.404   1.00 24.33 ? 201 EPE A C5  1 
HETATM 1403 C C6  . EPE C 3 .   ? -6.152  2.832   1.867   1.00 30.28 ? 201 EPE A C6  1 
HETATM 1404 C C7  . EPE C 3 .   ? -2.928  3.883   3.616   1.00 24.38 ? 201 EPE A C7  1 
HETATM 1405 C C8  . EPE C 3 .   ? -3.049  4.703   4.897   1.00 24.43 ? 201 EPE A C8  1 
HETATM 1406 O O8  . EPE C 3 .   ? -4.326  5.305   4.968   1.00 18.95 ? 201 EPE A O8  1 
HETATM 1407 C C9  . EPE C 3 .   ? -7.809  1.226   2.496   1.00 37.67 ? 201 EPE A C9  1 
HETATM 1408 C C10 . EPE C 3 .   ? -8.983  1.303   3.462   1.00 59.08 ? 201 EPE A C10 1 
HETATM 1409 S S   . EPE C 3 .   ? -10.499 0.658   2.716   1.00 63.66 ? 201 EPE A S   1 
HETATM 1410 O O1S . EPE C 3 .   ? -11.174 1.729   1.987   1.00 52.13 ? 201 EPE A O1S 1 
HETATM 1411 O O2S . EPE C 3 .   ? -11.374 0.150   3.770   1.00 68.45 ? 201 EPE A O2S 1 
HETATM 1412 O O3S . EPE C 3 .   ? -10.162 -0.419  1.791   1.00 50.91 ? 201 EPE A O3S 1 
HETATM 1413 O O   . HOH D 4 .   ? 3.531   2.636   -17.068 0.60 20.34 ? 301 HOH A O   1 
HETATM 1414 O O   . HOH D 4 .   ? 9.806   11.329  12.851  1.00 36.83 ? 302 HOH A O   1 
HETATM 1415 O O   . HOH D 4 .   ? 7.316   8.228   13.927  1.00 32.30 ? 303 HOH A O   1 
HETATM 1416 O O   . HOH D 4 .   ? -7.892  -13.620 -8.690  1.00 27.37 ? 304 HOH A O   1 
HETATM 1417 O O   . HOH D 4 .   ? 14.128  -12.246 -1.766  1.00 21.44 ? 305 HOH A O   1 
HETATM 1418 O O   . HOH D 4 .   ? -8.611  22.403  12.061  1.00 32.14 ? 306 HOH A O   1 
HETATM 1419 O O   . HOH D 4 .   ? -1.071  16.372  18.539  1.00 33.55 ? 307 HOH A O   1 
HETATM 1420 O O   . HOH D 4 .   ? 2.208   -20.525 4.662   1.00 27.15 ? 308 HOH A O   1 
HETATM 1421 O O   . HOH D 4 .   ? -4.135  15.472  21.629  1.00 36.93 ? 309 HOH A O   1 
HETATM 1422 O O   . HOH D 4 .   ? -9.774  9.057   8.679   0.80 27.48 ? 310 HOH A O   1 
HETATM 1423 O O   . HOH D 4 .   ? 8.650   1.797   12.749  1.00 18.04 ? 311 HOH A O   1 
HETATM 1424 O O   . HOH D 4 .   ? 11.455  -13.617 -14.100 1.00 30.40 ? 312 HOH A O   1 
HETATM 1425 O O   . HOH D 4 .   ? -1.245  8.858   17.322  1.00 19.68 ? 313 HOH A O   1 
HETATM 1426 O O   . HOH D 4 .   ? 0.861   5.828   18.045  1.00 21.99 ? 314 HOH A O   1 
HETATM 1427 O O   . HOH D 4 .   ? 7.432   10.929  14.038  1.00 24.70 ? 315 HOH A O   1 
HETATM 1428 O O   . HOH D 4 .   ? 5.553   0.823   15.198  1.00 37.72 ? 316 HOH A O   1 
HETATM 1429 O O   . HOH D 4 .   ? 12.295  -14.937 -10.129 1.00 20.93 ? 317 HOH A O   1 
HETATM 1430 O O   . HOH D 4 .   ? -2.621  20.209  -1.419  0.80 28.94 ? 318 HOH A O   1 
HETATM 1431 O O   . HOH D 4 .   ? -8.930  9.817   -10.110 1.00 19.15 ? 319 HOH A O   1 
HETATM 1432 O O   . HOH D 4 .   ? -6.999  8.712   10.219  1.00 31.37 ? 320 HOH A O   1 
HETATM 1433 O O   . HOH D 4 .   ? -4.228  6.887   -13.641 1.00 17.37 ? 321 HOH A O   1 
HETATM 1434 O O   A HOH D 4 .   ? 7.572   6.518   9.805   0.80 19.54 ? 322 HOH A O   1 
HETATM 1435 O O   . HOH D 4 .   ? 16.952  -10.138 -2.509  1.00 20.52 ? 323 HOH A O   1 
HETATM 1436 O O   . HOH D 4 .   ? -8.430  -10.106 -14.184 1.00 24.05 ? 324 HOH A O   1 
HETATM 1437 O O   . HOH D 4 .   ? 5.473   -21.735 -0.342  1.00 21.74 ? 325 HOH A O   1 
HETATM 1438 O O   . HOH D 4 .   ? -2.660  2.137   -17.817 1.00 16.16 ? 326 HOH A O   1 
HETATM 1439 O O   . HOH D 4 .   ? 17.905  0.662   3.343   1.00 34.17 ? 327 HOH A O   1 
HETATM 1440 O O   . HOH D 4 .   ? 15.418  3.352   6.292   1.00 21.59 ? 328 HOH A O   1 
HETATM 1441 O O   . HOH D 4 .   ? -2.720  23.158  16.515  0.70 20.78 ? 329 HOH A O   1 
HETATM 1442 O O   . HOH D 4 .   ? 8.439   -22.126 -9.184  1.00 23.05 ? 330 HOH A O   1 
HETATM 1443 O O   . HOH D 4 .   ? -12.187 14.290  -5.913  1.00 30.90 ? 331 HOH A O   1 
HETATM 1444 O O   . HOH D 4 .   ? -5.292  13.718  -7.475  1.00 19.62 ? 332 HOH A O   1 
HETATM 1445 O O   . HOH D 4 .   ? -3.660  -3.342  -19.791 1.00 37.88 ? 333 HOH A O   1 
HETATM 1446 O O   . HOH D 4 .   ? -10.385 7.230   -9.985  1.00 37.13 ? 334 HOH A O   1 
HETATM 1447 O O   . HOH D 4 .   ? 17.833  -6.372  -4.041  1.00 18.26 ? 335 HOH A O   1 
HETATM 1448 O O   . HOH D 4 .   ? -3.762  8.631   14.653  1.00 14.63 ? 336 HOH A O   1 
HETATM 1449 O O   . HOH D 4 .   ? 15.744  -12.765 -9.063  1.00 27.34 ? 337 HOH A O   1 
HETATM 1450 O O   . HOH D 4 .   ? -2.675  6.148   11.387  1.00 20.00 ? 338 HOH A O   1 
HETATM 1451 O O   . HOH D 4 .   ? -13.785 18.723  13.648  0.80 30.45 ? 339 HOH A O   1 
HETATM 1452 O O   . HOH D 4 .   ? -8.500  -3.939  -6.584  1.00 33.75 ? 340 HOH A O   1 
HETATM 1453 O O   . HOH D 4 .   ? -1.160  11.078  16.101  1.00 23.46 ? 341 HOH A O   1 
HETATM 1454 O O   . HOH D 4 .   ? -3.098  15.983  -5.536  1.00 26.52 ? 342 HOH A O   1 
HETATM 1455 O O   . HOH D 4 .   ? -7.475  6.574   -11.303 1.00 33.58 ? 343 HOH A O   1 
HETATM 1456 O O   . HOH D 4 .   ? 15.856  -13.242 -5.360  1.00 31.35 ? 344 HOH A O   1 
HETATM 1457 O O   . HOH D 4 .   ? -7.768  11.858  18.961  1.00 13.38 ? 345 HOH A O   1 
HETATM 1458 O O   . HOH D 4 .   ? -14.391 7.492   4.091   1.00 34.87 ? 346 HOH A O   1 
HETATM 1459 O O   . HOH D 4 .   ? -2.918  -15.166 -15.446 1.00 24.14 ? 347 HOH A O   1 
HETATM 1460 O O   B HOH D 4 .   ? 17.098  -0.776  5.678   1.00 24.93 ? 348 HOH A O   1 
HETATM 1461 O O   . HOH D 4 .   ? -12.139 7.472   -8.095  1.00 36.55 ? 349 HOH A O   1 
HETATM 1462 O O   . HOH D 4 .   ? 1.603   4.526   -10.671 1.00 14.56 ? 350 HOH A O   1 
HETATM 1463 O O   . HOH D 4 .   ? 7.477   -21.038 1.497   1.00 14.35 ? 351 HOH A O   1 
HETATM 1464 O O   . HOH D 4 .   ? -11.882 4.696   -12.415 1.00 33.60 ? 352 HOH A O   1 
HETATM 1465 O O   . HOH D 4 .   ? -4.863  -5.655  -17.589 1.00 30.67 ? 353 HOH A O   1 
HETATM 1466 O O   . HOH D 4 .   ? 10.948  -16.461 -12.005 1.00 20.97 ? 354 HOH A O   1 
HETATM 1467 O O   A HOH D 4 .   ? 6.521   13.895  -2.528  0.70 28.19 ? 355 HOH A O   1 
HETATM 1468 O O   A HOH D 4 .   ? -4.863  18.247  -4.164  1.00 33.03 ? 356 HOH A O   1 
HETATM 1469 O O   . HOH D 4 .   ? -3.583  3.352   11.375  1.00 35.74 ? 357 HOH A O   1 
HETATM 1470 O O   . HOH D 4 .   ? -8.274  -0.858  -7.543  1.00 34.73 ? 358 HOH A O   1 
HETATM 1471 O O   . HOH D 4 .   ? 7.099   -24.168 -4.344  1.00 36.14 ? 359 HOH A O   1 
HETATM 1472 O O   . HOH D 4 .   ? 10.364  -17.007 7.400   1.00 33.82 ? 360 HOH A O   1 
HETATM 1473 O O   . HOH D 4 .   ? 8.001   -18.459 -17.228 1.00 44.75 ? 361 HOH A O   1 
HETATM 1474 O O   . HOH D 4 .   ? 11.486  6.155   4.555   1.00 23.28 ? 362 HOH A O   1 
HETATM 1475 O O   . HOH D 4 .   ? 12.577  6.349   0.152   1.00 23.32 ? 363 HOH A O   1 
HETATM 1476 O O   . HOH D 4 .   ? 8.135   9.838   -3.945  0.70 27.75 ? 364 HOH A O   1 
HETATM 1477 O O   . HOH D 4 .   ? 3.538   5.696   -6.943  1.00 24.74 ? 365 HOH A O   1 
HETATM 1478 O O   . HOH D 4 .   ? 2.420   12.234  -0.479  1.00 21.47 ? 366 HOH A O   1 
HETATM 1479 O O   . HOH D 4 .   ? 0.163   9.496   -1.829  1.00 25.60 ? 367 HOH A O   1 
HETATM 1480 O O   B HOH D 4 .   ? 8.284   13.399  -2.118  1.00 40.59 ? 368 HOH A O   1 
HETATM 1481 O O   . HOH D 4 .   ? 4.473   19.384  1.637   1.00 25.61 ? 369 HOH A O   1 
HETATM 1482 O O   . HOH D 4 .   ? 7.862   19.755  9.148   1.00 26.08 ? 370 HOH A O   1 
HETATM 1483 O O   . HOH D 4 .   ? 8.774   17.624  12.126  1.00 25.97 ? 371 HOH A O   1 
HETATM 1484 O O   . HOH D 4 .   ? -0.983  23.009  11.708  1.00 22.43 ? 372 HOH A O   1 
HETATM 1485 O O   . HOH D 4 .   ? 1.551   22.496  11.371  1.00 28.53 ? 373 HOH A O   1 
HETATM 1486 O O   . HOH D 4 .   ? -5.094  8.027   -0.122  1.00 18.78 ? 374 HOH A O   1 
HETATM 1487 O O   A HOH D 4 .   ? -3.209  6.098   0.594   0.80 28.62 ? 375 HOH A O   1 
HETATM 1488 O O   . HOH D 4 .   ? 0.826   7.324   6.206   1.00 13.38 ? 376 HOH A O   1 
HETATM 1489 O O   . HOH D 4 .   ? 1.637   9.905   6.762   1.00 12.39 ? 377 HOH A O   1 
HETATM 1490 O O   . HOH D 4 .   ? -1.949  8.925   -4.279  1.00 33.15 ? 378 HOH A O   1 
HETATM 1491 O O   . HOH D 4 .   ? -14.033 16.580  -3.154  1.00 35.49 ? 379 HOH A O   1 
HETATM 1492 O O   . HOH D 4 .   ? -12.116 12.371  -0.126  1.00 18.50 ? 380 HOH A O   1 
HETATM 1493 O O   . HOH D 4 .   ? -13.111 10.560  -5.825  0.80 36.50 ? 381 HOH A O   1 
HETATM 1494 O O   . HOH D 4 .   ? -6.579  1.979   -5.240  1.00 35.32 ? 382 HOH A O   1 
HETATM 1495 O O   . HOH D 4 .   ? -5.618  4.255   -8.139  1.00 29.14 ? 383 HOH A O   1 
HETATM 1496 O O   A HOH D 4 .   ? -4.149  4.314   -1.024  0.60 23.27 ? 384 HOH A O   1 
HETATM 1497 O O   . HOH D 4 .   ? -13.713 20.585  9.744   1.00 32.32 ? 385 HOH A O   1 
HETATM 1498 O O   . HOH D 4 .   ? -7.417  20.062  9.936   1.00 19.52 ? 386 HOH A O   1 
HETATM 1499 O O   . HOH D 4 .   ? 1.533   16.284  17.179  1.00 28.91 ? 387 HOH A O   1 
HETATM 1500 O O   . HOH D 4 .   ? -5.390  22.228  19.032  1.00 37.27 ? 388 HOH A O   1 
HETATM 1501 O O   . HOH D 4 .   ? -2.596  0.920   6.437   1.00 19.51 ? 389 HOH A O   1 
HETATM 1502 O O   . HOH D 4 .   ? -4.946  -3.528  11.062  1.00 34.33 ? 390 HOH A O   1 
HETATM 1503 O O   . HOH D 4 .   ? -2.477  -9.077  13.554  1.00 34.98 ? 391 HOH A O   1 
HETATM 1504 O O   . HOH D 4 .   ? -3.925  -1.251  4.882   1.00 23.01 ? 392 HOH A O   1 
HETATM 1505 O O   . HOH D 4 .   ? -9.801  -13.798 8.119   1.00 33.99 ? 393 HOH A O   1 
HETATM 1506 O O   . HOH D 4 .   ? -4.848  -17.802 0.657   1.00 26.65 ? 394 HOH A O   1 
HETATM 1507 O O   . HOH D 4 .   ? 5.661   -18.132 -1.466  1.00 15.60 ? 395 HOH A O   1 
HETATM 1508 O O   . HOH D 4 .   ? 0.794   -1.493  -4.283  1.00 13.95 ? 396 HOH A O   1 
HETATM 1509 O O   . HOH D 4 .   ? -4.542  1.692   -8.577  1.00 21.91 ? 397 HOH A O   1 
HETATM 1510 O O   . HOH D 4 .   ? 0.074   5.199   -5.919  1.00 32.40 ? 398 HOH A O   1 
HETATM 1511 O O   . HOH D 4 .   ? -0.561  -16.054 -15.051 1.00 21.53 ? 399 HOH A O   1 
HETATM 1512 O O   . HOH D 4 .   ? 6.108   -12.416 -15.758 1.00 26.38 ? 400 HOH A O   1 
HETATM 1513 O O   . HOH D 4 .   ? 6.678   -5.344  -13.771 1.00 18.05 ? 401 HOH A O   1 
HETATM 1514 O O   . HOH D 4 .   ? 7.651   1.299   -13.037 1.00 16.32 ? 402 HOH A O   1 
HETATM 1515 O O   . HOH D 4 .   ? 9.481   3.072   -11.824 1.00 17.06 ? 403 HOH A O   1 
HETATM 1516 O O   . HOH D 4 .   ? -0.548  -9.631  -17.676 1.00 20.18 ? 404 HOH A O   1 
HETATM 1517 O O   . HOH D 4 .   ? 3.345   -8.460  -15.220 1.00 17.51 ? 405 HOH A O   1 
HETATM 1518 O O   . HOH D 4 .   ? 12.069  -4.487  -7.154  1.00 15.98 ? 406 HOH A O   1 
HETATM 1519 O O   . HOH D 4 .   ? 11.597  1.252   -11.594 1.00 21.69 ? 407 HOH A O   1 
HETATM 1520 O O   . HOH D 4 .   ? -7.424  5.503   -2.713  1.00 36.20 ? 408 HOH A O   1 
HETATM 1521 O O   . HOH D 4 .   ? -16.270 21.100  2.728   1.00 37.45 ? 409 HOH A O   1 
HETATM 1522 O O   . HOH D 4 .   ? 0.864   12.213  14.274  0.50 13.49 ? 410 HOH A O   1 
HETATM 1523 O O   . HOH D 4 .   ? 4.133   21.833  7.816   0.80 26.68 ? 411 HOH A O   1 
HETATM 1524 O O   . HOH D 4 .   ? 5.499   17.959  15.124  1.00 31.24 ? 412 HOH A O   1 
HETATM 1525 O O   . HOH D 4 .   ? -4.575  21.545  1.178   1.00 31.11 ? 413 HOH A O   1 
HETATM 1526 O O   . HOH D 4 .   ? -0.062  19.014  -0.336  0.60 20.40 ? 414 HOH A O   1 
HETATM 1527 O O   . HOH D 4 .   ? -5.079  -19.227 7.614   1.00 36.70 ? 415 HOH A O   1 
HETATM 1528 O O   . HOH D 4 .   ? -8.989  -15.117 -1.473  1.00 36.71 ? 416 HOH A O   1 
HETATM 1529 O O   . HOH D 4 .   ? -5.648  -18.344 -3.204  1.00 21.35 ? 417 HOH A O   1 
HETATM 1530 O O   . HOH D 4 .   ? -10.735 -10.532 3.513   1.00 40.91 ? 418 HOH A O   1 
HETATM 1531 O O   . HOH D 4 .   ? 7.579   2.010   -15.502 1.00 29.60 ? 419 HOH A O   1 
HETATM 1532 O O   . HOH D 4 .   ? 10.123  -3.051  -13.421 1.00 31.46 ? 420 HOH A O   1 
HETATM 1533 O O   . HOH D 4 .   ? -9.816  -2.910  3.623   1.00 37.61 ? 421 HOH A O   1 
HETATM 1534 O O   . HOH D 4 .   ? 3.013   19.736  15.792  0.80 29.80 ? 422 HOH A O   1 
HETATM 1535 O O   . HOH D 4 .   ? -4.664  22.096  3.712   0.60 24.29 ? 423 HOH A O   1 
HETATM 1536 O O   . HOH D 4 .   ? -9.802  -10.559 8.585   1.00 37.99 ? 424 HOH A O   1 
HETATM 1537 O O   A HOH D 4 .   ? -4.418  3.902   -5.305  1.00 32.37 ? 425 HOH A O   1 
HETATM 1538 O O   B HOH D 4 .   ? -2.765  4.929   -5.467  0.50 24.15 ? 426 HOH A O   1 
HETATM 1539 O O   . HOH D 4 .   ? 10.394  15.800  0.781   1.00 45.82 ? 427 HOH A O   1 
HETATM 1540 O O   . HOH D 4 .   ? -15.389 20.180  -0.042  1.00 37.99 ? 428 HOH A O   1 
HETATM 1541 O O   A HOH D 4 .   ? -12.829 13.801  -2.655  1.00 26.75 ? 429 HOH A O   1 
HETATM 1542 O O   B HOH D 4 .   ? -14.057 12.043  -2.886  0.70 29.62 ? 430 HOH A O   1 
HETATM 1543 O O   . HOH D 4 .   ? -5.932  -0.004  -7.094  1.00 30.76 ? 431 HOH A O   1 
HETATM 1544 O O   B HOH D 4 .   ? -1.933  4.696   -1.310  0.60 26.70 ? 432 HOH A O   1 
HETATM 1545 O O   . HOH D 4 .   ? 5.786   -9.540  -15.553 1.00 26.08 ? 433 HOH A O   1 
# 
loop_
_pdbx_poly_seq_scheme.asym_id 
_pdbx_poly_seq_scheme.entity_id 
_pdbx_poly_seq_scheme.seq_id 
_pdbx_poly_seq_scheme.mon_id 
_pdbx_poly_seq_scheme.ndb_seq_num 
_pdbx_poly_seq_scheme.pdb_seq_num 
_pdbx_poly_seq_scheme.auth_seq_num 
_pdbx_poly_seq_scheme.pdb_mon_id 
_pdbx_poly_seq_scheme.auth_mon_id 
_pdbx_poly_seq_scheme.pdb_strand_id 
_pdbx_poly_seq_scheme.pdb_ins_code 
_pdbx_poly_seq_scheme.hetero 
A 1 1   MET 1   1   1   MET MET A . n 
A 1 2   ASN 2   2   2   ASN ASN A . n 
A 1 3   ILE 3   3   3   ILE ILE A . n 
A 1 4   PHE 4   4   4   PHE PHE A . n 
A 1 5   GLU 5   5   5   GLU GLU A . n 
A 1 6   MET 6   6   6   MET MET A . n 
A 1 7   LEU 7   7   7   LEU LEU A . n 
A 1 8   ARG 8   8   8   ARG ARG A . n 
A 1 9   ILE 9   9   9   ILE ILE A . n 
A 1 10  ASP 10  10  10  ASP ASP A . n 
A 1 11  GLU 11  11  11  GLU GLU A . n 
A 1 12  GLY 12  12  12  GLY GLY A . n 
A 1 13  LEU 13  13  13  LEU LEU A . n 
A 1 14  ARG 14  14  14  ARG ARG A . n 
A 1 15  LEU 15  15  15  LEU LEU A . n 
A 1 16  LYS 16  16  16  LYS LYS A . n 
A 1 17  ILE 17  17  17  ILE ILE A . n 
A 1 18  TYR 18  18  18  TYR TYR A . n 
A 1 19  LYS 19  19  19  LYS LYS A . n 
A 1 20  ASP 20  20  20  ASP ASP A . n 
A 1 21  THR 21  21  21  THR THR A . n 
A 1 22  GLU 22  22  22  GLU GLU A . n 
A 1 23  GLY 23  23  23  GLY GLY A . n 
A 1 24  TYR 24  24  24  TYR TYR A . n 
A 1 25  TYR 25  25  25  TYR TYR A . n 
A 1 26  THR 26  26  26  THR THR A . n 
A 1 27  ILE 27  27  27  ILE ILE A . n 
A 1 28  GLY 28  28  28  GLY GLY A . n 
A 1 29  ILE 29  29  29  ILE ILE A . n 
A 1 30  GLY 30  30  30  GLY GLY A . n 
A 1 31  HIS 31  31  31  HIS HIS A . n 
A 1 32  LEU 32  32  32  LEU LEU A . n 
A 1 33  LEU 33  33  33  LEU LEU A . n 
A 1 34  THR 34  34  34  THR THR A . n 
A 1 35  LYS 35  35  35  LYS LYS A . n 
A 1 36  SER 36  36  36  SER SER A . n 
A 1 37  PRO 37  37  37  PRO PRO A . n 
A 1 38  SER 38  38  38  SER SER A . n 
A 1 39  LEU 39  39  39  LEU LEU A . n 
A 1 40  ASN 40  40  40  ASN ASN A . n 
A 1 41  ALA 41  41  41  ALA ALA A . n 
A 1 42  ALA 42  42  42  ALA ALA A . n 
A 1 43  LYS 43  43  43  LYS LYS A . n 
A 1 44  SER 44  44  44  SER SER A . n 
A 1 45  GLU 45  45  45  GLU GLU A . n 
A 1 46  LEU 46  46  46  LEU LEU A . n 
A 1 47  ASP 47  47  47  ASP ASP A . n 
A 1 48  LYS 48  48  48  LYS LYS A . n 
A 1 49  ALA 49  49  49  ALA ALA A . n 
A 1 50  ILE 50  50  50  ILE ILE A . n 
A 1 51  GLY 51  51  51  GLY GLY A . n 
A 1 52  ARG 52  52  52  ARG ARG A . n 
A 1 53  ASN 53  53  53  ASN ASN A . n 
A 1 54  CYS 54  54  54  CYS CYS A . n 
A 1 55  ASN 55  55  55  ASN ASN A . n 
A 1 56  GLY 56  56  56  GLY GLY A . n 
A 1 57  VAL 57  57  57  VAL VAL A . n 
A 1 58  ILE 58  58  58  ILE ILE A . n 
A 1 59  THR 59  59  59  THR THR A . n 
A 1 60  LYS 60  60  60  LYS LYS A . n 
A 1 61  ASP 61  61  61  ASP ASP A . n 
A 1 62  GLU 62  62  62  GLU GLU A . n 
A 1 63  ALA 63  63  63  ALA ALA A . n 
A 1 64  GLU 64  64  64  GLU GLU A . n 
A 1 65  LYS 65  65  65  LYS LYS A . n 
A 1 66  LEU 66  66  66  LEU LEU A . n 
A 1 67  PHE 67  67  67  PHE PHE A . n 
A 1 68  ASN 68  68  68  ASN ASN A . n 
A 1 69  GLN 69  69  69  GLN GLN A . n 
A 1 70  ASP 70  70  70  ASP ASP A . n 
A 1 71  VAL 71  71  71  VAL VAL A . n 
A 1 72  ASP 72  72  72  ASP ASP A . n 
A 1 73  ALA 73  73  73  ALA ALA A . n 
A 1 74  ALA 74  74  74  ALA ALA A . n 
A 1 75  VAL 75  75  75  VAL VAL A . n 
A 1 76  ARG 76  76  76  ARG ARG A . n 
A 1 77  GLY 77  77  77  GLY GLY A . n 
A 1 78  ILE 78  78  78  ILE ILE A . n 
A 1 79  LEU 79  79  79  LEU LEU A . n 
A 1 80  ARG 80  80  80  ARG ARG A . n 
A 1 81  ASN 81  81  81  ASN ASN A . n 
A 1 82  ALA 82  82  82  ALA ALA A . n 
A 1 83  LYS 83  83  83  LYS LYS A . n 
A 1 84  LEU 84  84  84  LEU LEU A . n 
A 1 85  LYS 85  85  85  LYS LYS A . n 
A 1 86  PRO 86  86  86  PRO PRO A . n 
A 1 87  VAL 87  87  87  VAL VAL A . n 
A 1 88  TYR 88  88  88  TYR TYR A . n 
A 1 89  ASP 89  89  89  ASP ASP A . n 
A 1 90  SER 90  90  90  SER SER A . n 
A 1 91  LEU 91  91  91  LEU LEU A . n 
A 1 92  ASP 92  92  92  ASP ASP A . n 
A 1 93  ALA 93  93  93  ALA ALA A . n 
A 1 94  VAL 94  94  94  VAL VAL A . n 
A 1 95  ARG 95  95  95  ARG ARG A . n 
A 1 96  ARG 96  96  96  ARG ARG A . n 
A 1 97  CYS 97  97  97  CYS CYS A . n 
A 1 98  ALA 98  98  98  ALA ALA A . n 
A 1 99  ALA 99  99  99  ALA ALA A . n 
A 1 100 ILE 100 100 100 ILE ILE A . n 
A 1 101 ASN 101 101 101 ASN ASN A . n 
A 1 102 MET 102 102 102 MET MET A . n 
A 1 103 VAL 103 103 103 VAL VAL A . n 
A 1 104 PHE 104 104 104 PHE PHE A . n 
A 1 105 GLN 105 105 105 GLN GLN A . n 
A 1 106 MET 106 106 106 MET MET A . n 
A 1 107 GLY 107 107 107 GLY GLY A . n 
A 1 108 GLU 108 108 108 GLU GLU A . n 
A 1 109 THR 109 109 109 THR THR A . n 
A 1 110 GLY 110 110 110 GLY GLY A . n 
A 1 111 VAL 111 111 111 VAL VAL A . n 
A 1 112 ALA 112 112 112 ALA ALA A . n 
A 1 113 GLY 113 113 113 GLY GLY A . n 
A 1 114 PHE 114 114 114 PHE PHE A . n 
A 1 115 THR 115 115 115 THR THR A . n 
A 1 116 ASN 116 116 116 ASN ASN A . n 
A 1 117 SER 117 117 117 SER SER A . n 
A 1 118 LEU 118 118 118 LEU LEU A . n 
A 1 119 ARG 119 119 119 ARG ARG A . n 
A 1 120 MET 120 120 120 MET MET A . n 
A 1 121 LEU 121 121 121 LEU LEU A . n 
A 1 122 GLN 122 122 122 GLN GLN A . n 
A 1 123 GLN 123 123 123 GLN GLN A . n 
A 1 124 LYS 124 124 124 LYS LYS A . n 
A 1 125 ARG 125 125 125 ARG ARG A . n 
A 1 126 TRP 126 126 126 TRP TRP A . n 
A 1 127 ASP 127 127 127 ASP ASP A . n 
A 1 128 GLU 128 128 128 GLU GLU A . n 
A 1 129 ALA 129 129 129 ALA ALA A . n 
A 1 130 ALA 130 130 130 ALA ALA A . n 
A 1 131 VAL 131 131 131 VAL VAL A . n 
A 1 132 ASN 132 132 132 ASN ASN A . n 
A 1 133 LEU 133 133 133 LEU LEU A . n 
A 1 134 ALA 134 134 134 ALA ALA A . n 
A 1 135 LYS 135 135 135 LYS LYS A . n 
A 1 136 SER 136 136 136 SER SER A . n 
A 1 137 ARG 137 137 137 ARG ARG A . n 
A 1 138 TRP 138 138 138 TRP TRP A . n 
A 1 139 TYR 139 139 139 TYR TYR A . n 
A 1 140 ASN 140 140 140 ASN ASN A . n 
A 1 141 GLN 141 141 141 GLN GLN A . n 
A 1 142 THR 142 142 142 THR THR A . n 
A 1 143 PRO 143 143 143 PRO PRO A . n 
A 1 144 ASN 144 144 144 ASN ASN A . n 
A 1 145 ARG 145 145 145 ARG ARG A . n 
A 1 146 ALA 146 146 146 ALA ALA A . n 
A 1 147 LYS 147 147 147 LYS LYS A . n 
A 1 148 ARG 148 148 148 ARG ARG A . n 
A 1 149 VAL 149 149 149 VAL VAL A . n 
A 1 150 ILE 150 150 150 ILE ILE A . n 
A 1 151 THR 151 151 151 THR THR A . n 
A 1 152 THR 152 152 152 THR THR A . n 
A 1 153 PHE 153 153 153 PHE PHE A . n 
A 1 154 ARG 154 154 154 ARG ARG A . n 
A 1 155 THR 155 155 155 THR THR A . n 
A 1 156 GLY 156 156 156 GLY GLY A . n 
A 1 157 THR 157 157 157 THR THR A . n 
A 1 158 TRP 158 158 158 TRP TRP A . n 
A 1 159 ASP 159 159 159 ASP ASP A . n 
A 1 160 ALA 160 160 160 ALA ALA A . n 
A 1 161 TYR 161 161 161 TYR TYR A . n 
A 1 162 LYS 162 162 162 LYS LYS A . n 
A 1 163 ASN 163 163 163 ASN ASN A . n 
A 1 164 LEU 164 164 164 LEU LEU A . n 
A 1 165 LEU 165 165 ?   ?   ?   A . n 
A 1 166 GLU 166 166 ?   ?   ?   A . n 
A 1 167 HIS 167 167 ?   ?   ?   A . n 
A 1 168 HIS 168 168 ?   ?   ?   A . n 
A 1 169 HIS 169 169 ?   ?   ?   A . n 
A 1 170 HIS 170 170 ?   ?   ?   A . n 
A 1 171 HIS 171 171 ?   ?   ?   A . n 
A 1 172 HIS 172 172 ?   ?   ?   A . n 
# 
loop_
_pdbx_nonpoly_scheme.asym_id 
_pdbx_nonpoly_scheme.entity_id 
_pdbx_nonpoly_scheme.mon_id 
_pdbx_nonpoly_scheme.ndb_seq_num 
_pdbx_nonpoly_scheme.pdb_seq_num 
_pdbx_nonpoly_scheme.auth_seq_num 
_pdbx_nonpoly_scheme.pdb_mon_id 
_pdbx_nonpoly_scheme.auth_mon_id 
_pdbx_nonpoly_scheme.pdb_strand_id 
_pdbx_nonpoly_scheme.pdb_ins_code 
B 2 PYJ 1   200 200 PYJ DRG A . 
C 3 EPE 1   201 201 EPE EPE A . 
D 4 HOH 1   301 104 HOH HOH A . 
D 4 HOH 2   302 1   HOH HOH A . 
D 4 HOH 3   303 2   HOH HOH A . 
D 4 HOH 4   304 40  HOH HOH A . 
D 4 HOH 5   305 53  HOH HOH A . 
D 4 HOH 6   306 107 HOH HOH A . 
D 4 HOH 7   307 48  HOH HOH A . 
D 4 HOH 8   308 62  HOH HOH A . 
D 4 HOH 9   309 52  HOH HOH A . 
D 4 HOH 10  310 96  HOH HOH A . 
D 4 HOH 11  311 3   HOH HOH A . 
D 4 HOH 12  312 79  HOH HOH A . 
D 4 HOH 13  313 45  HOH HOH A . 
D 4 HOH 14  314 46  HOH HOH A . 
D 4 HOH 15  315 50  HOH HOH A . 
D 4 HOH 16  316 68  HOH HOH A . 
D 4 HOH 17  317 78  HOH HOH A . 
D 4 HOH 18  318 125 HOH HOH A . 
D 4 HOH 19  319 34  HOH HOH A . 
D 4 HOH 20  320 93  HOH HOH A . 
D 4 HOH 21  321 65  HOH HOH A . 
D 4 HOH 22  322 7   HOH HOH A . 
D 4 HOH 23  323 55  HOH HOH A . 
D 4 HOH 24  324 41  HOH HOH A . 
D 4 HOH 25  325 64  HOH HOH A . 
D 4 HOH 26  326 67  HOH HOH A . 
D 4 HOH 27  327 6   HOH HOH A . 
D 4 HOH 28  328 5   HOH HOH A . 
D 4 HOH 29  329 20  HOH HOH A . 
D 4 HOH 30  330 23  HOH HOH A . 
D 4 HOH 31  331 31  HOH HOH A . 
D 4 HOH 32  332 24  HOH HOH A . 
D 4 HOH 33  333 121 HOH HOH A . 
D 4 HOH 34  334 117 HOH HOH A . 
D 4 HOH 35  335 88  HOH HOH A . 
D 4 HOH 36  336 43  HOH HOH A . 
D 4 HOH 37  337 70  HOH HOH A . 
D 4 HOH 38  338 47  HOH HOH A . 
D 4 HOH 39  339 111 HOH HOH A . 
D 4 HOH 40  340 130 HOH HOH A . 
D 4 HOH 41  341 44  HOH HOH A . 
D 4 HOH 42  342 21  HOH HOH A . 
D 4 HOH 43  343 113 HOH HOH A . 
D 4 HOH 44  344 69  HOH HOH A . 
D 4 HOH 45  345 42  HOH HOH A . 
D 4 HOH 46  346 94  HOH HOH A . 
D 4 HOH 47  347 75  HOH HOH A . 
D 4 HOH 48  348 8   HOH HOH A . 
D 4 HOH 49  349 91  HOH HOH A . 
D 4 HOH 50  350 86  HOH HOH A . 
D 4 HOH 51  351 66  HOH HOH A . 
D 4 HOH 52  352 54  HOH HOH A . 
D 4 HOH 53  353 84  HOH HOH A . 
D 4 HOH 54  354 77  HOH HOH A . 
D 4 HOH 55  355 13  HOH HOH A . 
D 4 HOH 56  356 22  HOH HOH A . 
D 4 HOH 57  357 100 HOH HOH A . 
D 4 HOH 58  358 103 HOH HOH A . 
D 4 HOH 59  359 102 HOH HOH A . 
D 4 HOH 60  360 101 HOH HOH A . 
D 4 HOH 61  361 133 HOH HOH A . 
D 4 HOH 62  362 90  HOH HOH A . 
D 4 HOH 63  363 4   HOH HOH A . 
D 4 HOH 64  364 9   HOH HOH A . 
D 4 HOH 65  365 10  HOH HOH A . 
D 4 HOH 66  366 11  HOH HOH A . 
D 4 HOH 67  367 12  HOH HOH A . 
D 4 HOH 68  368 14  HOH HOH A . 
D 4 HOH 69  369 15  HOH HOH A . 
D 4 HOH 70  370 16  HOH HOH A . 
D 4 HOH 71  371 17  HOH HOH A . 
D 4 HOH 72  372 18  HOH HOH A . 
D 4 HOH 73  373 19  HOH HOH A . 
D 4 HOH 74  374 25  HOH HOH A . 
D 4 HOH 75  375 26  HOH HOH A . 
D 4 HOH 76  376 27  HOH HOH A . 
D 4 HOH 77  377 28  HOH HOH A . 
D 4 HOH 78  378 29  HOH HOH A . 
D 4 HOH 79  379 30  HOH HOH A . 
D 4 HOH 80  380 32  HOH HOH A . 
D 4 HOH 81  381 33  HOH HOH A . 
D 4 HOH 82  382 35  HOH HOH A . 
D 4 HOH 83  383 36  HOH HOH A . 
D 4 HOH 84  384 37  HOH HOH A . 
D 4 HOH 85  385 38  HOH HOH A . 
D 4 HOH 86  386 39  HOH HOH A . 
D 4 HOH 87  387 49  HOH HOH A . 
D 4 HOH 88  388 51  HOH HOH A . 
D 4 HOH 89  389 56  HOH HOH A . 
D 4 HOH 90  390 57  HOH HOH A . 
D 4 HOH 91  391 58  HOH HOH A . 
D 4 HOH 92  392 59  HOH HOH A . 
D 4 HOH 93  393 60  HOH HOH A . 
D 4 HOH 94  394 61  HOH HOH A . 
D 4 HOH 95  395 63  HOH HOH A . 
D 4 HOH 96  396 71  HOH HOH A . 
D 4 HOH 97  397 72  HOH HOH A . 
D 4 HOH 98  398 73  HOH HOH A . 
D 4 HOH 99  399 74  HOH HOH A . 
D 4 HOH 100 400 76  HOH HOH A . 
D 4 HOH 101 401 80  HOH HOH A . 
D 4 HOH 102 402 81  HOH HOH A . 
D 4 HOH 103 403 82  HOH HOH A . 
D 4 HOH 104 404 83  HOH HOH A . 
D 4 HOH 105 405 85  HOH HOH A . 
D 4 HOH 106 406 87  HOH HOH A . 
D 4 HOH 107 407 89  HOH HOH A . 
D 4 HOH 108 408 92  HOH HOH A . 
D 4 HOH 109 409 95  HOH HOH A . 
D 4 HOH 110 410 97  HOH HOH A . 
D 4 HOH 111 411 98  HOH HOH A . 
D 4 HOH 112 412 99  HOH HOH A . 
D 4 HOH 113 413 105 HOH HOH A . 
D 4 HOH 114 414 106 HOH HOH A . 
D 4 HOH 115 415 108 HOH HOH A . 
D 4 HOH 116 416 109 HOH HOH A . 
D 4 HOH 117 417 110 HOH HOH A . 
D 4 HOH 118 418 112 HOH HOH A . 
D 4 HOH 119 419 114 HOH HOH A . 
D 4 HOH 120 420 115 HOH HOH A . 
D 4 HOH 121 421 116 HOH HOH A . 
D 4 HOH 122 422 118 HOH HOH A . 
D 4 HOH 123 423 119 HOH HOH A . 
D 4 HOH 124 424 120 HOH HOH A . 
D 4 HOH 125 425 122 HOH HOH A . 
D 4 HOH 126 426 123 HOH HOH A . 
D 4 HOH 127 427 124 HOH HOH A . 
D 4 HOH 128 428 126 HOH HOH A . 
D 4 HOH 129 429 127 HOH HOH A . 
D 4 HOH 130 430 128 HOH HOH A . 
D 4 HOH 131 431 129 HOH HOH A . 
D 4 HOH 132 432 131 HOH HOH A . 
D 4 HOH 133 433 132 HOH HOH A . 
# 
_pdbx_struct_assembly.id                   1 
_pdbx_struct_assembly.details              author_and_software_defined_assembly 
_pdbx_struct_assembly.method_details       PISA 
_pdbx_struct_assembly.oligomeric_details   monomeric 
_pdbx_struct_assembly.oligomeric_count     1 
# 
_pdbx_struct_assembly_gen.assembly_id       1 
_pdbx_struct_assembly_gen.oper_expression   1 
_pdbx_struct_assembly_gen.asym_id_list      A,B,C,D 
# 
loop_
_pdbx_struct_assembly_prop.biol_id 
_pdbx_struct_assembly_prop.type 
_pdbx_struct_assembly_prop.value 
_pdbx_struct_assembly_prop.details 
1 'ABSA (A^2)' 440  ? 
1 MORE         6    ? 
1 'SSA (A^2)'  8500 ? 
# 
_pdbx_struct_oper_list.id                   1 
_pdbx_struct_oper_list.type                 'identity operation' 
_pdbx_struct_oper_list.name                 1_555 
_pdbx_struct_oper_list.symmetry_operation   x,y,z 
_pdbx_struct_oper_list.matrix[1][1]         1.0000000000 
_pdbx_struct_oper_list.matrix[1][2]         0.0000000000 
_pdbx_struct_oper_list.matrix[1][3]         0.0000000000 
_pdbx_struct_oper_list.vector[1]            0.0000000000 
_pdbx_struct_oper_list.matrix[2][1]         0.0000000000 
_pdbx_struct_oper_list.matrix[2][2]         1.0000000000 
_pdbx_struct_oper_list.matrix[2][3]         0.0000000000 
_pdbx_struct_oper_list.vector[2]            0.0000000000 
_pdbx_struct_oper_list.matrix[3][1]         0.0000000000 
_pdbx_struct_oper_list.matrix[3][2]         0.0000000000 
_pdbx_struct_oper_list.matrix[3][3]         1.0000000000 
_pdbx_struct_oper_list.vector[3]            0.0000000000 
# 
loop_
_pdbx_audit_revision_history.ordinal 
_pdbx_audit_revision_history.data_content_type 
_pdbx_audit_revision_history.major_revision 
_pdbx_audit_revision_history.minor_revision 
_pdbx_audit_revision_history.revision_date 
1 'Structure model' 1 0 2015-04-01 
2 'Structure model' 1 1 2015-04-22 
3 'Structure model' 1 2 2015-05-06 
4 'Structure model' 1 3 2017-09-06 
5 'Structure model' 1 4 2017-11-22 
6 'Structure model' 1 5 2019-12-25 
7 'Structure model' 1 6 2023-09-27 
# 
_pdbx_audit_revision_details.ordinal             1 
_pdbx_audit_revision_details.revision_ordinal    1 
_pdbx_audit_revision_details.data_content_type   'Structure model' 
_pdbx_audit_revision_details.provider            repository 
_pdbx_audit_revision_details.type                'Initial release' 
_pdbx_audit_revision_details.description         ? 
_pdbx_audit_revision_details.details             ? 
# 
loop_
_pdbx_audit_revision_group.ordinal 
_pdbx_audit_revision_group.revision_ordinal 
_pdbx_audit_revision_group.data_content_type 
_pdbx_audit_revision_group.group 
1  2 'Structure model' 'Database references'        
2  3 'Structure model' 'Database references'        
3  4 'Structure model' 'Author supporting evidence' 
4  4 'Structure model' 'Database references'        
5  4 'Structure model' 'Derived calculations'       
6  4 'Structure model' Other                        
7  4 'Structure model' 'Source and taxonomy'        
8  5 'Structure model' 'Refinement description'     
9  6 'Structure model' 'Author supporting evidence' 
10 7 'Structure model' 'Data collection'            
11 7 'Structure model' 'Database references'        
12 7 'Structure model' 'Refinement description'     
# 
loop_
_pdbx_audit_revision_category.ordinal 
_pdbx_audit_revision_category.revision_ordinal 
_pdbx_audit_revision_category.data_content_type 
_pdbx_audit_revision_category.category 
1  4 'Structure model' citation                      
2  4 'Structure model' entity_src_gen                
3  4 'Structure model' pdbx_audit_support            
4  4 'Structure model' pdbx_database_status          
5  4 'Structure model' pdbx_struct_assembly          
6  4 'Structure model' pdbx_struct_assembly_prop     
7  4 'Structure model' pdbx_struct_oper_list         
8  5 'Structure model' software                      
9  6 'Structure model' pdbx_audit_support            
10 7 'Structure model' chem_comp_atom                
11 7 'Structure model' chem_comp_bond                
12 7 'Structure model' database_2                    
13 7 'Structure model' pdbx_initial_refinement_model 
14 7 'Structure model' refine_hist                   
# 
loop_
_pdbx_audit_revision_item.ordinal 
_pdbx_audit_revision_item.revision_ordinal 
_pdbx_audit_revision_item.data_content_type 
_pdbx_audit_revision_item.item 
1  4 'Structure model' '_citation.journal_id_CSD'                    
2  4 'Structure model' '_entity_src_gen.pdbx_alt_source_flag'        
3  4 'Structure model' '_pdbx_audit_support.funding_organization'    
4  4 'Structure model' '_pdbx_database_status.pdb_format_compatible' 
5  4 'Structure model' '_pdbx_struct_assembly.oligomeric_details'    
6  4 'Structure model' '_pdbx_struct_assembly_prop.type'             
7  4 'Structure model' '_pdbx_struct_assembly_prop.value'            
8  4 'Structure model' '_pdbx_struct_oper_list.symmetry_operation'   
9  6 'Structure model' '_pdbx_audit_support.funding_organization'    
10 7 'Structure model' '_database_2.pdbx_DOI'                        
11 7 'Structure model' '_database_2.pdbx_database_accession'         
12 7 'Structure model' '_refine_hist.d_res_high'                     
13 7 'Structure model' '_refine_hist.number_atoms_total'             
14 7 'Structure model' '_refine_hist.pdbx_number_atoms_nucleic_acid' 
15 7 'Structure model' '_refine_hist.pdbx_number_atoms_protein'      
# 
loop_
_software.citation_id 
_software.classification 
_software.compiler_name 
_software.compiler_version 
_software.contact_author 
_software.contact_author_email 
_software.date 
_software.description 
_software.dependencies 
_software.hardware 
_software.language 
_software.location 
_software.mods 
_software.name 
_software.os 
_software.os_version 
_software.type 
_software.version 
_software.pdbx_ordinal 
? 'data scaling'    ? ? ? ? ? ? ? ? ? ? ? XSCALE      ? ? ? .                            1 
? 'data extraction' ? ? ? ? ? ? ? ? ? ? ? PDB_EXTRACT ? ? ? 3.15                         2 
? refinement        ? ? ? ? ? ? ? ? ? ? ? PHENIX      ? ? ? '(phenix.refine: 1.7.1_743)' 3 
? 'model building'  ? ? ? ? ? ? ? ? ? ? ? Coot        ? ? ? .                            4 
# 
loop_
_pdbx_unobs_or_zero_occ_atoms.id 
_pdbx_unobs_or_zero_occ_atoms.PDB_model_num 
_pdbx_unobs_or_zero_occ_atoms.polymer_flag 
_pdbx_unobs_or_zero_occ_atoms.occupancy_flag 
_pdbx_unobs_or_zero_occ_atoms.auth_asym_id 
_pdbx_unobs_or_zero_occ_atoms.auth_comp_id 
_pdbx_unobs_or_zero_occ_atoms.auth_seq_id 
_pdbx_unobs_or_zero_occ_atoms.PDB_ins_code 
_pdbx_unobs_or_zero_occ_atoms.auth_atom_id 
_pdbx_unobs_or_zero_occ_atoms.label_alt_id 
_pdbx_unobs_or_zero_occ_atoms.label_asym_id 
_pdbx_unobs_or_zero_occ_atoms.label_comp_id 
_pdbx_unobs_or_zero_occ_atoms.label_seq_id 
_pdbx_unobs_or_zero_occ_atoms.label_atom_id 
1  1 Y 1 A LYS 16  ? NZ  ? A LYS 16  NZ  
2  1 Y 1 A ASN 53  ? OD1 ? A ASN 53  OD1 
3  1 Y 1 A ASN 53  ? ND2 ? A ASN 53  ND2 
4  1 Y 1 A LYS 60  ? NZ  ? A LYS 60  NZ  
5  1 Y 1 A ARG 80  ? CG  ? A ARG 80  CG  
6  1 Y 1 A ARG 80  ? CD  ? A ARG 80  CD  
7  1 Y 1 A ARG 80  ? NE  ? A ARG 80  NE  
8  1 Y 1 A ARG 80  ? CZ  ? A ARG 80  CZ  
9  1 Y 1 A ARG 80  ? NH1 ? A ARG 80  NH1 
10 1 Y 1 A ARG 80  ? NH2 ? A ARG 80  NH2 
11 1 Y 1 A LYS 83  ? CD  ? A LYS 83  CD  
12 1 Y 1 A LYS 83  ? CE  ? A LYS 83  CE  
13 1 Y 1 A LYS 83  ? NZ  ? A LYS 83  NZ  
14 1 Y 1 A LYS 147 ? NZ  ? A LYS 147 NZ  
15 1 Y 1 A LYS 162 ? CD  ? A LYS 162 CD  
16 1 Y 1 A LYS 162 ? CE  ? A LYS 162 CE  
17 1 Y 1 A LYS 162 ? NZ  ? A LYS 162 NZ  
18 1 Y 1 A ASN 163 ? CG  ? A ASN 163 CG  
19 1 Y 1 A ASN 163 ? OD1 ? A ASN 163 OD1 
20 1 Y 1 A ASN 163 ? ND2 ? A ASN 163 ND2 
# 
loop_
_pdbx_unobs_or_zero_occ_residues.id 
_pdbx_unobs_or_zero_occ_residues.PDB_model_num 
_pdbx_unobs_or_zero_occ_residues.polymer_flag 
_pdbx_unobs_or_zero_occ_residues.occupancy_flag 
_pdbx_unobs_or_zero_occ_residues.auth_asym_id 
_pdbx_unobs_or_zero_occ_residues.auth_comp_id 
_pdbx_unobs_or_zero_occ_residues.auth_seq_id 
_pdbx_unobs_or_zero_occ_residues.PDB_ins_code 
_pdbx_unobs_or_zero_occ_residues.label_asym_id 
_pdbx_unobs_or_zero_occ_residues.label_comp_id 
_pdbx_unobs_or_zero_occ_residues.label_seq_id 
1 1 Y 1 A LEU 165 ? A LEU 165 
2 1 Y 1 A GLU 166 ? A GLU 166 
3 1 Y 1 A HIS 167 ? A HIS 167 
4 1 Y 1 A HIS 168 ? A HIS 168 
5 1 Y 1 A HIS 169 ? A HIS 169 
6 1 Y 1 A HIS 170 ? A HIS 170 
7 1 Y 1 A HIS 171 ? A HIS 171 
8 1 Y 1 A HIS 172 ? A HIS 172 
# 
loop_
_chem_comp_atom.comp_id 
_chem_comp_atom.atom_id 
_chem_comp_atom.type_symbol 
_chem_comp_atom.pdbx_aromatic_flag 
_chem_comp_atom.pdbx_stereo_config 
_chem_comp_atom.pdbx_ordinal 
ALA N    N N N 1   
ALA CA   C N S 2   
ALA C    C N N 3   
ALA O    O N N 4   
ALA CB   C N N 5   
ALA OXT  O N N 6   
ALA H    H N N 7   
ALA H2   H N N 8   
ALA HA   H N N 9   
ALA HB1  H N N 10  
ALA HB2  H N N 11  
ALA HB3  H N N 12  
ALA HXT  H N N 13  
ARG N    N N N 14  
ARG CA   C N S 15  
ARG C    C N N 16  
ARG O    O N N 17  
ARG CB   C N N 18  
ARG CG   C N N 19  
ARG CD   C N N 20  
ARG NE   N N N 21  
ARG CZ   C N N 22  
ARG NH1  N N N 23  
ARG NH2  N N N 24  
ARG OXT  O N N 25  
ARG H    H N N 26  
ARG H2   H N N 27  
ARG HA   H N N 28  
ARG HB2  H N N 29  
ARG HB3  H N N 30  
ARG HG2  H N N 31  
ARG HG3  H N N 32  
ARG HD2  H N N 33  
ARG HD3  H N N 34  
ARG HE   H N N 35  
ARG HH11 H N N 36  
ARG HH12 H N N 37  
ARG HH21 H N N 38  
ARG HH22 H N N 39  
ARG HXT  H N N 40  
ASN N    N N N 41  
ASN CA   C N S 42  
ASN C    C N N 43  
ASN O    O N N 44  
ASN CB   C N N 45  
ASN CG   C N N 46  
ASN OD1  O N N 47  
ASN ND2  N N N 48  
ASN OXT  O N N 49  
ASN H    H N N 50  
ASN H2   H N N 51  
ASN HA   H N N 52  
ASN HB2  H N N 53  
ASN HB3  H N N 54  
ASN HD21 H N N 55  
ASN HD22 H N N 56  
ASN HXT  H N N 57  
ASP N    N N N 58  
ASP CA   C N S 59  
ASP C    C N N 60  
ASP O    O N N 61  
ASP CB   C N N 62  
ASP CG   C N N 63  
ASP OD1  O N N 64  
ASP OD2  O N N 65  
ASP OXT  O N N 66  
ASP H    H N N 67  
ASP H2   H N N 68  
ASP HA   H N N 69  
ASP HB2  H N N 70  
ASP HB3  H N N 71  
ASP HD2  H N N 72  
ASP HXT  H N N 73  
CYS N    N N N 74  
CYS CA   C N R 75  
CYS C    C N N 76  
CYS O    O N N 77  
CYS CB   C N N 78  
CYS SG   S N N 79  
CYS OXT  O N N 80  
CYS H    H N N 81  
CYS H2   H N N 82  
CYS HA   H N N 83  
CYS HB2  H N N 84  
CYS HB3  H N N 85  
CYS HG   H N N 86  
CYS HXT  H N N 87  
EPE N1   N N N 88  
EPE C2   C N N 89  
EPE C3   C N N 90  
EPE N4   N N N 91  
EPE C5   C N N 92  
EPE C6   C N N 93  
EPE C7   C N N 94  
EPE C8   C N N 95  
EPE O8   O N N 96  
EPE C9   C N N 97  
EPE C10  C N N 98  
EPE S    S N N 99  
EPE O1S  O N N 100 
EPE O2S  O N N 101 
EPE O3S  O N N 102 
EPE H21  H N N 103 
EPE H22  H N N 104 
EPE H31  H N N 105 
EPE H32  H N N 106 
EPE H51  H N N 107 
EPE H52  H N N 108 
EPE H61  H N N 109 
EPE H62  H N N 110 
EPE H71  H N N 111 
EPE H72  H N N 112 
EPE H81  H N N 113 
EPE H82  H N N 114 
EPE HO8  H N N 115 
EPE H91  H N N 116 
EPE H92  H N N 117 
EPE H101 H N N 118 
EPE H102 H N N 119 
EPE HOS3 H N N 120 
GLN N    N N N 121 
GLN CA   C N S 122 
GLN C    C N N 123 
GLN O    O N N 124 
GLN CB   C N N 125 
GLN CG   C N N 126 
GLN CD   C N N 127 
GLN OE1  O N N 128 
GLN NE2  N N N 129 
GLN OXT  O N N 130 
GLN H    H N N 131 
GLN H2   H N N 132 
GLN HA   H N N 133 
GLN HB2  H N N 134 
GLN HB3  H N N 135 
GLN HG2  H N N 136 
GLN HG3  H N N 137 
GLN HE21 H N N 138 
GLN HE22 H N N 139 
GLN HXT  H N N 140 
GLU N    N N N 141 
GLU CA   C N S 142 
GLU C    C N N 143 
GLU O    O N N 144 
GLU CB   C N N 145 
GLU CG   C N N 146 
GLU CD   C N N 147 
GLU OE1  O N N 148 
GLU OE2  O N N 149 
GLU OXT  O N N 150 
GLU H    H N N 151 
GLU H2   H N N 152 
GLU HA   H N N 153 
GLU HB2  H N N 154 
GLU HB3  H N N 155 
GLU HG2  H N N 156 
GLU HG3  H N N 157 
GLU HE2  H N N 158 
GLU HXT  H N N 159 
GLY N    N N N 160 
GLY CA   C N N 161 
GLY C    C N N 162 
GLY O    O N N 163 
GLY OXT  O N N 164 
GLY H    H N N 165 
GLY H2   H N N 166 
GLY HA2  H N N 167 
GLY HA3  H N N 168 
GLY HXT  H N N 169 
HIS N    N N N 170 
HIS CA   C N S 171 
HIS C    C N N 172 
HIS O    O N N 173 
HIS CB   C N N 174 
HIS CG   C Y N 175 
HIS ND1  N Y N 176 
HIS CD2  C Y N 177 
HIS CE1  C Y N 178 
HIS NE2  N Y N 179 
HIS OXT  O N N 180 
HIS H    H N N 181 
HIS H2   H N N 182 
HIS HA   H N N 183 
HIS HB2  H N N 184 
HIS HB3  H N N 185 
HIS HD1  H N N 186 
HIS HD2  H N N 187 
HIS HE1  H N N 188 
HIS HE2  H N N 189 
HIS HXT  H N N 190 
HOH O    O N N 191 
HOH H1   H N N 192 
HOH H2   H N N 193 
ILE N    N N N 194 
ILE CA   C N S 195 
ILE C    C N N 196 
ILE O    O N N 197 
ILE CB   C N S 198 
ILE CG1  C N N 199 
ILE CG2  C N N 200 
ILE CD1  C N N 201 
ILE OXT  O N N 202 
ILE H    H N N 203 
ILE H2   H N N 204 
ILE HA   H N N 205 
ILE HB   H N N 206 
ILE HG12 H N N 207 
ILE HG13 H N N 208 
ILE HG21 H N N 209 
ILE HG22 H N N 210 
ILE HG23 H N N 211 
ILE HD11 H N N 212 
ILE HD12 H N N 213 
ILE HD13 H N N 214 
ILE HXT  H N N 215 
LEU N    N N N 216 
LEU CA   C N S 217 
LEU C    C N N 218 
LEU O    O N N 219 
LEU CB   C N N 220 
LEU CG   C N N 221 
LEU CD1  C N N 222 
LEU CD2  C N N 223 
LEU OXT  O N N 224 
LEU H    H N N 225 
LEU H2   H N N 226 
LEU HA   H N N 227 
LEU HB2  H N N 228 
LEU HB3  H N N 229 
LEU HG   H N N 230 
LEU HD11 H N N 231 
LEU HD12 H N N 232 
LEU HD13 H N N 233 
LEU HD21 H N N 234 
LEU HD22 H N N 235 
LEU HD23 H N N 236 
LEU HXT  H N N 237 
LYS N    N N N 238 
LYS CA   C N S 239 
LYS C    C N N 240 
LYS O    O N N 241 
LYS CB   C N N 242 
LYS CG   C N N 243 
LYS CD   C N N 244 
LYS CE   C N N 245 
LYS NZ   N N N 246 
LYS OXT  O N N 247 
LYS H    H N N 248 
LYS H2   H N N 249 
LYS HA   H N N 250 
LYS HB2  H N N 251 
LYS HB3  H N N 252 
LYS HG2  H N N 253 
LYS HG3  H N N 254 
LYS HD2  H N N 255 
LYS HD3  H N N 256 
LYS HE2  H N N 257 
LYS HE3  H N N 258 
LYS HZ1  H N N 259 
LYS HZ2  H N N 260 
LYS HZ3  H N N 261 
LYS HXT  H N N 262 
MET N    N N N 263 
MET CA   C N S 264 
MET C    C N N 265 
MET O    O N N 266 
MET CB   C N N 267 
MET CG   C N N 268 
MET SD   S N N 269 
MET CE   C N N 270 
MET OXT  O N N 271 
MET H    H N N 272 
MET H2   H N N 273 
MET HA   H N N 274 
MET HB2  H N N 275 
MET HB3  H N N 276 
MET HG2  H N N 277 
MET HG3  H N N 278 
MET HE1  H N N 279 
MET HE2  H N N 280 
MET HE3  H N N 281 
MET HXT  H N N 282 
PHE N    N N N 283 
PHE CA   C N S 284 
PHE C    C N N 285 
PHE O    O N N 286 
PHE CB   C N N 287 
PHE CG   C Y N 288 
PHE CD1  C Y N 289 
PHE CD2  C Y N 290 
PHE CE1  C Y N 291 
PHE CE2  C Y N 292 
PHE CZ   C Y N 293 
PHE OXT  O N N 294 
PHE H    H N N 295 
PHE H2   H N N 296 
PHE HA   H N N 297 
PHE HB2  H N N 298 
PHE HB3  H N N 299 
PHE HD1  H N N 300 
PHE HD2  H N N 301 
PHE HE1  H N N 302 
PHE HE2  H N N 303 
PHE HZ   H N N 304 
PHE HXT  H N N 305 
PRO N    N N N 306 
PRO CA   C N S 307 
PRO C    C N N 308 
PRO O    O N N 309 
PRO CB   C N N 310 
PRO CG   C N N 311 
PRO CD   C N N 312 
PRO OXT  O N N 313 
PRO H    H N N 314 
PRO HA   H N N 315 
PRO HB2  H N N 316 
PRO HB3  H N N 317 
PRO HG2  H N N 318 
PRO HG3  H N N 319 
PRO HD2  H N N 320 
PRO HD3  H N N 321 
PRO HXT  H N N 322 
PYJ CB   C N N 323 
PYJ CX   C N N 324 
PYJ CG   C Y N 325 
PYJ CD1  C Y N 326 
PYJ CD2  C Y N 327 
PYJ CE1  C Y N 328 
PYJ CE2  C Y N 329 
PYJ CZ   C Y N 330 
PYJ HCB1 H N N 331 
PYJ HCB2 H N N 332 
PYJ HCX1 H N N 333 
PYJ HCX2 H N N 334 
PYJ HCX3 H N N 335 
PYJ HCD1 H N N 336 
PYJ HCD2 H N N 337 
PYJ HCE1 H N N 338 
PYJ HCE2 H N N 339 
PYJ HCZ1 H N N 340 
SER N    N N N 341 
SER CA   C N S 342 
SER C    C N N 343 
SER O    O N N 344 
SER CB   C N N 345 
SER OG   O N N 346 
SER OXT  O N N 347 
SER H    H N N 348 
SER H2   H N N 349 
SER HA   H N N 350 
SER HB2  H N N 351 
SER HB3  H N N 352 
SER HG   H N N 353 
SER HXT  H N N 354 
THR N    N N N 355 
THR CA   C N S 356 
THR C    C N N 357 
THR O    O N N 358 
THR CB   C N R 359 
THR OG1  O N N 360 
THR CG2  C N N 361 
THR OXT  O N N 362 
THR H    H N N 363 
THR H2   H N N 364 
THR HA   H N N 365 
THR HB   H N N 366 
THR HG1  H N N 367 
THR HG21 H N N 368 
THR HG22 H N N 369 
THR HG23 H N N 370 
THR HXT  H N N 371 
TRP N    N N N 372 
TRP CA   C N S 373 
TRP C    C N N 374 
TRP O    O N N 375 
TRP CB   C N N 376 
TRP CG   C Y N 377 
TRP CD1  C Y N 378 
TRP CD2  C Y N 379 
TRP NE1  N Y N 380 
TRP CE2  C Y N 381 
TRP CE3  C Y N 382 
TRP CZ2  C Y N 383 
TRP CZ3  C Y N 384 
TRP CH2  C Y N 385 
TRP OXT  O N N 386 
TRP H    H N N 387 
TRP H2   H N N 388 
TRP HA   H N N 389 
TRP HB2  H N N 390 
TRP HB3  H N N 391 
TRP HD1  H N N 392 
TRP HE1  H N N 393 
TRP HE3  H N N 394 
TRP HZ2  H N N 395 
TRP HZ3  H N N 396 
TRP HH2  H N N 397 
TRP HXT  H N N 398 
TYR N    N N N 399 
TYR CA   C N S 400 
TYR C    C N N 401 
TYR O    O N N 402 
TYR CB   C N N 403 
TYR CG   C Y N 404 
TYR CD1  C Y N 405 
TYR CD2  C Y N 406 
TYR CE1  C Y N 407 
TYR CE2  C Y N 408 
TYR CZ   C Y N 409 
TYR OH   O N N 410 
TYR OXT  O N N 411 
TYR H    H N N 412 
TYR H2   H N N 413 
TYR HA   H N N 414 
TYR HB2  H N N 415 
TYR HB3  H N N 416 
TYR HD1  H N N 417 
TYR HD2  H N N 418 
TYR HE1  H N N 419 
TYR HE2  H N N 420 
TYR HH   H N N 421 
TYR HXT  H N N 422 
VAL N    N N N 423 
VAL CA   C N S 424 
VAL C    C N N 425 
VAL O    O N N 426 
VAL CB   C N N 427 
VAL CG1  C N N 428 
VAL CG2  C N N 429 
VAL OXT  O N N 430 
VAL H    H N N 431 
VAL H2   H N N 432 
VAL HA   H N N 433 
VAL HB   H N N 434 
VAL HG11 H N N 435 
VAL HG12 H N N 436 
VAL HG13 H N N 437 
VAL HG21 H N N 438 
VAL HG22 H N N 439 
VAL HG23 H N N 440 
VAL HXT  H N N 441 
# 
loop_
_chem_comp_bond.comp_id 
_chem_comp_bond.atom_id_1 
_chem_comp_bond.atom_id_2 
_chem_comp_bond.value_order 
_chem_comp_bond.pdbx_aromatic_flag 
_chem_comp_bond.pdbx_stereo_config 
_chem_comp_bond.pdbx_ordinal 
ALA N   CA   sing N N 1   
ALA N   H    sing N N 2   
ALA N   H2   sing N N 3   
ALA CA  C    sing N N 4   
ALA CA  CB   sing N N 5   
ALA CA  HA   sing N N 6   
ALA C   O    doub N N 7   
ALA C   OXT  sing N N 8   
ALA CB  HB1  sing N N 9   
ALA CB  HB2  sing N N 10  
ALA CB  HB3  sing N N 11  
ALA OXT HXT  sing N N 12  
ARG N   CA   sing N N 13  
ARG N   H    sing N N 14  
ARG N   H2   sing N N 15  
ARG CA  C    sing N N 16  
ARG CA  CB   sing N N 17  
ARG CA  HA   sing N N 18  
ARG C   O    doub N N 19  
ARG C   OXT  sing N N 20  
ARG CB  CG   sing N N 21  
ARG CB  HB2  sing N N 22  
ARG CB  HB3  sing N N 23  
ARG CG  CD   sing N N 24  
ARG CG  HG2  sing N N 25  
ARG CG  HG3  sing N N 26  
ARG CD  NE   sing N N 27  
ARG CD  HD2  sing N N 28  
ARG CD  HD3  sing N N 29  
ARG NE  CZ   sing N N 30  
ARG NE  HE   sing N N 31  
ARG CZ  NH1  sing N N 32  
ARG CZ  NH2  doub N N 33  
ARG NH1 HH11 sing N N 34  
ARG NH1 HH12 sing N N 35  
ARG NH2 HH21 sing N N 36  
ARG NH2 HH22 sing N N 37  
ARG OXT HXT  sing N N 38  
ASN N   CA   sing N N 39  
ASN N   H    sing N N 40  
ASN N   H2   sing N N 41  
ASN CA  C    sing N N 42  
ASN CA  CB   sing N N 43  
ASN CA  HA   sing N N 44  
ASN C   O    doub N N 45  
ASN C   OXT  sing N N 46  
ASN CB  CG   sing N N 47  
ASN CB  HB2  sing N N 48  
ASN CB  HB3  sing N N 49  
ASN CG  OD1  doub N N 50  
ASN CG  ND2  sing N N 51  
ASN ND2 HD21 sing N N 52  
ASN ND2 HD22 sing N N 53  
ASN OXT HXT  sing N N 54  
ASP N   CA   sing N N 55  
ASP N   H    sing N N 56  
ASP N   H2   sing N N 57  
ASP CA  C    sing N N 58  
ASP CA  CB   sing N N 59  
ASP CA  HA   sing N N 60  
ASP C   O    doub N N 61  
ASP C   OXT  sing N N 62  
ASP CB  CG   sing N N 63  
ASP CB  HB2  sing N N 64  
ASP CB  HB3  sing N N 65  
ASP CG  OD1  doub N N 66  
ASP CG  OD2  sing N N 67  
ASP OD2 HD2  sing N N 68  
ASP OXT HXT  sing N N 69  
CYS N   CA   sing N N 70  
CYS N   H    sing N N 71  
CYS N   H2   sing N N 72  
CYS CA  C    sing N N 73  
CYS CA  CB   sing N N 74  
CYS CA  HA   sing N N 75  
CYS C   O    doub N N 76  
CYS C   OXT  sing N N 77  
CYS CB  SG   sing N N 78  
CYS CB  HB2  sing N N 79  
CYS CB  HB3  sing N N 80  
CYS SG  HG   sing N N 81  
CYS OXT HXT  sing N N 82  
EPE N1  C2   sing N N 83  
EPE N1  C6   sing N N 84  
EPE N1  C9   sing N N 85  
EPE C2  C3   sing N N 86  
EPE C2  H21  sing N N 87  
EPE C2  H22  sing N N 88  
EPE C3  N4   sing N N 89  
EPE C3  H31  sing N N 90  
EPE C3  H32  sing N N 91  
EPE N4  C5   sing N N 92  
EPE N4  C7   sing N N 93  
EPE C5  C6   sing N N 94  
EPE C5  H51  sing N N 95  
EPE C5  H52  sing N N 96  
EPE C6  H61  sing N N 97  
EPE C6  H62  sing N N 98  
EPE C7  C8   sing N N 99  
EPE C7  H71  sing N N 100 
EPE C7  H72  sing N N 101 
EPE C8  O8   sing N N 102 
EPE C8  H81  sing N N 103 
EPE C8  H82  sing N N 104 
EPE O8  HO8  sing N N 105 
EPE C9  C10  sing N N 106 
EPE C9  H91  sing N N 107 
EPE C9  H92  sing N N 108 
EPE C10 S    sing N N 109 
EPE C10 H101 sing N N 110 
EPE C10 H102 sing N N 111 
EPE S   O1S  doub N N 112 
EPE S   O2S  doub N N 113 
EPE S   O3S  sing N N 114 
EPE O3S HOS3 sing N N 115 
GLN N   CA   sing N N 116 
GLN N   H    sing N N 117 
GLN N   H2   sing N N 118 
GLN CA  C    sing N N 119 
GLN CA  CB   sing N N 120 
GLN CA  HA   sing N N 121 
GLN C   O    doub N N 122 
GLN C   OXT  sing N N 123 
GLN CB  CG   sing N N 124 
GLN CB  HB2  sing N N 125 
GLN CB  HB3  sing N N 126 
GLN CG  CD   sing N N 127 
GLN CG  HG2  sing N N 128 
GLN CG  HG3  sing N N 129 
GLN CD  OE1  doub N N 130 
GLN CD  NE2  sing N N 131 
GLN NE2 HE21 sing N N 132 
GLN NE2 HE22 sing N N 133 
GLN OXT HXT  sing N N 134 
GLU N   CA   sing N N 135 
GLU N   H    sing N N 136 
GLU N   H2   sing N N 137 
GLU CA  C    sing N N 138 
GLU CA  CB   sing N N 139 
GLU CA  HA   sing N N 140 
GLU C   O    doub N N 141 
GLU C   OXT  sing N N 142 
GLU CB  CG   sing N N 143 
GLU CB  HB2  sing N N 144 
GLU CB  HB3  sing N N 145 
GLU CG  CD   sing N N 146 
GLU CG  HG2  sing N N 147 
GLU CG  HG3  sing N N 148 
GLU CD  OE1  doub N N 149 
GLU CD  OE2  sing N N 150 
GLU OE2 HE2  sing N N 151 
GLU OXT HXT  sing N N 152 
GLY N   CA   sing N N 153 
GLY N   H    sing N N 154 
GLY N   H2   sing N N 155 
GLY CA  C    sing N N 156 
GLY CA  HA2  sing N N 157 
GLY CA  HA3  sing N N 158 
GLY C   O    doub N N 159 
GLY C   OXT  sing N N 160 
GLY OXT HXT  sing N N 161 
HIS N   CA   sing N N 162 
HIS N   H    sing N N 163 
HIS N   H2   sing N N 164 
HIS CA  C    sing N N 165 
HIS CA  CB   sing N N 166 
HIS CA  HA   sing N N 167 
HIS C   O    doub N N 168 
HIS C   OXT  sing N N 169 
HIS CB  CG   sing N N 170 
HIS CB  HB2  sing N N 171 
HIS CB  HB3  sing N N 172 
HIS CG  ND1  sing Y N 173 
HIS CG  CD2  doub Y N 174 
HIS ND1 CE1  doub Y N 175 
HIS ND1 HD1  sing N N 176 
HIS CD2 NE2  sing Y N 177 
HIS CD2 HD2  sing N N 178 
HIS CE1 NE2  sing Y N 179 
HIS CE1 HE1  sing N N 180 
HIS NE2 HE2  sing N N 181 
HIS OXT HXT  sing N N 182 
HOH O   H1   sing N N 183 
HOH O   H2   sing N N 184 
ILE N   CA   sing N N 185 
ILE N   H    sing N N 186 
ILE N   H2   sing N N 187 
ILE CA  C    sing N N 188 
ILE CA  CB   sing N N 189 
ILE CA  HA   sing N N 190 
ILE C   O    doub N N 191 
ILE C   OXT  sing N N 192 
ILE CB  CG1  sing N N 193 
ILE CB  CG2  sing N N 194 
ILE CB  HB   sing N N 195 
ILE CG1 CD1  sing N N 196 
ILE CG1 HG12 sing N N 197 
ILE CG1 HG13 sing N N 198 
ILE CG2 HG21 sing N N 199 
ILE CG2 HG22 sing N N 200 
ILE CG2 HG23 sing N N 201 
ILE CD1 HD11 sing N N 202 
ILE CD1 HD12 sing N N 203 
ILE CD1 HD13 sing N N 204 
ILE OXT HXT  sing N N 205 
LEU N   CA   sing N N 206 
LEU N   H    sing N N 207 
LEU N   H2   sing N N 208 
LEU CA  C    sing N N 209 
LEU CA  CB   sing N N 210 
LEU CA  HA   sing N N 211 
LEU C   O    doub N N 212 
LEU C   OXT  sing N N 213 
LEU CB  CG   sing N N 214 
LEU CB  HB2  sing N N 215 
LEU CB  HB3  sing N N 216 
LEU CG  CD1  sing N N 217 
LEU CG  CD2  sing N N 218 
LEU CG  HG   sing N N 219 
LEU CD1 HD11 sing N N 220 
LEU CD1 HD12 sing N N 221 
LEU CD1 HD13 sing N N 222 
LEU CD2 HD21 sing N N 223 
LEU CD2 HD22 sing N N 224 
LEU CD2 HD23 sing N N 225 
LEU OXT HXT  sing N N 226 
LYS N   CA   sing N N 227 
LYS N   H    sing N N 228 
LYS N   H2   sing N N 229 
LYS CA  C    sing N N 230 
LYS CA  CB   sing N N 231 
LYS CA  HA   sing N N 232 
LYS C   O    doub N N 233 
LYS C   OXT  sing N N 234 
LYS CB  CG   sing N N 235 
LYS CB  HB2  sing N N 236 
LYS CB  HB3  sing N N 237 
LYS CG  CD   sing N N 238 
LYS CG  HG2  sing N N 239 
LYS CG  HG3  sing N N 240 
LYS CD  CE   sing N N 241 
LYS CD  HD2  sing N N 242 
LYS CD  HD3  sing N N 243 
LYS CE  NZ   sing N N 244 
LYS CE  HE2  sing N N 245 
LYS CE  HE3  sing N N 246 
LYS NZ  HZ1  sing N N 247 
LYS NZ  HZ2  sing N N 248 
LYS NZ  HZ3  sing N N 249 
LYS OXT HXT  sing N N 250 
MET N   CA   sing N N 251 
MET N   H    sing N N 252 
MET N   H2   sing N N 253 
MET CA  C    sing N N 254 
MET CA  CB   sing N N 255 
MET CA  HA   sing N N 256 
MET C   O    doub N N 257 
MET C   OXT  sing N N 258 
MET CB  CG   sing N N 259 
MET CB  HB2  sing N N 260 
MET CB  HB3  sing N N 261 
MET CG  SD   sing N N 262 
MET CG  HG2  sing N N 263 
MET CG  HG3  sing N N 264 
MET SD  CE   sing N N 265 
MET CE  HE1  sing N N 266 
MET CE  HE2  sing N N 267 
MET CE  HE3  sing N N 268 
MET OXT HXT  sing N N 269 
PHE N   CA   sing N N 270 
PHE N   H    sing N N 271 
PHE N   H2   sing N N 272 
PHE CA  C    sing N N 273 
PHE CA  CB   sing N N 274 
PHE CA  HA   sing N N 275 
PHE C   O    doub N N 276 
PHE C   OXT  sing N N 277 
PHE CB  CG   sing N N 278 
PHE CB  HB2  sing N N 279 
PHE CB  HB3  sing N N 280 
PHE CG  CD1  doub Y N 281 
PHE CG  CD2  sing Y N 282 
PHE CD1 CE1  sing Y N 283 
PHE CD1 HD1  sing N N 284 
PHE CD2 CE2  doub Y N 285 
PHE CD2 HD2  sing N N 286 
PHE CE1 CZ   doub Y N 287 
PHE CE1 HE1  sing N N 288 
PHE CE2 CZ   sing Y N 289 
PHE CE2 HE2  sing N N 290 
PHE CZ  HZ   sing N N 291 
PHE OXT HXT  sing N N 292 
PRO N   CA   sing N N 293 
PRO N   CD   sing N N 294 
PRO N   H    sing N N 295 
PRO CA  C    sing N N 296 
PRO CA  CB   sing N N 297 
PRO CA  HA   sing N N 298 
PRO C   O    doub N N 299 
PRO C   OXT  sing N N 300 
PRO CB  CG   sing N N 301 
PRO CB  HB2  sing N N 302 
PRO CB  HB3  sing N N 303 
PRO CG  CD   sing N N 304 
PRO CG  HG2  sing N N 305 
PRO CG  HG3  sing N N 306 
PRO CD  HD2  sing N N 307 
PRO CD  HD3  sing N N 308 
PRO OXT HXT  sing N N 309 
PYJ CB  CX   sing N N 310 
PYJ CB  CG   sing N N 311 
PYJ CB  HCB1 sing N N 312 
PYJ CB  HCB2 sing N N 313 
PYJ CX  HCX1 sing N N 314 
PYJ CX  HCX2 sing N N 315 
PYJ CX  HCX3 sing N N 316 
PYJ CG  CD1  doub Y N 317 
PYJ CG  CD2  sing Y N 318 
PYJ CD1 CE1  sing Y N 319 
PYJ CD1 HCD1 sing N N 320 
PYJ CD2 CE2  doub Y N 321 
PYJ CD2 HCD2 sing N N 322 
PYJ CE1 CZ   doub Y N 323 
PYJ CE1 HCE1 sing N N 324 
PYJ CE2 CZ   sing Y N 325 
PYJ CE2 HCE2 sing N N 326 
PYJ CZ  HCZ1 sing N N 327 
SER N   CA   sing N N 328 
SER N   H    sing N N 329 
SER N   H2   sing N N 330 
SER CA  C    sing N N 331 
SER CA  CB   sing N N 332 
SER CA  HA   sing N N 333 
SER C   O    doub N N 334 
SER C   OXT  sing N N 335 
SER CB  OG   sing N N 336 
SER CB  HB2  sing N N 337 
SER CB  HB3  sing N N 338 
SER OG  HG   sing N N 339 
SER OXT HXT  sing N N 340 
THR N   CA   sing N N 341 
THR N   H    sing N N 342 
THR N   H2   sing N N 343 
THR CA  C    sing N N 344 
THR CA  CB   sing N N 345 
THR CA  HA   sing N N 346 
THR C   O    doub N N 347 
THR C   OXT  sing N N 348 
THR CB  OG1  sing N N 349 
THR CB  CG2  sing N N 350 
THR CB  HB   sing N N 351 
THR OG1 HG1  sing N N 352 
THR CG2 HG21 sing N N 353 
THR CG2 HG22 sing N N 354 
THR CG2 HG23 sing N N 355 
THR OXT HXT  sing N N 356 
TRP N   CA   sing N N 357 
TRP N   H    sing N N 358 
TRP N   H2   sing N N 359 
TRP CA  C    sing N N 360 
TRP CA  CB   sing N N 361 
TRP CA  HA   sing N N 362 
TRP C   O    doub N N 363 
TRP C   OXT  sing N N 364 
TRP CB  CG   sing N N 365 
TRP CB  HB2  sing N N 366 
TRP CB  HB3  sing N N 367 
TRP CG  CD1  doub Y N 368 
TRP CG  CD2  sing Y N 369 
TRP CD1 NE1  sing Y N 370 
TRP CD1 HD1  sing N N 371 
TRP CD2 CE2  doub Y N 372 
TRP CD2 CE3  sing Y N 373 
TRP NE1 CE2  sing Y N 374 
TRP NE1 HE1  sing N N 375 
TRP CE2 CZ2  sing Y N 376 
TRP CE3 CZ3  doub Y N 377 
TRP CE3 HE3  sing N N 378 
TRP CZ2 CH2  doub Y N 379 
TRP CZ2 HZ2  sing N N 380 
TRP CZ3 CH2  sing Y N 381 
TRP CZ3 HZ3  sing N N 382 
TRP CH2 HH2  sing N N 383 
TRP OXT HXT  sing N N 384 
TYR N   CA   sing N N 385 
TYR N   H    sing N N 386 
TYR N   H2   sing N N 387 
TYR CA  C    sing N N 388 
TYR CA  CB   sing N N 389 
TYR CA  HA   sing N N 390 
TYR C   O    doub N N 391 
TYR C   OXT  sing N N 392 
TYR CB  CG   sing N N 393 
TYR CB  HB2  sing N N 394 
TYR CB  HB3  sing N N 395 
TYR CG  CD1  doub Y N 396 
TYR CG  CD2  sing Y N 397 
TYR CD1 CE1  sing Y N 398 
TYR CD1 HD1  sing N N 399 
TYR CD2 CE2  doub Y N 400 
TYR CD2 HD2  sing N N 401 
TYR CE1 CZ   doub Y N 402 
TYR CE1 HE1  sing N N 403 
TYR CE2 CZ   sing Y N 404 
TYR CE2 HE2  sing N N 405 
TYR CZ  OH   sing N N 406 
TYR OH  HH   sing N N 407 
TYR OXT HXT  sing N N 408 
VAL N   CA   sing N N 409 
VAL N   H    sing N N 410 
VAL N   H2   sing N N 411 
VAL CA  C    sing N N 412 
VAL CA  CB   sing N N 413 
VAL CA  HA   sing N N 414 
VAL C   O    doub N N 415 
VAL C   OXT  sing N N 416 
VAL CB  CG1  sing N N 417 
VAL CB  CG2  sing N N 418 
VAL CB  HB   sing N N 419 
VAL CG1 HG11 sing N N 420 
VAL CG1 HG12 sing N N 421 
VAL CG1 HG13 sing N N 422 
VAL CG2 HG21 sing N N 423 
VAL CG2 HG22 sing N N 424 
VAL CG2 HG23 sing N N 425 
VAL OXT HXT  sing N N 426 
# 
_pdbx_audit_support.funding_organization   
'National Institutes of Health/National Institute of General Medical Sciences (NIH/NIGMS)' 
_pdbx_audit_support.country                'United States' 
_pdbx_audit_support.grant_number           GM59957 
_pdbx_audit_support.ordinal                1 
# 
loop_
_pdbx_entity_nonpoly.entity_id 
_pdbx_entity_nonpoly.name 
_pdbx_entity_nonpoly.comp_id 
2 PHENYLETHANE                                          PYJ 
3 '4-(2-HYDROXYETHYL)-1-PIPERAZINE ETHANESULFONIC ACID' EPE 
4 water                                                 HOH 
# 
_pdbx_initial_refinement_model.id               1 
_pdbx_initial_refinement_model.entity_id_list   ? 
_pdbx_initial_refinement_model.type             'experimental model' 
_pdbx_initial_refinement_model.source_name      PDB 
_pdbx_initial_refinement_model.accession_code   181L 
_pdbx_initial_refinement_model.details          ? 
# 
